data_8UVT
#
_entry.id   8UVT
#
_cell.length_a   1.00
_cell.length_b   1.00
_cell.length_c   1.00
_cell.angle_alpha   90.00
_cell.angle_beta   90.00
_cell.angle_gamma   90.00
#
_symmetry.space_group_name_H-M   'P 1'
#
_entity_poly.entity_id   1
_entity_poly.type   'polypeptide(L)'
_entity_poly.pdbx_seq_one_letter_code
;GPGRAPPSPDLRADEPKTPCLVGGAHAFILKISSFCGLAPLRFEPRSQEYAVTISKGKCFYSYILVTFLVICTIYGLVAE
IGVGVEKSVRMSSRMSQVVSACDILVVAVTAGVGVYGAPARMRTMLSYMENIVAVDRELGRHHSAATERKLCALLLLILL
SFTILLVDDFCFYAMQAGKTGRQWEIVTNYAGFYFLWYIVMVLELQFAFTALSLRARLKLFNEALNVTASQVCKPVKKPK
NSQLSVYATSVRPVSCKRENVIVETIRVRDKDDAFVMMKTADGVPCLQVPPCEAVGRLSRMRCTLCEVTRHIADGYGLPL
VIILMSTLLHLIVTPYFLIMEIIVSTHRLHFLVLQFLWCTTHLIRMLVVVEPCHYTIREGKRTEDILCRLMTLAPHGGVL
SSRLEVLSRLLMLQNISYSPLGMCTLDRPLMVTVLGAVTTYLVILIQFQRYDS
;
_entity_poly.pdbx_strand_id   A,B,C,D
#
# COMPACT_ATOMS: atom_id res chain seq x y z
N THR A 18 42.23 -4.75 19.83
CA THR A 18 41.40 -4.94 18.65
C THR A 18 40.07 -4.20 18.78
N PRO A 19 40.11 -2.87 18.62
CA PRO A 19 38.88 -2.09 18.78
C PRO A 19 37.80 -2.40 17.75
N CYS A 20 38.11 -2.24 16.46
CA CYS A 20 37.14 -2.47 15.40
C CYS A 20 37.57 -3.55 14.41
N LEU A 21 38.77 -3.44 13.84
CA LEU A 21 39.29 -4.39 12.85
C LEU A 21 38.34 -4.52 11.66
N VAL A 22 38.22 -3.40 10.94
CA VAL A 22 37.43 -3.35 9.73
C VAL A 22 38.34 -3.60 8.54
N GLY A 23 37.78 -4.16 7.47
CA GLY A 23 38.57 -4.47 6.30
C GLY A 23 37.68 -4.76 5.10
N GLY A 24 38.32 -4.82 3.93
CA GLY A 24 37.62 -5.13 2.70
C GLY A 24 37.15 -3.90 1.95
N ALA A 25 36.09 -4.07 1.15
CA ALA A 25 35.51 -2.94 0.43
C ALA A 25 34.80 -1.97 1.35
N HIS A 26 34.34 -2.43 2.52
CA HIS A 26 33.75 -1.52 3.49
C HIS A 26 34.80 -0.56 4.05
N ALA A 27 36.01 -1.05 4.29
CA ALA A 27 37.09 -0.19 4.76
C ALA A 27 37.73 0.62 3.65
N PHE A 28 37.49 0.27 2.39
CA PHE A 28 38.00 1.09 1.29
C PHE A 28 37.22 2.40 1.19
N ILE A 29 35.89 2.33 1.28
CA ILE A 29 35.10 3.55 1.26
C ILE A 29 35.23 4.32 2.56
N LEU A 30 35.65 3.66 3.64
CA LEU A 30 35.89 4.39 4.89
C LEU A 30 37.14 5.25 4.80
N LYS A 31 38.17 4.78 4.09
CA LYS A 31 39.36 5.59 3.88
C LYS A 31 39.09 6.70 2.87
N ILE A 32 38.29 6.41 1.85
CA ILE A 32 37.94 7.44 0.87
C ILE A 32 37.07 8.52 1.51
N SER A 33 36.06 8.11 2.28
CA SER A 33 35.21 9.07 2.95
C SER A 33 35.89 9.72 4.16
N SER A 34 37.06 9.23 4.56
CA SER A 34 37.79 9.88 5.64
C SER A 34 38.22 11.28 5.25
N PHE A 35 38.67 11.45 3.99
CA PHE A 35 39.09 12.76 3.51
C PHE A 35 37.91 13.66 3.20
N CYS A 36 36.79 13.10 2.75
CA CYS A 36 35.58 13.88 2.54
C CYS A 36 34.95 14.35 3.85
N GLY A 37 35.38 13.82 4.98
CA GLY A 37 34.83 14.17 6.27
C GLY A 37 33.71 13.28 6.75
N LEU A 38 33.37 12.22 6.00
CA LEU A 38 32.26 11.35 6.36
C LEU A 38 32.67 10.18 7.25
N ALA A 39 33.96 10.03 7.52
CA ALA A 39 34.45 8.94 8.37
C ALA A 39 35.70 9.41 9.09
N PRO A 40 35.54 10.16 10.18
CA PRO A 40 36.70 10.68 10.93
C PRO A 40 37.36 9.62 11.80
N LEU A 41 38.06 8.69 11.15
CA LEU A 41 38.66 7.55 11.81
C LEU A 41 40.17 7.54 11.59
N ARG A 42 40.89 6.95 12.54
CA ARG A 42 42.32 6.72 12.41
C ARG A 42 42.54 5.27 12.01
N PHE A 43 43.16 5.08 10.84
CA PHE A 43 43.28 3.76 10.23
C PHE A 43 44.63 3.16 10.58
N GLU A 44 44.61 2.10 11.40
CA GLU A 44 45.83 1.40 11.77
C GLU A 44 45.91 0.10 10.98
N PRO A 45 46.86 -0.03 10.05
CA PRO A 45 46.92 -1.26 9.24
C PRO A 45 47.37 -2.44 10.08
N ARG A 46 46.66 -3.57 9.94
CA ARG A 46 46.99 -4.81 10.62
C ARG A 46 47.54 -5.86 9.65
N SER A 47 47.94 -5.43 8.46
CA SER A 47 48.52 -6.28 7.42
C SER A 47 47.48 -7.19 6.80
N GLN A 48 46.29 -7.22 7.36
CA GLN A 48 45.12 -7.89 6.80
C GLN A 48 43.89 -7.01 6.79
N GLU A 49 43.70 -6.19 7.82
CA GLU A 49 42.56 -5.28 7.92
C GLU A 49 43.05 -4.00 8.55
N TYR A 50 42.11 -3.15 8.97
CA TYR A 50 42.44 -1.87 9.59
C TYR A 50 41.72 -1.75 10.93
N ALA A 51 42.45 -1.33 11.95
CA ALA A 51 41.87 -1.06 13.26
C ALA A 51 41.58 0.44 13.33
N VAL A 52 40.29 0.79 13.31
CA VAL A 52 39.86 2.18 13.19
C VAL A 52 39.32 2.66 14.53
N THR A 53 39.72 3.87 14.92
CA THR A 53 39.26 4.51 16.15
C THR A 53 38.87 5.95 15.83
N ILE A 54 37.97 6.50 16.66
CA ILE A 54 37.54 7.89 16.50
C ILE A 54 38.71 8.81 16.81
N SER A 55 38.99 9.74 15.89
CA SER A 55 40.05 10.73 16.07
C SER A 55 39.41 12.11 16.13
N LYS A 56 39.78 12.88 17.15
CA LYS A 56 39.24 14.22 17.30
C LYS A 56 39.79 15.18 16.26
N GLY A 57 41.04 14.98 15.84
CA GLY A 57 41.62 15.83 14.81
C GLY A 57 40.86 15.72 13.50
N LYS A 58 40.56 14.49 13.08
CA LYS A 58 39.79 14.31 11.85
C LYS A 58 38.36 14.78 12.01
N CYS A 59 37.78 14.66 13.20
CA CYS A 59 36.44 15.20 13.43
C CYS A 59 36.43 16.72 13.25
N PHE A 60 37.41 17.40 13.83
CA PHE A 60 37.49 18.85 13.67
C PHE A 60 37.76 19.22 12.21
N TYR A 61 38.62 18.48 11.54
CA TYR A 61 38.88 18.74 10.12
C TYR A 61 37.62 18.59 9.30
N SER A 62 36.84 17.53 9.55
CA SER A 62 35.60 17.32 8.84
C SER A 62 34.62 18.45 9.10
N TYR A 63 34.49 18.87 10.36
CA TYR A 63 33.56 19.94 10.70
C TYR A 63 33.93 21.24 10.00
N ILE A 64 35.20 21.63 10.09
CA ILE A 64 35.61 22.88 9.46
C ILE A 64 35.52 22.79 7.94
N LEU A 65 35.81 21.62 7.35
CA LEU A 65 35.72 21.47 5.91
C LEU A 65 34.29 21.62 5.43
N VAL A 66 33.35 20.93 6.08
CA VAL A 66 31.97 21.03 5.63
C VAL A 66 31.41 22.42 5.91
N THR A 67 31.82 23.06 7.01
CA THR A 67 31.35 24.42 7.27
C THR A 67 31.87 25.39 6.22
N PHE A 68 33.15 25.28 5.86
CA PHE A 68 33.70 26.14 4.82
C PHE A 68 33.01 25.90 3.48
N LEU A 69 32.77 24.63 3.13
CA LEU A 69 32.13 24.32 1.87
C LEU A 69 30.69 24.83 1.83
N VAL A 70 29.97 24.72 2.94
CA VAL A 70 28.59 25.21 2.99
C VAL A 70 28.55 26.72 2.92
N ILE A 71 29.49 27.40 3.59
CA ILE A 71 29.54 28.85 3.52
C ILE A 71 29.86 29.31 2.10
N CYS A 72 30.82 28.65 1.46
CA CYS A 72 31.16 29.00 0.09
C CYS A 72 30.00 28.73 -0.86
N THR A 73 29.27 27.63 -0.63
CA THR A 73 28.12 27.31 -1.47
C THR A 73 27.02 28.35 -1.32
N ILE A 74 26.75 28.78 -0.09
CA ILE A 74 25.74 29.81 0.14
C ILE A 74 26.16 31.12 -0.49
N TYR A 75 27.45 31.48 -0.35
CA TYR A 75 27.93 32.71 -0.97
C TYR A 75 27.81 32.66 -2.48
N GLY A 76 28.16 31.51 -3.08
CA GLY A 76 28.03 31.39 -4.52
C GLY A 76 26.59 31.41 -4.99
N LEU A 77 25.69 30.81 -4.21
CA LEU A 77 24.27 30.87 -4.54
C LEU A 77 23.76 32.30 -4.49
N VAL A 78 24.17 33.06 -3.48
CA VAL A 78 23.76 34.46 -3.39
C VAL A 78 24.33 35.27 -4.55
N ALA A 79 25.61 35.06 -4.87
CA ALA A 79 26.24 35.81 -5.94
C ALA A 79 25.64 35.48 -7.30
N GLU A 80 25.21 34.24 -7.50
CA GLU A 80 24.55 33.87 -8.74
C GLU A 80 23.08 34.26 -8.76
N ILE A 81 22.50 34.58 -7.61
CA ILE A 81 21.13 35.08 -7.55
C ILE A 81 21.09 36.60 -7.61
N GLY A 82 21.97 37.26 -6.86
CA GLY A 82 21.99 38.72 -6.82
C GLY A 82 22.53 39.38 -8.07
N VAL A 83 23.18 38.61 -8.96
CA VAL A 83 23.68 39.19 -10.20
C VAL A 83 22.52 39.56 -11.12
N GLY A 84 21.47 38.74 -11.13
CA GLY A 84 20.33 39.00 -11.98
C GLY A 84 19.79 37.74 -12.63
N VAL A 85 19.33 37.86 -13.88
CA VAL A 85 18.78 36.73 -14.61
C VAL A 85 19.52 36.58 -15.93
N GLU A 86 19.58 37.67 -16.70
CA GLU A 86 20.21 37.61 -18.02
C GLU A 86 21.71 37.40 -17.91
N LYS A 87 22.36 38.05 -16.93
CA LYS A 87 23.81 37.97 -16.82
C LYS A 87 24.27 36.59 -16.37
N SER A 88 23.51 35.96 -15.46
CA SER A 88 23.89 34.65 -14.96
C SER A 88 23.75 33.60 -16.05
N VAL A 89 24.71 32.67 -16.08
CA VAL A 89 24.72 31.62 -17.10
C VAL A 89 23.93 30.40 -16.65
N ARG A 90 24.18 29.92 -15.43
CA ARG A 90 23.48 28.74 -14.94
C ARG A 90 21.99 28.99 -14.77
N MET A 91 21.62 30.16 -14.27
CA MET A 91 20.22 30.52 -14.07
C MET A 91 19.81 31.53 -15.13
N SER A 92 18.72 31.23 -15.83
CA SER A 92 18.23 32.07 -16.91
C SER A 92 16.80 32.54 -16.72
N SER A 93 16.17 32.23 -15.59
CA SER A 93 14.80 32.66 -15.34
C SER A 93 14.55 32.67 -13.83
N ARG A 94 13.46 33.34 -13.45
CA ARG A 94 13.09 33.38 -12.04
C ARG A 94 12.74 31.99 -11.53
N MET A 95 12.02 31.20 -12.33
CA MET A 95 11.71 29.83 -11.94
C MET A 95 12.98 28.98 -11.86
N SER A 96 13.90 29.18 -12.80
CA SER A 96 15.18 28.46 -12.75
C SER A 96 16.01 28.89 -11.55
N GLN A 97 15.87 30.14 -11.11
CA GLN A 97 16.60 30.60 -9.93
C GLN A 97 16.12 29.88 -8.67
N VAL A 98 14.80 29.68 -8.54
CA VAL A 98 14.27 29.05 -7.34
C VAL A 98 14.61 27.57 -7.32
N VAL A 99 14.47 26.88 -8.46
CA VAL A 99 14.71 25.44 -8.48
C VAL A 99 16.19 25.14 -8.30
N SER A 100 17.07 25.95 -8.90
CA SER A 100 18.51 25.75 -8.71
C SER A 100 18.91 26.07 -7.28
N ALA A 101 18.30 27.09 -6.68
CA ALA A 101 18.54 27.39 -5.27
C ALA A 101 18.09 26.24 -4.38
N CYS A 102 16.94 25.64 -4.69
CA CYS A 102 16.47 24.49 -3.94
C CYS A 102 17.41 23.30 -4.09
N ASP A 103 17.92 23.08 -5.32
CA ASP A 103 18.89 22.02 -5.55
C ASP A 103 20.14 22.23 -4.69
N ILE A 104 20.70 23.44 -4.74
CA ILE A 104 21.91 23.73 -3.98
C ILE A 104 21.65 23.58 -2.48
N LEU A 105 20.50 24.08 -2.01
CA LEU A 105 20.20 24.01 -0.59
C LEU A 105 20.01 22.56 -0.12
N VAL A 106 19.34 21.73 -0.91
CA VAL A 106 19.12 20.36 -0.48
C VAL A 106 20.43 19.57 -0.55
N VAL A 107 21.30 19.86 -1.54
CA VAL A 107 22.60 19.19 -1.57
C VAL A 107 23.45 19.61 -0.38
N ALA A 108 23.43 20.90 -0.03
CA ALA A 108 24.18 21.37 1.13
C ALA A 108 23.64 20.76 2.41
N VAL A 109 22.33 20.62 2.53
CA VAL A 109 21.73 19.99 3.71
C VAL A 109 22.15 18.54 3.79
N THR A 110 22.14 17.82 2.66
CA THR A 110 22.58 16.43 2.65
C THR A 110 24.04 16.32 3.09
N ALA A 111 24.90 17.19 2.56
CA ALA A 111 26.31 17.15 2.94
C ALA A 111 26.50 17.48 4.41
N GLY A 112 25.74 18.45 4.92
CA GLY A 112 25.86 18.81 6.32
C GLY A 112 25.39 17.71 7.24
N VAL A 113 24.29 17.04 6.89
CA VAL A 113 23.84 15.90 7.68
C VAL A 113 24.84 14.77 7.62
N GLY A 114 25.45 14.55 6.45
CA GLY A 114 26.41 13.48 6.31
C GLY A 114 27.68 13.71 7.11
N VAL A 115 28.18 14.94 7.10
CA VAL A 115 29.48 15.21 7.74
C VAL A 115 29.33 15.56 9.22
N TYR A 116 28.35 16.39 9.57
CA TYR A 116 28.15 16.74 10.97
C TYR A 116 27.76 15.53 11.80
N GLY A 117 26.92 14.65 11.25
CA GLY A 117 26.53 13.44 11.93
C GLY A 117 27.48 12.27 11.74
N ALA A 118 28.62 12.49 11.08
CA ALA A 118 29.56 11.39 10.86
C ALA A 118 30.17 10.86 12.15
N PRO A 119 30.67 11.69 13.09
CA PRO A 119 31.29 11.12 14.29
C PRO A 119 30.36 10.24 15.12
N ALA A 120 29.08 10.61 15.22
CA ALA A 120 28.13 9.73 15.89
C ALA A 120 27.91 8.46 15.08
N ARG A 121 27.81 8.60 13.76
CA ARG A 121 27.62 7.44 12.90
C ARG A 121 28.81 6.49 12.99
N MET A 122 30.03 7.03 13.09
CA MET A 122 31.20 6.17 13.21
C MET A 122 31.28 5.51 14.58
N ARG A 123 30.83 6.20 15.63
CA ARG A 123 30.75 5.56 16.94
C ARG A 123 29.79 4.39 16.91
N THR A 124 28.61 4.58 16.33
CA THR A 124 27.68 3.47 16.15
C THR A 124 28.31 2.37 15.30
N MET A 125 29.08 2.76 14.28
CA MET A 125 29.72 1.79 13.40
C MET A 125 30.64 0.88 14.18
N LEU A 126 31.50 1.45 15.04
CA LEU A 126 32.36 0.63 15.87
C LEU A 126 31.55 -0.23 16.84
N SER A 127 30.49 0.37 17.40
CA SER A 127 29.68 -0.33 18.39
C SER A 127 29.06 -1.60 17.82
N TYR A 128 28.57 -1.56 16.57
CA TYR A 128 28.10 -2.82 16.00
C TYR A 128 29.20 -3.60 15.28
N MET A 129 30.34 -2.98 14.99
CA MET A 129 31.41 -3.71 14.32
C MET A 129 32.07 -4.70 15.25
N GLU A 130 32.05 -4.44 16.56
CA GLU A 130 32.54 -5.46 17.48
C GLU A 130 31.71 -6.75 17.38
N ASN A 131 30.38 -6.60 17.32
CA ASN A 131 29.51 -7.77 17.16
C ASN A 131 29.66 -8.40 15.79
N ILE A 132 29.86 -7.59 14.75
CA ILE A 132 30.15 -8.14 13.43
C ILE A 132 31.43 -8.94 13.42
N VAL A 133 32.45 -8.48 14.16
CA VAL A 133 33.69 -9.24 14.26
C VAL A 133 33.43 -10.58 14.95
N ALA A 134 32.63 -10.56 16.02
CA ALA A 134 32.29 -11.81 16.70
C ALA A 134 31.56 -12.77 15.76
N VAL A 135 30.60 -12.26 15.00
CA VAL A 135 29.82 -13.09 14.08
C VAL A 135 30.71 -13.67 12.99
N ASP A 136 31.60 -12.84 12.44
CA ASP A 136 32.51 -13.32 11.40
C ASP A 136 33.45 -14.38 11.95
N ARG A 137 33.89 -14.23 13.20
CA ARG A 137 34.71 -15.26 13.82
C ARG A 137 33.92 -16.56 13.96
N GLU A 138 32.65 -16.46 14.36
CA GLU A 138 31.84 -17.67 14.50
C GLU A 138 31.58 -18.34 13.15
N LEU A 139 31.30 -17.55 12.11
CA LEU A 139 31.01 -18.11 10.79
C LEU A 139 32.30 -18.42 10.03
N GLY A 140 33.13 -17.41 9.82
CA GLY A 140 34.34 -17.56 9.05
C GLY A 140 34.35 -16.70 7.80
N ARG A 141 35.14 -15.62 7.82
CA ARG A 141 35.27 -14.69 6.70
C ARG A 141 33.94 -14.03 6.35
N HIS A 142 33.97 -13.11 5.40
CA HIS A 142 32.77 -12.52 4.82
C HIS A 142 32.80 -12.53 3.30
N HIS A 143 33.95 -12.28 2.70
CA HIS A 143 34.12 -12.29 1.25
C HIS A 143 35.44 -12.97 0.94
N SER A 144 35.52 -13.52 -0.27
CA SER A 144 36.81 -13.97 -0.78
C SER A 144 37.62 -12.77 -1.27
N ALA A 145 38.90 -13.01 -1.53
CA ALA A 145 39.75 -11.94 -2.04
C ALA A 145 39.29 -11.46 -3.41
N ALA A 146 38.88 -12.40 -4.27
CA ALA A 146 38.47 -12.02 -5.62
C ALA A 146 37.23 -11.13 -5.60
N THR A 147 36.22 -11.50 -4.81
CA THR A 147 35.00 -10.70 -4.78
C THR A 147 35.22 -9.39 -4.02
N GLU A 148 36.12 -9.37 -3.04
CA GLU A 148 36.47 -8.10 -2.40
C GLU A 148 37.12 -7.15 -3.40
N ARG A 149 38.04 -7.68 -4.22
CA ARG A 149 38.65 -6.86 -5.26
C ARG A 149 37.62 -6.40 -6.28
N LYS A 150 36.67 -7.27 -6.62
CA LYS A 150 35.61 -6.89 -7.55
C LYS A 150 34.75 -5.76 -6.99
N LEU A 151 34.40 -5.85 -5.70
CA LEU A 151 33.60 -4.79 -5.08
C LEU A 151 34.38 -3.49 -4.99
N CYS A 152 35.67 -3.56 -4.67
CA CYS A 152 36.49 -2.36 -4.66
C CYS A 152 36.57 -1.74 -6.04
N ALA A 153 36.71 -2.58 -7.08
CA ALA A 153 36.75 -2.07 -8.45
C ALA A 153 35.43 -1.43 -8.84
N LEU A 154 34.31 -2.02 -8.43
CA LEU A 154 33.01 -1.43 -8.73
C LEU A 154 32.84 -0.09 -8.03
N LEU A 155 33.24 -0.01 -6.76
CA LEU A 155 33.19 1.26 -6.04
C LEU A 155 34.04 2.31 -6.71
N LEU A 156 35.27 1.93 -7.11
CA LEU A 156 36.15 2.88 -7.77
C LEU A 156 35.58 3.31 -9.12
N LEU A 157 34.97 2.38 -9.85
CA LEU A 157 34.38 2.72 -11.14
C LEU A 157 33.24 3.72 -10.96
N ILE A 158 32.36 3.49 -9.98
CA ILE A 158 31.26 4.42 -9.73
C ILE A 158 31.79 5.78 -9.32
N LEU A 159 32.76 5.81 -8.41
CA LEU A 159 33.30 7.08 -7.94
C LEU A 159 34.00 7.85 -9.06
N LEU A 160 34.78 7.16 -9.88
CA LEU A 160 35.47 7.82 -10.99
C LEU A 160 34.50 8.29 -12.05
N SER A 161 33.44 7.51 -12.32
CA SER A 161 32.44 7.96 -13.28
C SER A 161 31.76 9.23 -12.80
N PHE A 162 31.37 9.27 -11.52
CA PHE A 162 30.74 10.47 -10.98
C PHE A 162 31.70 11.65 -10.99
N THR A 163 32.96 11.41 -10.63
CA THR A 163 33.94 12.50 -10.62
C THR A 163 34.18 13.04 -12.02
N ILE A 164 34.25 12.16 -13.01
CA ILE A 164 34.43 12.60 -14.39
C ILE A 164 33.23 13.41 -14.86
N LEU A 165 32.03 12.95 -14.52
CA LEU A 165 30.84 13.70 -14.90
C LEU A 165 30.80 15.07 -14.23
N LEU A 166 31.16 15.13 -12.95
CA LEU A 166 31.19 16.41 -12.24
C LEU A 166 32.22 17.36 -12.85
N VAL A 167 33.41 16.85 -13.16
CA VAL A 167 34.45 17.69 -13.75
C VAL A 167 34.01 18.18 -15.12
N ASP A 168 33.40 17.31 -15.92
CA ASP A 168 32.92 17.71 -17.24
C ASP A 168 31.83 18.76 -17.14
N ASP A 169 30.89 18.59 -16.20
CA ASP A 169 29.85 19.59 -16.02
C ASP A 169 30.44 20.94 -15.60
N PHE A 170 31.40 20.91 -14.67
CA PHE A 170 32.04 22.14 -14.23
C PHE A 170 32.76 22.83 -15.38
N CYS A 171 33.51 22.04 -16.17
CA CYS A 171 34.25 22.62 -17.29
C CYS A 171 33.32 23.19 -18.34
N PHE A 172 32.22 22.49 -18.64
CA PHE A 172 31.26 22.99 -19.62
C PHE A 172 30.63 24.29 -19.15
N TYR A 173 30.20 24.34 -17.89
CA TYR A 173 29.55 25.55 -17.40
C TYR A 173 30.54 26.70 -17.25
N ALA A 174 31.82 26.40 -17.03
CA ALA A 174 32.82 27.46 -16.96
C ALA A 174 33.15 27.99 -18.36
N MET A 175 33.29 27.10 -19.34
CA MET A 175 33.59 27.55 -20.70
C MET A 175 32.41 28.29 -21.32
N GLN A 176 31.19 27.89 -20.98
CA GLN A 176 30.01 28.62 -21.48
C GLN A 176 30.00 30.05 -20.95
N ALA A 177 30.36 30.23 -19.68
CA ALA A 177 30.47 31.56 -19.10
C ALA A 177 31.72 32.30 -19.55
N GLY A 178 32.69 31.60 -20.14
CA GLY A 178 33.90 32.25 -20.61
C GLY A 178 33.68 33.21 -21.77
N LYS A 179 32.61 33.00 -22.53
CA LYS A 179 32.28 33.91 -23.62
C LYS A 179 31.94 35.31 -23.08
N THR A 180 31.14 35.36 -22.03
CA THR A 180 30.77 36.65 -21.44
C THR A 180 31.97 37.32 -20.78
N GLY A 181 32.80 36.55 -20.09
CA GLY A 181 33.96 37.10 -19.42
C GLY A 181 34.08 36.67 -17.98
N ARG A 182 32.98 36.17 -17.41
CA ARG A 182 32.96 35.70 -16.03
C ARG A 182 33.34 34.23 -15.94
N GLN A 183 34.50 33.88 -16.52
CA GLN A 183 34.96 32.50 -16.51
C GLN A 183 35.35 32.03 -15.12
N TRP A 184 35.71 32.96 -14.22
CA TRP A 184 36.11 32.61 -12.87
C TRP A 184 35.00 32.79 -11.84
N GLU A 185 34.00 33.64 -12.13
CA GLU A 185 32.91 33.84 -11.17
C GLU A 185 32.10 32.56 -10.98
N ILE A 186 31.79 31.87 -12.09
CA ILE A 186 31.06 30.61 -11.99
C ILE A 186 31.89 29.57 -11.22
N VAL A 187 33.21 29.56 -11.47
CA VAL A 187 34.07 28.63 -10.76
C VAL A 187 34.03 28.89 -9.26
N THR A 188 34.16 30.16 -8.87
CA THR A 188 34.12 30.50 -7.45
C THR A 188 32.76 30.20 -6.84
N ASN A 189 31.69 30.37 -7.60
CA ASN A 189 30.36 30.15 -7.07
C ASN A 189 29.96 28.68 -7.00
N TYR A 190 30.60 27.81 -7.76
CA TYR A 190 30.16 26.42 -7.83
C TYR A 190 31.22 25.39 -7.42
N ALA A 191 32.44 25.80 -7.08
CA ALA A 191 33.42 24.84 -6.60
C ALA A 191 32.92 24.16 -5.32
N GLY A 192 32.41 24.95 -4.37
CA GLY A 192 31.88 24.36 -3.15
C GLY A 192 30.68 23.47 -3.40
N PHE A 193 29.82 23.86 -4.33
CA PHE A 193 28.67 23.04 -4.68
C PHE A 193 29.10 21.69 -5.22
N TYR A 194 30.11 21.67 -6.10
CA TYR A 194 30.53 20.40 -6.67
C TYR A 194 31.28 19.55 -5.65
N PHE A 195 32.03 20.18 -4.73
CA PHE A 195 32.61 19.43 -3.63
C PHE A 195 31.54 18.80 -2.76
N LEU A 196 30.45 19.53 -2.50
CA LEU A 196 29.34 18.96 -1.75
C LEU A 196 28.68 17.81 -2.50
N TRP A 197 28.57 17.93 -3.83
CA TRP A 197 28.08 16.81 -4.64
C TRP A 197 28.94 15.57 -4.43
N TYR A 198 30.26 15.74 -4.50
CA TYR A 198 31.17 14.62 -4.30
C TYR A 198 30.99 14.02 -2.91
N ILE A 199 30.87 14.87 -1.89
CA ILE A 199 30.67 14.38 -0.52
C ILE A 199 29.39 13.57 -0.42
N VAL A 200 28.31 14.06 -1.04
CA VAL A 200 27.02 13.38 -0.96
C VAL A 200 27.10 12.00 -1.61
N MET A 201 27.71 11.91 -2.80
CA MET A 201 27.78 10.59 -3.43
C MET A 201 28.74 9.67 -2.70
N VAL A 202 29.79 10.20 -2.08
CA VAL A 202 30.66 9.35 -1.28
C VAL A 202 29.90 8.80 -0.08
N LEU A 203 29.03 9.61 0.51
CA LEU A 203 28.18 9.13 1.61
C LEU A 203 27.24 8.04 1.13
N GLU A 204 26.65 8.22 -0.05
CA GLU A 204 25.78 7.19 -0.62
C GLU A 204 26.55 5.88 -0.79
N LEU A 205 27.75 5.95 -1.35
CA LEU A 205 28.56 4.75 -1.55
C LEU A 205 28.92 4.10 -0.22
N GLN A 206 29.23 4.92 0.79
CA GLN A 206 29.57 4.38 2.10
C GLN A 206 28.40 3.59 2.69
N PHE A 207 27.20 4.16 2.65
CA PHE A 207 26.04 3.43 3.14
C PHE A 207 25.82 2.16 2.34
N ALA A 208 25.92 2.25 1.01
CA ALA A 208 25.65 1.10 0.16
C ALA A 208 26.61 -0.05 0.47
N PHE A 209 27.89 0.27 0.68
CA PHE A 209 28.85 -0.80 0.92
C PHE A 209 28.79 -1.34 2.34
N THR A 210 28.41 -0.52 3.32
CA THR A 210 28.10 -1.06 4.65
C THR A 210 26.95 -2.05 4.56
N ALA A 211 25.89 -1.67 3.86
CA ALA A 211 24.75 -2.58 3.70
C ALA A 211 25.15 -3.83 2.95
N LEU A 212 26.05 -3.70 1.95
CA LEU A 212 26.48 -4.88 1.19
C LEU A 212 27.29 -5.84 2.04
N SER A 213 28.16 -5.32 2.90
CA SER A 213 28.92 -6.19 3.80
C SER A 213 27.98 -6.91 4.77
N LEU A 214 27.01 -6.19 5.32
CA LEU A 214 26.04 -6.84 6.21
C LEU A 214 25.24 -7.90 5.47
N ARG A 215 24.86 -7.62 4.22
CA ARG A 215 24.13 -8.60 3.42
C ARG A 215 24.99 -9.83 3.13
N ALA A 216 26.30 -9.64 2.93
CA ALA A 216 27.18 -10.79 2.75
C ALA A 216 27.21 -11.65 4.01
N ARG A 217 27.26 -11.02 5.18
CA ARG A 217 27.21 -11.79 6.43
C ARG A 217 25.91 -12.54 6.56
N LEU A 218 24.79 -11.91 6.19
CA LEU A 218 23.49 -12.58 6.24
C LEU A 218 23.45 -13.76 5.26
N LYS A 219 24.05 -13.59 4.09
CA LYS A 219 24.12 -14.69 3.13
C LYS A 219 24.93 -15.86 3.69
N LEU A 220 26.02 -15.57 4.39
CA LEU A 220 26.79 -16.63 5.04
C LEU A 220 25.98 -17.32 6.12
N PHE A 221 25.16 -16.56 6.85
CA PHE A 221 24.27 -17.16 7.84
C PHE A 221 23.27 -18.11 7.20
N ASN A 222 22.69 -17.70 6.06
CA ASN A 222 21.78 -18.58 5.33
C ASN A 222 22.50 -19.83 4.84
N GLU A 223 23.74 -19.68 4.39
CA GLU A 223 24.52 -20.84 3.96
C GLU A 223 24.76 -21.79 5.14
N ALA A 224 25.01 -21.25 6.33
CA ALA A 224 25.20 -22.09 7.50
C ALA A 224 23.92 -22.84 7.85
N LEU A 225 22.76 -22.17 7.74
CA LEU A 225 21.49 -22.88 7.95
C LEU A 225 21.30 -23.99 6.94
N ASN A 226 21.60 -23.73 5.67
CA ASN A 226 21.46 -24.76 4.66
C ASN A 226 22.42 -25.92 4.95
N VAL A 227 23.61 -25.62 5.46
CA VAL A 227 24.56 -26.68 5.80
C VAL A 227 24.05 -27.53 6.94
N THR A 228 23.53 -26.91 8.00
CA THR A 228 22.98 -27.71 9.09
C THR A 228 21.73 -28.46 8.64
N ALA A 229 21.08 -28.01 7.57
CA ALA A 229 20.06 -28.83 6.92
C ALA A 229 20.67 -30.06 6.26
N SER A 230 21.80 -29.86 5.57
CA SER A 230 22.41 -30.97 4.82
C SER A 230 22.81 -32.12 5.72
N GLN A 231 23.15 -31.84 6.99
CA GLN A 231 23.49 -32.86 7.97
C GLN A 231 24.67 -33.71 7.50
N VAL A 232 25.82 -33.05 7.38
CA VAL A 232 27.06 -33.74 6.99
C VAL A 232 27.77 -34.23 8.24
N CYS A 233 28.09 -33.31 9.14
CA CYS A 233 28.77 -33.62 10.40
C CYS A 233 30.06 -34.40 10.18
N PHE A 275 33.05 -21.43 15.67
CA PHE A 275 33.54 -22.51 14.81
C PHE A 275 32.39 -23.39 14.31
N VAL A 276 31.19 -22.81 14.24
CA VAL A 276 30.04 -23.54 13.73
C VAL A 276 30.25 -23.90 12.26
N MET A 277 30.71 -22.95 11.47
CA MET A 277 30.87 -23.12 10.03
C MET A 277 32.35 -23.17 9.67
N MET A 278 32.70 -24.12 8.80
CA MET A 278 34.06 -24.25 8.32
C MET A 278 34.04 -24.46 6.82
N LYS A 279 35.16 -24.13 6.17
CA LYS A 279 35.27 -24.23 4.72
C LYS A 279 36.29 -25.29 4.32
N PRO A 285 29.29 -27.26 3.14
CA PRO A 285 30.39 -27.98 3.78
C PRO A 285 29.95 -28.85 4.95
N CYS A 286 30.68 -28.80 6.05
CA CYS A 286 30.43 -29.63 7.22
C CYS A 286 30.02 -28.75 8.40
N LEU A 287 29.75 -29.40 9.53
CA LEU A 287 29.28 -28.72 10.73
C LEU A 287 29.98 -29.36 11.93
N GLN A 288 30.75 -28.56 12.68
CA GLN A 288 31.47 -29.10 13.83
C GLN A 288 30.52 -29.48 14.95
N VAL A 289 29.60 -28.59 15.30
CA VAL A 289 28.69 -28.82 16.41
C VAL A 289 27.45 -29.56 15.92
N PRO A 290 26.73 -30.27 16.80
CA PRO A 290 25.49 -30.92 16.39
C PRO A 290 24.45 -29.89 15.96
N PRO A 291 23.49 -30.28 15.12
CA PRO A 291 22.51 -29.30 14.62
C PRO A 291 21.64 -28.70 15.72
N CYS A 292 21.53 -29.35 16.87
CA CYS A 292 20.70 -28.81 17.94
C CYS A 292 21.22 -27.47 18.43
N GLU A 293 22.50 -27.42 18.80
CA GLU A 293 23.08 -26.18 19.29
C GLU A 293 23.50 -25.23 18.16
N ALA A 294 23.77 -25.77 16.98
CA ALA A 294 24.08 -24.91 15.83
C ALA A 294 22.92 -23.99 15.51
N VAL A 295 21.69 -24.50 15.62
CA VAL A 295 20.52 -23.67 15.33
C VAL A 295 20.37 -22.56 16.37
N GLY A 296 20.65 -22.87 17.63
CA GLY A 296 20.60 -21.83 18.65
C GLY A 296 21.65 -20.76 18.44
N ARG A 297 22.88 -21.16 18.11
CA ARG A 297 23.93 -20.19 17.82
C ARG A 297 23.57 -19.35 16.59
N LEU A 298 22.96 -19.98 15.58
CA LEU A 298 22.54 -19.23 14.40
C LEU A 298 21.41 -18.27 14.72
N SER A 299 20.51 -18.64 15.63
CA SER A 299 19.45 -17.71 16.05
C SER A 299 20.05 -16.50 16.76
N ARG A 300 21.02 -16.73 17.64
CA ARG A 300 21.71 -15.62 18.30
C ARG A 300 22.40 -14.73 17.28
N MET A 301 23.07 -15.34 16.30
CA MET A 301 23.75 -14.55 15.28
C MET A 301 22.77 -13.77 14.42
N ARG A 302 21.59 -14.33 14.14
CA ARG A 302 20.60 -13.60 13.37
C ARG A 302 20.05 -12.42 14.17
N CYS A 303 19.87 -12.58 15.48
CA CYS A 303 19.47 -11.44 16.30
C CYS A 303 20.55 -10.36 16.29
N THR A 304 21.82 -10.77 16.34
CA THR A 304 22.90 -9.81 16.24
C THR A 304 22.87 -9.07 14.90
N LEU A 305 22.62 -9.81 13.81
CA LEU A 305 22.55 -9.19 12.50
C LEU A 305 21.37 -8.22 12.40
N CYS A 306 20.24 -8.58 13.00
CA CYS A 306 19.10 -7.67 13.02
C CYS A 306 19.42 -6.39 13.79
N GLU A 307 20.10 -6.52 14.93
CA GLU A 307 20.51 -5.35 15.70
C GLU A 307 21.44 -4.48 14.88
N VAL A 308 22.38 -5.08 14.15
CA VAL A 308 23.33 -4.33 13.34
C VAL A 308 22.61 -3.62 12.19
N THR A 309 21.66 -4.29 11.55
CA THR A 309 20.89 -3.65 10.49
C THR A 309 20.09 -2.47 11.04
N ARG A 310 19.49 -2.63 12.22
CA ARG A 310 18.78 -1.52 12.84
C ARG A 310 19.71 -0.36 13.15
N HIS A 311 20.93 -0.66 13.62
CA HIS A 311 21.89 0.40 13.89
C HIS A 311 22.29 1.14 12.62
N ILE A 312 22.51 0.39 11.53
CA ILE A 312 22.86 1.02 10.26
C ILE A 312 21.72 1.92 9.77
N ALA A 313 20.49 1.41 9.86
CA ALA A 313 19.33 2.21 9.45
C ALA A 313 19.19 3.46 10.29
N ASP A 314 19.41 3.34 11.61
CA ASP A 314 19.32 4.52 12.47
C ASP A 314 20.41 5.52 12.12
N GLY A 315 21.62 5.04 11.83
CA GLY A 315 22.71 5.95 11.51
C GLY A 315 22.49 6.67 10.19
N TYR A 316 21.92 5.99 9.21
CA TYR A 316 21.81 6.55 7.87
C TYR A 316 20.40 7.00 7.49
N GLY A 317 19.45 6.99 8.43
CA GLY A 317 18.09 7.34 8.10
C GLY A 317 17.87 8.74 7.56
N LEU A 318 18.34 9.75 8.28
CA LEU A 318 18.18 11.12 7.80
C LEU A 318 18.92 11.37 6.49
N PRO A 319 20.20 11.00 6.33
CA PRO A 319 20.84 11.16 5.01
C PRO A 319 20.11 10.43 3.90
N LEU A 320 19.59 9.23 4.17
CA LEU A 320 18.89 8.49 3.13
C LEU A 320 17.58 9.16 2.75
N VAL A 321 16.86 9.70 3.73
CA VAL A 321 15.61 10.39 3.44
C VAL A 321 15.87 11.64 2.60
N ILE A 322 16.87 12.42 2.98
CA ILE A 322 17.19 13.62 2.20
C ILE A 322 17.71 13.25 0.82
N ILE A 323 18.44 12.13 0.71
CA ILE A 323 18.93 11.68 -0.59
C ILE A 323 17.76 11.25 -1.47
N LEU A 324 16.76 10.58 -0.90
CA LEU A 324 15.58 10.20 -1.68
C LEU A 324 14.80 11.44 -2.13
N MET A 325 14.69 12.44 -1.25
CA MET A 325 14.05 13.69 -1.66
C MET A 325 14.81 14.36 -2.80
N SER A 326 16.14 14.39 -2.70
CA SER A 326 16.95 14.96 -3.78
C SER A 326 16.79 14.17 -5.06
N THR A 327 16.67 12.84 -4.95
CA THR A 327 16.46 12.00 -6.13
C THR A 327 15.13 12.32 -6.79
N LEU A 328 14.07 12.48 -5.99
CA LEU A 328 12.79 12.92 -6.53
C LEU A 328 12.93 14.25 -7.26
N LEU A 329 13.53 15.23 -6.60
CA LEU A 329 13.66 16.56 -7.21
C LEU A 329 14.44 16.51 -8.51
N HIS A 330 15.54 15.75 -8.52
CA HIS A 330 16.39 15.72 -9.70
C HIS A 330 15.74 14.93 -10.84
N LEU A 331 15.10 13.80 -10.53
CA LEU A 331 14.42 13.04 -11.56
C LEU A 331 13.19 13.77 -12.08
N ILE A 332 12.69 14.77 -11.35
CA ILE A 332 11.64 15.62 -11.90
C ILE A 332 12.21 16.76 -12.74
N VAL A 333 13.32 17.35 -12.30
CA VAL A 333 13.82 18.58 -12.90
C VAL A 333 14.71 18.31 -14.11
N THR A 334 15.71 17.45 -13.96
CA THR A 334 16.65 17.22 -15.06
C THR A 334 15.97 16.66 -16.31
N PRO A 335 15.09 15.66 -16.24
CA PRO A 335 14.35 15.27 -17.45
C PRO A 335 13.48 16.39 -17.99
N TYR A 336 12.92 17.23 -17.13
CA TYR A 336 12.08 18.32 -17.60
C TYR A 336 12.86 19.27 -18.50
N PHE A 337 14.03 19.72 -18.05
CA PHE A 337 14.83 20.64 -18.86
C PHE A 337 15.48 19.91 -20.03
N LEU A 338 15.76 18.62 -19.89
CA LEU A 338 16.25 17.83 -21.02
C LEU A 338 15.22 17.79 -22.14
N ILE A 339 13.94 17.60 -21.79
CA ILE A 339 12.89 17.60 -22.80
C ILE A 339 12.68 19.01 -23.35
N MET A 340 12.71 20.01 -22.47
CA MET A 340 12.52 21.39 -22.92
C MET A 340 13.61 21.82 -23.88
N GLU A 341 14.81 21.26 -23.77
CA GLU A 341 15.89 21.55 -24.68
C GLU A 341 15.86 20.68 -25.93
N ILE A 342 14.91 19.76 -26.03
CA ILE A 342 14.78 18.90 -27.21
C ILE A 342 13.69 19.40 -28.15
N ILE A 343 12.48 19.59 -27.62
CA ILE A 343 11.35 19.95 -28.48
C ILE A 343 11.50 21.38 -28.99
N VAL A 344 11.98 22.29 -28.14
CA VAL A 344 12.07 23.69 -28.54
C VAL A 344 13.20 23.89 -29.53
N SER A 345 14.43 23.65 -29.10
CA SER A 345 15.61 23.74 -29.95
C SER A 345 16.79 23.16 -29.20
N THR A 346 17.57 22.31 -29.87
CA THR A 346 18.70 21.66 -29.21
C THR A 346 19.90 22.60 -29.19
N HIS A 347 20.47 22.87 -30.37
CA HIS A 347 21.55 23.84 -30.57
C HIS A 347 22.76 23.59 -29.69
N ARG A 348 22.79 22.49 -28.95
CA ARG A 348 23.83 22.25 -27.94
C ARG A 348 23.95 20.74 -27.73
N LEU A 349 24.97 20.14 -28.32
CA LEU A 349 25.19 18.72 -28.11
C LEU A 349 25.73 18.43 -26.72
N HIS A 350 26.67 19.26 -26.24
CA HIS A 350 27.28 19.03 -24.95
C HIS A 350 26.28 19.12 -23.82
N PHE A 351 25.41 20.13 -23.86
CA PHE A 351 24.40 20.28 -22.81
C PHE A 351 23.43 19.10 -22.80
N LEU A 352 23.00 18.65 -23.97
CA LEU A 352 22.08 17.52 -24.05
C LEU A 352 22.73 16.24 -23.52
N VAL A 353 23.98 16.01 -23.90
CA VAL A 353 24.70 14.83 -23.42
C VAL A 353 24.87 14.90 -21.91
N LEU A 354 25.21 16.08 -21.39
CA LEU A 354 25.36 16.23 -19.94
C LEU A 354 24.06 15.98 -19.21
N GLN A 355 22.93 16.46 -19.77
CA GLN A 355 21.64 16.24 -19.12
C GLN A 355 21.27 14.75 -19.13
N PHE A 356 21.53 14.06 -20.24
CA PHE A 356 21.28 12.63 -20.29
C PHE A 356 22.14 11.89 -19.26
N LEU A 357 23.42 12.27 -19.18
CA LEU A 357 24.32 11.63 -18.22
C LEU A 357 23.90 11.91 -16.79
N TRP A 358 23.37 13.11 -16.53
CA TRP A 358 22.92 13.45 -15.19
C TRP A 358 21.66 12.69 -14.82
N CYS A 359 20.74 12.49 -15.78
CA CYS A 359 19.58 11.64 -15.51
C CYS A 359 20.02 10.21 -15.21
N THR A 360 20.96 9.69 -16.00
CA THR A 360 21.47 8.34 -15.74
C THR A 360 22.14 8.27 -14.38
N THR A 361 22.87 9.33 -14.00
CA THR A 361 23.57 9.34 -12.71
C THR A 361 22.58 9.40 -11.55
N HIS A 362 21.50 10.17 -11.69
CA HIS A 362 20.50 10.20 -10.64
C HIS A 362 19.81 8.84 -10.48
N LEU A 363 19.51 8.19 -11.61
CA LEU A 363 18.96 6.84 -11.53
C LEU A 363 19.95 5.88 -10.89
N ILE A 364 21.23 6.00 -11.23
CA ILE A 364 22.25 5.13 -10.65
C ILE A 364 22.39 5.38 -9.16
N ARG A 365 22.30 6.63 -8.73
CA ARG A 365 22.38 6.95 -7.30
C ARG A 365 21.19 6.35 -6.55
N MET A 366 19.99 6.47 -7.11
CA MET A 366 18.83 5.84 -6.49
C MET A 366 19.00 4.33 -6.42
N LEU A 367 19.54 3.72 -7.48
CA LEU A 367 19.76 2.28 -7.47
C LEU A 367 20.81 1.89 -6.43
N VAL A 368 21.87 2.67 -6.30
CA VAL A 368 22.93 2.41 -5.34
C VAL A 368 22.36 2.46 -3.93
N VAL A 369 21.43 3.39 -3.70
CA VAL A 369 20.80 3.49 -2.39
C VAL A 369 19.89 2.29 -2.14
N VAL A 370 19.09 1.92 -3.12
CA VAL A 370 17.98 0.98 -2.88
C VAL A 370 18.46 -0.47 -2.93
N GLU A 371 19.31 -0.81 -3.89
CA GLU A 371 19.61 -2.19 -4.28
C GLU A 371 20.17 -3.05 -3.15
N PRO A 372 21.16 -2.59 -2.35
CA PRO A 372 21.64 -3.42 -1.25
C PRO A 372 20.56 -3.75 -0.24
N CYS A 373 19.63 -2.82 -0.01
CA CYS A 373 18.51 -3.09 0.89
C CYS A 373 17.59 -4.16 0.31
N HIS A 374 17.36 -4.12 -1.00
CA HIS A 374 16.57 -5.16 -1.65
C HIS A 374 17.27 -6.50 -1.54
N TYR A 375 18.59 -6.52 -1.67
CA TYR A 375 19.33 -7.78 -1.54
C TYR A 375 19.24 -8.32 -0.12
N THR A 376 19.29 -7.44 0.88
CA THR A 376 19.13 -7.87 2.26
C THR A 376 17.74 -8.46 2.50
N ILE A 377 16.71 -7.82 1.96
CA ILE A 377 15.36 -8.36 2.08
C ILE A 377 15.24 -9.71 1.38
N ARG A 378 15.88 -9.85 0.24
CA ARG A 378 15.88 -11.13 -0.47
C ARG A 378 16.58 -12.21 0.33
N GLU A 379 17.66 -11.84 1.02
CA GLU A 379 18.34 -12.80 1.89
C GLU A 379 17.45 -13.22 3.06
N GLY A 380 16.67 -12.28 3.60
CA GLY A 380 15.71 -12.64 4.62
C GLY A 380 14.65 -13.60 4.12
N LYS A 381 14.13 -13.36 2.92
CA LYS A 381 13.19 -14.30 2.32
C LYS A 381 13.84 -15.67 2.12
N ARG A 382 15.11 -15.68 1.71
CA ARG A 382 15.81 -16.94 1.51
C ARG A 382 15.97 -17.70 2.83
N THR A 383 16.27 -17.00 3.92
CA THR A 383 16.39 -17.71 5.19
C THR A 383 15.03 -18.21 5.67
N GLU A 384 13.94 -17.50 5.34
CA GLU A 384 12.61 -18.03 5.62
C GLU A 384 12.39 -19.34 4.88
N ASP A 385 12.75 -19.38 3.60
CA ASP A 385 12.58 -20.62 2.82
C ASP A 385 13.44 -21.75 3.36
N ILE A 386 14.69 -21.44 3.74
CA ILE A 386 15.57 -22.45 4.30
C ILE A 386 15.01 -22.99 5.59
N LEU A 387 14.46 -22.11 6.43
CA LEU A 387 13.88 -22.55 7.69
C LEU A 387 12.66 -23.44 7.46
N CYS A 388 11.84 -23.12 6.46
CA CYS A 388 10.70 -23.97 6.15
C CYS A 388 11.18 -25.37 5.73
N ARG A 389 12.19 -25.42 4.86
CA ARG A 389 12.72 -26.71 4.42
C ARG A 389 13.31 -27.48 5.60
N LEU A 390 13.96 -26.78 6.52
CA LEU A 390 14.46 -27.40 7.74
C LEU A 390 13.31 -27.99 8.56
N MET A 391 12.24 -27.22 8.74
CA MET A 391 11.15 -27.65 9.60
C MET A 391 10.42 -28.86 9.04
N THR A 392 10.34 -28.96 7.71
CA THR A 392 9.76 -30.18 7.12
C THR A 392 10.59 -31.41 7.46
N LEU A 393 11.92 -31.27 7.40
CA LEU A 393 12.82 -32.36 7.77
C LEU A 393 12.97 -32.42 9.29
N ALA A 394 13.99 -33.14 9.77
CA ALA A 394 14.36 -33.24 11.17
C ALA A 394 13.37 -34.09 11.95
N PRO A 395 13.81 -34.84 12.96
CA PRO A 395 12.88 -35.66 13.74
C PRO A 395 11.78 -34.80 14.34
N HIS A 396 10.56 -35.34 14.35
CA HIS A 396 9.39 -34.53 14.63
C HIS A 396 9.34 -34.08 16.08
N GLY A 397 9.55 -35.01 17.00
CA GLY A 397 9.52 -34.70 18.42
C GLY A 397 10.85 -34.36 19.04
N GLY A 398 11.90 -34.21 18.25
CA GLY A 398 13.23 -34.00 18.79
C GLY A 398 13.44 -32.57 19.27
N VAL A 399 14.60 -32.37 19.89
CA VAL A 399 14.98 -31.04 20.37
C VAL A 399 15.33 -30.10 19.23
N LEU A 400 15.77 -30.62 18.09
CA LEU A 400 16.05 -29.76 16.94
C LEU A 400 14.78 -29.10 16.43
N SER A 401 13.64 -29.82 16.50
CA SER A 401 12.38 -29.26 16.05
C SER A 401 11.99 -28.03 16.87
N SER A 402 12.21 -28.08 18.17
CA SER A 402 11.87 -26.93 19.02
C SER A 402 12.82 -25.76 18.78
N ARG A 403 14.10 -26.05 18.49
CA ARG A 403 15.01 -24.99 18.10
C ARG A 403 14.56 -24.32 16.80
N LEU A 404 14.09 -25.13 15.84
CA LEU A 404 13.55 -24.55 14.62
C LEU A 404 12.26 -23.77 14.90
N GLU A 405 11.46 -24.20 15.87
CA GLU A 405 10.28 -23.43 16.26
C GLU A 405 10.69 -22.06 16.80
N VAL A 406 11.71 -22.01 17.65
CA VAL A 406 12.18 -20.74 18.18
C VAL A 406 12.70 -19.86 17.04
N LEU A 407 13.46 -20.45 16.11
CA LEU A 407 13.96 -19.68 14.98
C LEU A 407 12.81 -19.14 14.12
N SER A 408 11.76 -19.94 13.94
CA SER A 408 10.60 -19.48 13.18
C SER A 408 9.90 -18.32 13.89
N ARG A 409 9.81 -18.39 15.21
CA ARG A 409 9.23 -17.28 15.96
C ARG A 409 10.08 -16.03 15.82
N LEU A 410 11.41 -16.18 15.82
CA LEU A 410 12.29 -15.05 15.57
C LEU A 410 12.06 -14.46 14.19
N LEU A 411 11.95 -15.32 13.18
CA LEU A 411 11.75 -14.84 11.82
C LEU A 411 10.41 -14.13 11.66
N MET A 412 9.38 -14.60 12.35
CA MET A 412 8.07 -13.98 12.25
C MET A 412 8.03 -12.66 13.02
N LEU A 413 8.71 -12.60 14.17
CA LEU A 413 8.63 -11.41 15.02
C LEU A 413 9.37 -10.23 14.40
N GLN A 414 10.59 -10.45 13.95
CA GLN A 414 11.42 -9.39 13.39
C GLN A 414 12.02 -9.82 12.06
N ASN A 415 12.18 -8.87 11.15
CA ASN A 415 12.77 -9.12 9.85
C ASN A 415 13.87 -8.10 9.61
N ILE A 416 14.81 -8.47 8.75
CA ILE A 416 15.95 -7.62 8.43
C ILE A 416 15.56 -6.74 7.25
N SER A 417 15.41 -5.44 7.51
CA SER A 417 15.00 -4.49 6.49
C SER A 417 15.56 -3.12 6.84
N TYR A 418 15.57 -2.24 5.84
CA TYR A 418 16.03 -0.86 6.00
C TYR A 418 14.85 0.07 5.84
N SER A 419 14.55 0.83 6.89
CA SER A 419 13.47 1.82 6.89
C SER A 419 14.03 3.14 7.39
N PRO A 420 14.51 4.00 6.49
CA PRO A 420 15.11 5.27 6.91
C PRO A 420 14.10 6.17 7.61
N LEU A 421 14.31 6.41 8.90
CA LEU A 421 13.47 7.24 9.76
C LEU A 421 12.05 6.70 9.90
N GLY A 422 11.77 5.51 9.34
CA GLY A 422 10.44 4.94 9.41
C GLY A 422 9.45 5.48 8.40
N MET A 423 9.86 6.42 7.56
CA MET A 423 8.95 7.01 6.58
C MET A 423 8.70 6.09 5.40
N CYS A 424 9.69 5.28 5.03
CA CYS A 424 9.57 4.39 3.87
C CYS A 424 10.49 3.21 4.07
N THR A 425 10.26 2.16 3.27
CA THR A 425 11.08 0.97 3.27
C THR A 425 11.93 0.96 2.01
N LEU A 426 13.24 0.93 2.17
CA LEU A 426 14.14 0.91 1.03
C LEU A 426 14.07 -0.45 0.35
N ASP A 427 13.43 -0.49 -0.83
CA ASP A 427 13.27 -1.72 -1.59
C ASP A 427 12.87 -1.33 -3.00
N ARG A 428 12.89 -2.31 -3.89
CA ARG A 428 12.50 -2.06 -5.27
C ARG A 428 11.08 -1.52 -5.43
N PRO A 429 10.08 -1.93 -4.64
CA PRO A 429 8.77 -1.26 -4.74
C PRO A 429 8.84 0.24 -4.45
N LEU A 430 9.79 0.68 -3.62
CA LEU A 430 9.91 2.11 -3.35
C LEU A 430 10.30 2.88 -4.60
N MET A 431 11.24 2.34 -5.39
CA MET A 431 11.65 3.02 -6.60
C MET A 431 10.59 2.97 -7.68
N VAL A 432 9.65 2.02 -7.60
CA VAL A 432 8.50 2.05 -8.50
C VAL A 432 7.58 3.20 -8.14
N THR A 433 7.37 3.43 -6.84
CA THR A 433 6.58 4.57 -6.40
C THR A 433 7.28 5.89 -6.75
N VAL A 434 8.61 5.93 -6.63
CA VAL A 434 9.36 7.13 -6.97
C VAL A 434 9.23 7.44 -8.46
N LEU A 435 9.47 6.44 -9.31
CA LEU A 435 9.34 6.66 -10.74
C LEU A 435 7.89 6.84 -11.16
N GLY A 436 6.95 6.27 -10.41
CA GLY A 436 5.55 6.53 -10.68
C GLY A 436 5.16 7.96 -10.39
N ALA A 437 5.70 8.53 -9.31
CA ALA A 437 5.43 9.93 -9.00
C ALA A 437 6.18 10.86 -9.94
N VAL A 438 7.41 10.50 -10.32
CA VAL A 438 8.22 11.34 -11.19
C VAL A 438 7.53 11.52 -12.55
N THR A 439 7.03 10.42 -13.11
CA THR A 439 6.35 10.50 -14.40
C THR A 439 5.04 11.28 -14.29
N THR A 440 4.33 11.17 -13.17
CA THR A 440 3.10 11.92 -13.00
C THR A 440 3.35 13.43 -13.04
N TYR A 441 4.39 13.89 -12.34
CA TYR A 441 4.73 15.31 -12.39
C TYR A 441 5.24 15.69 -13.77
N LEU A 442 6.06 14.84 -14.38
CA LEU A 442 6.60 15.15 -15.71
C LEU A 442 5.50 15.24 -16.75
N VAL A 443 4.52 14.33 -16.70
CA VAL A 443 3.41 14.38 -17.65
C VAL A 443 2.63 15.68 -17.46
N ILE A 444 2.40 16.07 -16.21
CA ILE A 444 1.70 17.33 -15.95
C ILE A 444 2.52 18.51 -16.43
N LEU A 445 3.81 18.54 -16.09
CA LEU A 445 4.63 19.71 -16.40
C LEU A 445 4.90 19.85 -17.88
N ILE A 446 5.25 18.74 -18.55
CA ILE A 446 5.66 18.82 -19.95
C ILE A 446 4.51 19.24 -20.84
N GLN A 447 3.31 18.72 -20.58
CA GLN A 447 2.17 18.95 -21.47
C GLN A 447 1.74 20.41 -21.50
N PHE A 448 2.13 21.21 -20.51
CA PHE A 448 1.77 22.63 -20.53
C PHE A 448 2.59 23.40 -21.55
N GLN A 449 3.83 22.98 -21.78
CA GLN A 449 4.69 23.62 -22.78
C GLN A 449 4.81 22.74 -24.02
N THR B 18 14.98 -40.56 -18.13
CA THR B 18 13.86 -39.65 -17.93
C THR B 18 14.33 -38.29 -17.41
N PRO B 19 14.90 -37.48 -18.30
CA PRO B 19 15.44 -36.17 -17.87
C PRO B 19 14.36 -35.22 -17.36
N CYS B 20 13.37 -34.90 -18.19
CA CYS B 20 12.33 -33.95 -17.81
C CYS B 20 10.94 -34.56 -17.86
N LEU B 21 10.54 -35.16 -18.99
CA LEU B 21 9.22 -35.75 -19.16
C LEU B 21 8.12 -34.72 -18.92
N VAL B 22 8.10 -33.72 -19.80
CA VAL B 22 7.09 -32.67 -19.78
C VAL B 22 5.97 -33.07 -20.74
N GLY B 23 4.75 -32.62 -20.46
CA GLY B 23 3.61 -32.95 -21.28
C GLY B 23 2.43 -32.06 -20.99
N GLY B 24 1.44 -32.15 -21.86
CA GLY B 24 0.21 -31.39 -21.69
C GLY B 24 0.21 -30.06 -22.41
N ALA B 25 -0.57 -29.11 -21.91
CA ALA B 25 -0.58 -27.77 -22.49
C ALA B 25 0.70 -27.00 -22.22
N HIS B 26 1.42 -27.35 -21.16
CA HIS B 26 2.71 -26.73 -20.91
C HIS B 26 3.72 -27.12 -21.97
N ALA B 27 3.70 -28.38 -22.41
CA ALA B 27 4.59 -28.83 -23.47
C ALA B 27 4.10 -28.42 -24.86
N PHE B 28 2.84 -28.01 -24.99
CA PHE B 28 2.37 -27.51 -26.28
C PHE B 28 2.96 -26.14 -26.59
N ILE B 29 2.97 -25.24 -25.59
CA ILE B 29 3.58 -23.94 -25.78
C ILE B 29 5.10 -24.04 -25.82
N LEU B 30 5.67 -25.12 -25.28
CA LEU B 30 7.12 -25.30 -25.37
C LEU B 30 7.53 -25.68 -26.78
N LYS B 31 6.71 -26.45 -27.50
CA LYS B 31 7.01 -26.76 -28.89
C LYS B 31 6.75 -25.56 -29.79
N ILE B 32 5.71 -24.78 -29.47
CA ILE B 32 5.41 -23.57 -30.25
C ILE B 32 6.51 -22.54 -30.05
N SER B 33 6.92 -22.32 -28.80
CA SER B 33 7.99 -21.37 -28.51
C SER B 33 9.36 -21.90 -28.89
N SER B 34 9.48 -23.18 -29.23
CA SER B 34 10.76 -23.71 -29.69
C SER B 34 11.17 -23.06 -30.99
N PHE B 35 10.22 -22.85 -31.91
CA PHE B 35 10.53 -22.22 -33.18
C PHE B 35 10.74 -20.72 -33.04
N CYS B 36 10.01 -20.08 -32.11
CA CYS B 36 10.23 -18.66 -31.85
C CYS B 36 11.56 -18.38 -31.17
N GLY B 37 12.24 -19.42 -30.68
CA GLY B 37 13.50 -19.25 -29.99
C GLY B 37 13.40 -19.13 -28.49
N LEU B 38 12.20 -19.24 -27.92
CA LEU B 38 12.00 -19.08 -26.49
C LEU B 38 12.13 -20.37 -25.71
N ALA B 39 12.31 -21.50 -26.39
CA ALA B 39 12.46 -22.81 -25.72
C ALA B 39 13.35 -23.69 -26.57
N PRO B 40 14.67 -23.51 -26.47
CA PRO B 40 15.61 -24.32 -27.28
C PRO B 40 15.79 -25.73 -26.74
N LEU B 41 14.76 -26.56 -26.92
CA LEU B 41 14.74 -27.90 -26.37
C LEU B 41 14.58 -28.92 -27.49
N ARG B 42 15.08 -30.13 -27.24
CA ARG B 42 14.88 -31.25 -28.14
C ARG B 42 13.77 -32.14 -27.58
N PHE B 43 12.69 -32.29 -28.35
CA PHE B 43 11.47 -32.92 -27.89
C PHE B 43 11.49 -34.39 -28.31
N GLU B 44 11.60 -35.28 -27.32
CA GLU B 44 11.58 -36.71 -27.58
C GLU B 44 10.22 -37.26 -27.17
N PRO B 45 9.39 -37.70 -28.12
CA PRO B 45 8.05 -38.18 -27.75
C PRO B 45 8.13 -39.51 -27.00
N ARG B 46 7.39 -39.59 -25.90
CA ARG B 46 7.30 -40.81 -25.09
C ARG B 46 5.94 -41.48 -25.22
N SER B 47 5.17 -41.11 -26.25
CA SER B 47 3.85 -41.67 -26.56
C SER B 47 2.81 -41.21 -25.54
N GLN B 48 3.25 -40.57 -24.48
CA GLN B 48 2.38 -39.92 -23.51
C GLN B 48 2.81 -38.50 -23.20
N GLU B 49 4.11 -38.24 -23.13
CA GLU B 49 4.65 -36.92 -22.86
C GLU B 49 5.89 -36.73 -23.73
N TYR B 50 6.68 -35.70 -23.43
CA TYR B 50 7.89 -35.40 -24.17
C TYR B 50 9.06 -35.28 -23.21
N ALA B 51 10.18 -35.93 -23.54
CA ALA B 51 11.41 -35.80 -22.78
C ALA B 51 12.27 -34.73 -23.45
N VAL B 52 12.41 -33.58 -22.80
CA VAL B 52 13.04 -32.42 -23.39
C VAL B 52 14.41 -32.21 -22.77
N THR B 53 15.40 -31.92 -23.62
CA THR B 53 16.77 -31.64 -23.19
C THR B 53 17.26 -30.40 -23.91
N ILE B 54 18.23 -29.72 -23.29
CA ILE B 54 18.83 -28.54 -23.91
C ILE B 54 19.61 -28.96 -25.14
N SER B 55 19.35 -28.29 -26.26
CA SER B 55 20.06 -28.53 -27.50
C SER B 55 20.83 -27.28 -27.89
N LYS B 56 22.13 -27.45 -28.19
CA LYS B 56 22.95 -26.32 -28.57
C LYS B 56 22.60 -25.80 -29.95
N GLY B 57 22.18 -26.68 -30.86
CA GLY B 57 21.78 -26.22 -32.18
C GLY B 57 20.60 -25.27 -32.13
N LYS B 58 19.58 -25.63 -31.35
CA LYS B 58 18.42 -24.75 -31.23
C LYS B 58 18.76 -23.48 -30.46
N CYS B 59 19.70 -23.56 -29.50
CA CYS B 59 20.14 -22.35 -28.81
C CYS B 59 20.80 -21.38 -29.79
N PHE B 60 21.69 -21.89 -30.65
CA PHE B 60 22.33 -21.05 -31.64
C PHE B 60 21.31 -20.50 -32.64
N TYR B 61 20.36 -21.34 -33.06
CA TYR B 61 19.32 -20.88 -33.97
C TYR B 61 18.51 -19.75 -33.34
N SER B 62 18.13 -19.90 -32.07
CA SER B 62 17.39 -18.87 -31.38
C SER B 62 18.19 -17.58 -31.29
N TYR B 63 19.47 -17.68 -30.94
CA TYR B 63 20.30 -16.49 -30.80
C TYR B 63 20.43 -15.76 -32.13
N ILE B 64 20.74 -16.48 -33.21
CA ILE B 64 20.89 -15.82 -34.50
C ILE B 64 19.56 -15.28 -35.00
N LEU B 65 18.45 -15.97 -34.72
CA LEU B 65 17.15 -15.49 -35.17
C LEU B 65 16.79 -14.18 -34.46
N VAL B 66 16.94 -14.14 -33.15
CA VAL B 66 16.58 -12.91 -32.43
C VAL B 66 17.54 -11.79 -32.78
N THR B 67 18.83 -12.09 -33.00
CA THR B 67 19.77 -11.04 -33.39
C THR B 67 19.41 -10.47 -34.77
N PHE B 68 19.09 -11.34 -35.72
CA PHE B 68 18.68 -10.88 -37.05
C PHE B 68 17.40 -10.05 -36.97
N LEU B 69 16.43 -10.51 -36.18
CA LEU B 69 15.17 -9.76 -36.07
C LEU B 69 15.39 -8.41 -35.40
N VAL B 70 16.25 -8.34 -34.38
CA VAL B 70 16.51 -7.06 -33.72
C VAL B 70 17.25 -6.12 -34.64
N ILE B 71 18.22 -6.64 -35.41
CA ILE B 71 18.95 -5.80 -36.36
C ILE B 71 18.00 -5.26 -37.42
N CYS B 72 17.12 -6.12 -37.94
CA CYS B 72 16.15 -5.68 -38.95
C CYS B 72 15.18 -4.66 -38.37
N THR B 73 14.76 -4.86 -37.12
CA THR B 73 13.85 -3.92 -36.48
C THR B 73 14.52 -2.55 -36.29
N ILE B 74 15.78 -2.54 -35.86
CA ILE B 74 16.50 -1.27 -35.70
C ILE B 74 16.69 -0.59 -37.04
N TYR B 75 17.02 -1.36 -38.08
CA TYR B 75 17.18 -0.78 -39.41
C TYR B 75 15.87 -0.19 -39.91
N GLY B 76 14.76 -0.90 -39.70
CA GLY B 76 13.47 -0.37 -40.12
C GLY B 76 13.05 0.86 -39.33
N LEU B 77 13.37 0.88 -38.04
CA LEU B 77 13.08 2.07 -37.22
C LEU B 77 13.88 3.27 -37.72
N VAL B 78 15.15 3.06 -38.06
CA VAL B 78 15.97 4.15 -38.59
C VAL B 78 15.44 4.61 -39.94
N ALA B 79 15.10 3.67 -40.81
CA ALA B 79 14.62 4.03 -42.15
C ALA B 79 13.28 4.76 -42.08
N GLU B 80 12.42 4.41 -41.11
CA GLU B 80 11.16 5.12 -40.94
C GLU B 80 11.31 6.42 -40.17
N ILE B 81 12.45 6.63 -39.50
CA ILE B 81 12.73 7.89 -38.84
C ILE B 81 13.49 8.83 -39.76
N GLY B 82 14.50 8.32 -40.46
CA GLY B 82 15.31 9.15 -41.34
C GLY B 82 14.62 9.58 -42.61
N VAL B 83 13.49 8.97 -42.96
CA VAL B 83 12.77 9.38 -44.15
C VAL B 83 12.16 10.78 -43.96
N GLY B 84 11.68 11.06 -42.75
CA GLY B 84 11.07 12.34 -42.47
C GLY B 84 9.83 12.22 -41.61
N VAL B 85 8.84 13.07 -41.86
CA VAL B 85 7.59 13.06 -41.09
C VAL B 85 6.42 12.90 -42.04
N GLU B 86 6.36 13.76 -43.06
CA GLU B 86 5.24 13.74 -43.99
C GLU B 86 5.25 12.48 -44.85
N LYS B 87 6.44 12.05 -45.29
CA LYS B 87 6.53 10.91 -46.20
C LYS B 87 6.19 9.60 -45.49
N SER B 88 6.58 9.47 -44.23
CA SER B 88 6.32 8.24 -43.49
C SER B 88 4.84 8.10 -43.20
N VAL B 89 4.34 6.87 -43.31
CA VAL B 89 2.91 6.60 -43.10
C VAL B 89 2.62 6.30 -41.63
N ARG B 90 3.39 5.40 -41.02
CA ARG B 90 3.15 5.04 -39.62
C ARG B 90 3.38 6.22 -38.70
N MET B 91 4.44 7.00 -38.93
CA MET B 91 4.77 8.16 -38.12
C MET B 91 4.40 9.43 -38.87
N SER B 92 3.61 10.30 -38.23
CA SER B 92 3.14 11.53 -38.84
C SER B 92 3.52 12.78 -38.05
N SER B 93 4.29 12.65 -36.98
CA SER B 93 4.69 13.81 -36.20
C SER B 93 5.96 13.47 -35.43
N ARG B 94 6.62 14.53 -34.93
CA ARG B 94 7.82 14.32 -34.13
C ARG B 94 7.49 13.57 -32.84
N MET B 95 6.37 13.92 -32.19
CA MET B 95 5.96 13.19 -31.00
C MET B 95 5.60 11.74 -31.33
N SER B 96 4.94 11.52 -32.46
CA SER B 96 4.63 10.15 -32.89
C SER B 96 5.90 9.38 -33.21
N GLN B 97 6.94 10.06 -33.71
CA GLN B 97 8.20 9.38 -33.99
C GLN B 97 8.85 8.87 -32.72
N VAL B 98 8.83 9.66 -31.65
CA VAL B 98 9.48 9.26 -30.42
C VAL B 98 8.71 8.13 -29.74
N VAL B 99 7.38 8.22 -29.70
CA VAL B 99 6.60 7.21 -29.00
C VAL B 99 6.62 5.89 -29.76
N SER B 100 6.57 5.94 -31.10
CA SER B 100 6.67 4.71 -31.88
C SER B 100 8.06 4.10 -31.77
N ALA B 101 9.10 4.94 -31.72
CA ALA B 101 10.45 4.44 -31.50
C ALA B 101 10.57 3.78 -30.13
N CYS B 102 9.96 4.38 -29.10
CA CYS B 102 9.96 3.77 -27.78
C CYS B 102 9.22 2.44 -27.78
N ASP B 103 8.08 2.38 -28.48
CA ASP B 103 7.35 1.12 -28.61
C ASP B 103 8.21 0.04 -29.24
N ILE B 104 8.84 0.36 -30.38
CA ILE B 104 9.67 -0.61 -31.07
C ILE B 104 10.84 -1.04 -30.20
N LEU B 105 11.46 -0.08 -29.51
CA LEU B 105 12.63 -0.40 -28.68
C LEU B 105 12.24 -1.29 -27.50
N VAL B 106 11.11 -1.01 -26.85
CA VAL B 106 10.72 -1.81 -25.71
C VAL B 106 10.28 -3.20 -26.16
N VAL B 107 9.64 -3.31 -27.32
CA VAL B 107 9.27 -4.63 -27.83
C VAL B 107 10.53 -5.43 -28.18
N ALA B 108 11.52 -4.78 -28.80
CA ALA B 108 12.76 -5.46 -29.13
C ALA B 108 13.51 -5.88 -27.88
N VAL B 109 13.49 -5.04 -26.84
CA VAL B 109 14.13 -5.40 -25.58
C VAL B 109 13.43 -6.59 -24.94
N THR B 110 12.10 -6.60 -24.97
CA THR B 110 11.36 -7.74 -24.43
C THR B 110 11.70 -9.02 -25.18
N ALA B 111 11.74 -8.95 -26.52
CA ALA B 111 12.07 -10.13 -27.31
C ALA B 111 13.50 -10.60 -27.04
N GLY B 112 14.44 -9.65 -26.90
CA GLY B 112 15.81 -10.01 -26.63
C GLY B 112 15.98 -10.65 -25.26
N VAL B 113 15.29 -10.13 -24.25
CA VAL B 113 15.34 -10.73 -22.93
C VAL B 113 14.71 -12.11 -22.96
N GLY B 114 13.62 -12.27 -23.71
CA GLY B 114 12.96 -13.56 -23.79
C GLY B 114 13.79 -14.62 -24.48
N VAL B 115 14.46 -14.27 -25.57
CA VAL B 115 15.17 -15.26 -26.36
C VAL B 115 16.59 -15.48 -25.87
N TYR B 116 17.32 -14.40 -25.55
CA TYR B 116 18.68 -14.55 -25.06
C TYR B 116 18.72 -15.27 -23.72
N GLY B 117 17.76 -14.97 -22.84
CA GLY B 117 17.66 -15.65 -21.57
C GLY B 117 16.91 -16.96 -21.58
N ALA B 118 16.50 -17.42 -22.77
CA ALA B 118 15.75 -18.68 -22.84
C ALA B 118 16.57 -19.88 -22.41
N PRO B 119 17.82 -20.09 -22.88
CA PRO B 119 18.55 -21.31 -22.47
C PRO B 119 18.74 -21.43 -20.97
N ALA B 120 19.00 -20.32 -20.27
CA ALA B 120 19.06 -20.38 -18.81
C ALA B 120 17.70 -20.68 -18.22
N ARG B 121 16.65 -20.07 -18.78
CA ARG B 121 15.29 -20.31 -18.29
C ARG B 121 14.90 -21.77 -18.49
N MET B 122 15.30 -22.37 -19.62
CA MET B 122 14.97 -23.77 -19.85
C MET B 122 15.77 -24.70 -18.96
N ARG B 123 17.02 -24.34 -18.64
CA ARG B 123 17.78 -25.11 -17.67
C ARG B 123 17.09 -25.10 -16.30
N THR B 124 16.68 -23.92 -15.85
CA THR B 124 15.91 -23.84 -14.61
C THR B 124 14.62 -24.65 -14.72
N MET B 125 13.99 -24.61 -15.90
CA MET B 125 12.74 -25.34 -16.12
C MET B 125 12.94 -26.83 -15.89
N LEU B 126 13.98 -27.41 -16.47
CA LEU B 126 14.26 -28.82 -16.23
C LEU B 126 14.60 -29.07 -14.76
N SER B 127 15.36 -28.15 -14.16
CA SER B 127 15.80 -28.31 -12.77
C SER B 127 14.63 -28.42 -11.82
N TYR B 128 13.59 -27.60 -12.01
CA TYR B 128 12.42 -27.79 -11.16
C TYR B 128 11.42 -28.80 -11.73
N MET B 129 11.53 -29.16 -13.01
CA MET B 129 10.60 -30.12 -13.57
C MET B 129 10.88 -31.53 -13.05
N GLU B 130 12.12 -31.82 -12.65
CA GLU B 130 12.37 -33.11 -12.00
C GLU B 130 11.56 -33.21 -10.70
N ASN B 131 11.55 -32.14 -9.91
CA ASN B 131 10.77 -32.14 -8.66
C ASN B 131 9.29 -32.15 -8.94
N ILE B 132 8.85 -31.44 -10.00
CA ILE B 132 7.45 -31.50 -10.40
C ILE B 132 7.04 -32.92 -10.79
N VAL B 133 7.93 -33.64 -11.47
CA VAL B 133 7.65 -35.03 -11.82
C VAL B 133 7.51 -35.87 -10.56
N ALA B 134 8.40 -35.65 -9.59
CA ALA B 134 8.28 -36.38 -8.32
C ALA B 134 6.96 -36.09 -7.62
N VAL B 135 6.58 -34.81 -7.58
CA VAL B 135 5.33 -34.42 -6.91
C VAL B 135 4.13 -35.03 -7.62
N ASP B 136 4.12 -34.98 -8.95
CA ASP B 136 3.02 -35.56 -9.71
C ASP B 136 2.93 -37.06 -9.48
N ARG B 137 4.08 -37.73 -9.37
CA ARG B 137 4.07 -39.16 -9.05
C ARG B 137 3.47 -39.40 -7.68
N GLU B 138 3.82 -38.55 -6.70
CA GLU B 138 3.27 -38.73 -5.36
C GLU B 138 1.77 -38.46 -5.33
N LEU B 139 1.31 -37.42 -6.04
CA LEU B 139 -0.11 -37.08 -6.03
C LEU B 139 -0.89 -37.93 -7.04
N GLY B 140 -0.50 -37.86 -8.31
CA GLY B 140 -1.20 -38.56 -9.36
C GLY B 140 -1.79 -37.62 -10.39
N ARG B 141 -1.18 -37.57 -11.57
CA ARG B 141 -1.61 -36.72 -12.67
C ARG B 141 -1.58 -35.24 -12.31
N HIS B 142 -1.89 -34.38 -13.27
CA HIS B 142 -2.09 -32.96 -13.04
C HIS B 142 -3.38 -32.45 -13.67
N HIS B 143 -3.72 -32.93 -14.86
CA HIS B 143 -4.95 -32.56 -15.55
C HIS B 143 -5.55 -33.80 -16.18
N SER B 144 -6.86 -33.76 -16.39
CA SER B 144 -7.49 -34.78 -17.21
C SER B 144 -7.24 -34.50 -18.69
N ALA B 145 -7.56 -35.47 -19.53
CA ALA B 145 -7.38 -35.28 -20.97
C ALA B 145 -8.30 -34.18 -21.49
N ALA B 146 -9.54 -34.12 -20.99
CA ALA B 146 -10.49 -33.13 -21.48
C ALA B 146 -10.02 -31.71 -21.16
N THR B 147 -9.58 -31.48 -19.93
CA THR B 147 -9.15 -30.13 -19.57
C THR B 147 -7.81 -29.78 -20.20
N GLU B 148 -6.95 -30.77 -20.44
CA GLU B 148 -5.72 -30.50 -21.19
C GLU B 148 -6.03 -30.07 -22.60
N ARG B 149 -6.98 -30.76 -23.25
CA ARG B 149 -7.41 -30.35 -24.60
C ARG B 149 -8.04 -28.98 -24.57
N LYS B 150 -8.82 -28.68 -23.53
CA LYS B 150 -9.44 -27.35 -23.41
C LYS B 150 -8.37 -26.26 -23.27
N LEU B 151 -7.34 -26.51 -22.46
CA LEU B 151 -6.27 -25.53 -22.30
C LEU B 151 -5.48 -25.36 -23.59
N CYS B 152 -5.21 -26.46 -24.29
CA CYS B 152 -4.54 -26.35 -25.59
C CYS B 152 -5.38 -25.55 -26.57
N ALA B 153 -6.69 -25.78 -26.58
CA ALA B 153 -7.57 -25.03 -27.47
C ALA B 153 -7.60 -23.56 -27.11
N LEU B 154 -7.59 -23.23 -25.81
CA LEU B 154 -7.57 -21.83 -25.40
C LEU B 154 -6.26 -21.17 -25.82
N LEU B 155 -5.13 -21.86 -25.63
CA LEU B 155 -3.85 -21.33 -26.06
C LEU B 155 -3.83 -21.09 -27.56
N LEU B 156 -4.32 -22.06 -28.33
CA LEU B 156 -4.36 -21.92 -29.78
C LEU B 156 -5.28 -20.78 -30.19
N LEU B 157 -6.42 -20.62 -29.51
CA LEU B 157 -7.33 -19.53 -29.83
C LEU B 157 -6.67 -18.18 -29.58
N ILE B 158 -5.99 -18.03 -28.45
CA ILE B 158 -5.32 -16.77 -28.15
C ILE B 158 -4.22 -16.48 -29.17
N LEU B 159 -3.41 -17.50 -29.48
CA LEU B 159 -2.31 -17.31 -30.43
C LEU B 159 -2.84 -16.97 -31.82
N LEU B 160 -3.88 -17.66 -32.28
CA LEU B 160 -4.43 -17.37 -33.60
C LEU B 160 -5.11 -16.02 -33.65
N SER B 161 -5.78 -15.61 -32.57
CA SER B 161 -6.38 -14.28 -32.53
C SER B 161 -5.30 -13.21 -32.64
N PHE B 162 -4.21 -13.36 -31.88
CA PHE B 162 -3.14 -12.37 -31.96
C PHE B 162 -2.47 -12.38 -33.33
N THR B 163 -2.27 -13.57 -33.91
CA THR B 163 -1.65 -13.64 -35.22
C THR B 163 -2.53 -13.00 -36.28
N ILE B 164 -3.84 -13.23 -36.21
CA ILE B 164 -4.76 -12.61 -37.16
C ILE B 164 -4.75 -11.10 -37.01
N LEU B 165 -4.75 -10.61 -35.77
CA LEU B 165 -4.69 -9.17 -35.56
C LEU B 165 -3.39 -8.58 -36.10
N LEU B 166 -2.27 -9.25 -35.86
CA LEU B 166 -0.98 -8.77 -36.36
C LEU B 166 -0.97 -8.74 -37.89
N VAL B 167 -1.47 -9.80 -38.52
CA VAL B 167 -1.49 -9.86 -39.99
C VAL B 167 -2.40 -8.76 -40.54
N ASP B 168 -3.56 -8.55 -39.91
CA ASP B 168 -4.47 -7.51 -40.37
C ASP B 168 -3.85 -6.13 -40.21
N ASP B 169 -3.18 -5.87 -39.09
CA ASP B 169 -2.51 -4.58 -38.90
C ASP B 169 -1.42 -4.38 -39.95
N PHE B 170 -0.62 -5.41 -40.21
CA PHE B 170 0.43 -5.31 -41.22
C PHE B 170 -0.16 -5.03 -42.60
N CYS B 171 -1.22 -5.75 -42.96
CA CYS B 171 -1.84 -5.56 -44.27
C CYS B 171 -2.44 -4.18 -44.40
N PHE B 172 -3.09 -3.69 -43.34
CA PHE B 172 -3.68 -2.35 -43.38
C PHE B 172 -2.60 -1.29 -43.56
N TYR B 173 -1.52 -1.38 -42.77
CA TYR B 173 -0.47 -0.38 -42.85
C TYR B 173 0.29 -0.47 -44.17
N ALA B 174 0.35 -1.66 -44.78
CA ALA B 174 0.99 -1.79 -46.09
C ALA B 174 0.12 -1.22 -47.19
N MET B 175 -1.19 -1.49 -47.15
CA MET B 175 -2.09 -0.98 -48.17
C MET B 175 -2.24 0.53 -48.07
N GLN B 176 -2.21 1.08 -46.85
CA GLN B 176 -2.25 2.53 -46.69
C GLN B 176 -1.04 3.18 -47.33
N ALA B 177 0.14 2.59 -47.16
CA ALA B 177 1.34 3.09 -47.81
C ALA B 177 1.38 2.77 -49.30
N GLY B 178 0.54 1.86 -49.78
CA GLY B 178 0.53 1.54 -51.20
C GLY B 178 0.05 2.66 -52.08
N LYS B 179 -0.72 3.59 -51.54
CA LYS B 179 -1.16 4.75 -52.31
C LYS B 179 0.03 5.62 -52.70
N THR B 180 0.93 5.88 -51.75
CA THR B 180 2.11 6.69 -52.04
C THR B 180 3.05 5.99 -53.00
N GLY B 181 3.24 4.69 -52.82
CA GLY B 181 4.14 3.93 -53.68
C GLY B 181 5.13 3.08 -52.92
N ARG B 182 5.31 3.39 -51.63
CA ARG B 182 6.21 2.64 -50.77
C ARG B 182 5.50 1.46 -50.11
N GLN B 183 4.87 0.62 -50.93
CA GLN B 183 4.15 -0.53 -50.41
C GLN B 183 5.08 -1.58 -49.82
N TRP B 184 6.34 -1.62 -50.27
CA TRP B 184 7.31 -2.58 -49.78
C TRP B 184 8.24 -2.04 -48.71
N GLU B 185 8.43 -0.71 -48.66
CA GLU B 185 9.31 -0.14 -47.64
C GLU B 185 8.76 -0.36 -46.24
N ILE B 186 7.46 -0.17 -46.06
CA ILE B 186 6.84 -0.41 -44.76
C ILE B 186 6.95 -1.88 -44.39
N VAL B 187 6.77 -2.77 -45.37
CA VAL B 187 6.89 -4.21 -45.12
C VAL B 187 8.29 -4.54 -44.64
N THR B 188 9.31 -4.02 -45.34
CA THR B 188 10.69 -4.29 -44.95
C THR B 188 11.01 -3.70 -43.58
N ASN B 189 10.43 -2.55 -43.26
CA ASN B 189 10.73 -1.89 -42.00
C ASN B 189 9.99 -2.50 -40.81
N TYR B 190 8.88 -3.21 -41.04
CA TYR B 190 8.08 -3.69 -39.93
C TYR B 190 7.89 -5.19 -39.85
N ALA B 191 8.44 -5.96 -40.80
CA ALA B 191 8.35 -7.42 -40.69
C ALA B 191 9.05 -7.92 -39.43
N GLY B 192 10.26 -7.41 -39.17
CA GLY B 192 10.96 -7.80 -37.96
C GLY B 192 10.24 -7.37 -36.70
N PHE B 193 9.64 -6.17 -36.73
CA PHE B 193 8.88 -5.69 -35.58
C PHE B 193 7.70 -6.62 -35.27
N TYR B 194 6.99 -7.05 -36.30
CA TYR B 194 5.83 -7.91 -36.06
C TYR B 194 6.26 -9.31 -35.65
N PHE B 195 7.38 -9.80 -36.16
CA PHE B 195 7.92 -11.07 -35.67
C PHE B 195 8.29 -10.96 -34.19
N LEU B 196 8.86 -9.82 -33.79
CA LEU B 196 9.17 -9.62 -32.37
C LEU B 196 7.91 -9.55 -31.54
N TRP B 197 6.85 -8.94 -32.06
CA TRP B 197 5.55 -8.95 -31.39
C TRP B 197 5.08 -10.39 -31.15
N TYR B 198 5.16 -11.22 -32.18
CA TYR B 198 4.75 -12.61 -32.04
C TYR B 198 5.58 -13.32 -30.99
N ILE B 199 6.90 -13.09 -31.01
CA ILE B 199 7.79 -13.72 -30.02
C ILE B 199 7.40 -13.29 -28.62
N VAL B 200 7.12 -12.01 -28.42
CA VAL B 200 6.79 -11.50 -27.10
C VAL B 200 5.49 -12.13 -26.58
N MET B 201 4.47 -12.21 -27.43
CA MET B 201 3.23 -12.81 -26.94
C MET B 201 3.37 -14.32 -26.73
N VAL B 202 4.20 -14.98 -27.52
CA VAL B 202 4.44 -16.41 -27.29
C VAL B 202 5.14 -16.60 -25.95
N LEU B 203 6.06 -15.70 -25.59
CA LEU B 203 6.70 -15.75 -24.29
C LEU B 203 5.68 -15.53 -23.17
N GLU B 204 4.77 -14.59 -23.35
CA GLU B 204 3.71 -14.36 -22.36
C GLU B 204 2.88 -15.63 -22.17
N LEU B 205 2.48 -16.26 -23.27
CA LEU B 205 1.69 -17.48 -23.18
C LEU B 205 2.47 -18.61 -22.49
N GLN B 206 3.78 -18.70 -22.78
CA GLN B 206 4.60 -19.72 -22.16
C GLN B 206 4.64 -19.55 -20.65
N PHE B 207 4.89 -18.32 -20.19
CA PHE B 207 4.87 -18.08 -18.75
C PHE B 207 3.50 -18.39 -18.15
N ALA B 208 2.45 -17.93 -18.82
CA ALA B 208 1.10 -18.12 -18.29
C ALA B 208 0.78 -19.60 -18.13
N PHE B 209 1.15 -20.42 -19.10
CA PHE B 209 0.80 -21.84 -19.02
C PHE B 209 1.71 -22.61 -18.07
N THR B 210 2.98 -22.19 -17.91
CA THR B 210 3.79 -22.76 -16.85
C THR B 210 3.16 -22.48 -15.48
N ALA B 211 2.74 -21.23 -15.27
CA ALA B 211 2.09 -20.88 -14.01
C ALA B 211 0.78 -21.65 -13.82
N LEU B 212 0.04 -21.86 -14.92
CA LEU B 212 -1.22 -22.60 -14.82
C LEU B 212 -0.99 -24.06 -14.45
N SER B 213 0.03 -24.69 -15.02
CA SER B 213 0.34 -26.07 -14.63
C SER B 213 0.75 -26.16 -13.17
N LEU B 214 1.58 -25.22 -12.70
CA LEU B 214 1.95 -25.21 -11.30
C LEU B 214 0.72 -24.99 -10.40
N ARG B 215 -0.18 -24.12 -10.82
CA ARG B 215 -1.40 -23.88 -10.05
C ARG B 215 -2.29 -25.12 -10.02
N ALA B 216 -2.32 -25.89 -11.11
CA ALA B 216 -3.05 -27.15 -11.09
C ALA B 216 -2.46 -28.12 -10.08
N ARG B 217 -1.12 -28.19 -10.02
CA ARG B 217 -0.49 -29.06 -9.03
C ARG B 217 -0.82 -28.59 -7.60
N LEU B 218 -0.82 -27.27 -7.38
CA LEU B 218 -1.17 -26.74 -6.07
C LEU B 218 -2.62 -27.07 -5.72
N LYS B 219 -3.52 -26.99 -6.71
CA LYS B 219 -4.92 -27.36 -6.49
C LYS B 219 -5.05 -28.82 -6.11
N LEU B 220 -4.27 -29.69 -6.76
CA LEU B 220 -4.28 -31.10 -6.38
C LEU B 220 -3.75 -31.29 -4.96
N PHE B 221 -2.75 -30.51 -4.56
CA PHE B 221 -2.25 -30.57 -3.18
C PHE B 221 -3.34 -30.17 -2.19
N ASN B 222 -4.10 -29.12 -2.50
CA ASN B 222 -5.21 -28.71 -1.64
C ASN B 222 -6.27 -29.80 -1.58
N GLU B 223 -6.54 -30.45 -2.71
CA GLU B 223 -7.50 -31.56 -2.72
C GLU B 223 -7.02 -32.70 -1.82
N ALA B 224 -5.72 -32.99 -1.84
CA ALA B 224 -5.18 -34.03 -0.97
C ALA B 224 -5.31 -33.66 0.49
N LEU B 225 -5.08 -32.39 0.84
CA LEU B 225 -5.31 -31.95 2.22
C LEU B 225 -6.77 -32.12 2.62
N ASN B 226 -7.69 -31.73 1.73
CA ASN B 226 -9.10 -31.89 2.04
C ASN B 226 -9.45 -33.37 2.21
N VAL B 227 -8.83 -34.24 1.42
CA VAL B 227 -9.09 -35.66 1.54
C VAL B 227 -8.60 -36.21 2.87
N THR B 228 -7.38 -35.83 3.28
CA THR B 228 -6.91 -36.27 4.58
C THR B 228 -7.72 -35.66 5.72
N ALA B 229 -8.41 -34.55 5.44
CA ALA B 229 -9.42 -34.06 6.39
C ALA B 229 -10.61 -34.99 6.44
N SER B 230 -11.06 -35.46 5.26
CA SER B 230 -12.27 -36.29 5.20
C SER B 230 -12.12 -37.57 6.00
N GLN B 231 -10.89 -38.09 6.10
CA GLN B 231 -10.61 -39.30 6.89
C GLN B 231 -11.43 -40.49 6.40
N VAL B 232 -11.15 -40.90 5.17
CA VAL B 232 -11.81 -42.05 4.58
C VAL B 232 -11.01 -43.31 4.90
N CYS B 233 -9.74 -43.31 4.48
CA CYS B 233 -8.83 -44.44 4.72
C CYS B 233 -9.40 -45.75 4.21
N PHE B 275 2.27 -42.23 -3.44
CA PHE B 275 0.99 -42.92 -3.48
C PHE B 275 0.06 -42.43 -2.36
N VAL B 276 0.28 -41.18 -1.92
CA VAL B 276 -0.57 -40.60 -0.90
C VAL B 276 -1.99 -40.45 -1.41
N MET B 277 -2.15 -39.94 -2.63
CA MET B 277 -3.45 -39.65 -3.22
C MET B 277 -3.74 -40.63 -4.34
N MET B 278 -4.97 -41.14 -4.36
CA MET B 278 -5.41 -42.04 -5.42
C MET B 278 -6.80 -41.61 -5.89
N LYS B 279 -7.13 -42.00 -7.11
CA LYS B 279 -8.40 -41.63 -7.71
C LYS B 279 -9.28 -42.86 -7.95
N PRO B 285 -11.52 -38.52 -2.42
CA PRO B 285 -11.33 -39.96 -2.49
C PRO B 285 -10.84 -40.57 -1.18
N CYS B 286 -9.86 -41.46 -1.27
CA CYS B 286 -9.32 -42.17 -0.13
C CYS B 286 -7.86 -41.77 0.11
N LEU B 287 -7.27 -42.36 1.14
CA LEU B 287 -5.90 -42.05 1.54
C LEU B 287 -5.22 -43.35 1.93
N GLN B 288 -4.14 -43.70 1.22
CA GLN B 288 -3.44 -44.95 1.52
C GLN B 288 -2.73 -44.88 2.86
N VAL B 289 -1.98 -43.81 3.11
CA VAL B 289 -1.18 -43.67 4.32
C VAL B 289 -2.03 -43.04 5.41
N PRO B 290 -1.69 -43.24 6.69
CA PRO B 290 -2.42 -42.56 7.77
C PRO B 290 -2.24 -41.06 7.69
N PRO B 291 -3.19 -40.30 8.23
CA PRO B 291 -3.11 -38.82 8.12
C PRO B 291 -1.89 -38.23 8.78
N CYS B 292 -1.26 -38.94 9.72
CA CYS B 292 -0.10 -38.39 10.41
C CYS B 292 1.05 -38.16 9.44
N GLU B 293 1.43 -39.18 8.67
CA GLU B 293 2.53 -39.05 7.72
C GLU B 293 2.09 -38.40 6.42
N ALA B 294 0.80 -38.49 6.07
CA ALA B 294 0.31 -37.82 4.87
C ALA B 294 0.50 -36.32 4.98
N VAL B 295 0.29 -35.76 6.18
CA VAL B 295 0.46 -34.32 6.35
C VAL B 295 1.92 -33.92 6.22
N GLY B 296 2.83 -34.75 6.72
CA GLY B 296 4.25 -34.47 6.54
C GLY B 296 4.68 -34.52 5.09
N ARG B 297 4.21 -35.54 4.36
CA ARG B 297 4.51 -35.62 2.94
C ARG B 297 3.92 -34.44 2.17
N LEU B 298 2.72 -34.01 2.56
CA LEU B 298 2.11 -32.84 1.92
C LEU B 298 2.87 -31.56 2.24
N SER B 299 3.41 -31.45 3.46
CA SER B 299 4.24 -30.29 3.79
C SER B 299 5.50 -30.26 2.93
N ARG B 300 6.14 -31.42 2.77
CA ARG B 300 7.31 -31.49 1.90
C ARG B 300 6.95 -31.11 0.46
N MET B 301 5.82 -31.62 -0.03
CA MET B 301 5.39 -31.28 -1.38
C MET B 301 5.07 -29.80 -1.53
N ARG B 302 4.50 -29.18 -0.50
CA ARG B 302 4.22 -27.75 -0.57
C ARG B 302 5.50 -26.94 -0.58
N CYS B 303 6.51 -27.36 0.17
CA CYS B 303 7.81 -26.69 0.08
C CYS B 303 8.41 -26.84 -1.31
N THR B 304 8.27 -28.03 -1.91
CA THR B 304 8.74 -28.22 -3.28
C THR B 304 7.99 -27.28 -4.24
N LEU B 305 6.68 -27.15 -4.07
CA LEU B 305 5.90 -26.27 -4.94
C LEU B 305 6.31 -24.81 -4.75
N CYS B 306 6.59 -24.40 -3.51
CA CYS B 306 7.06 -23.04 -3.27
C CYS B 306 8.40 -22.80 -3.96
N GLU B 307 9.32 -23.77 -3.86
CA GLU B 307 10.60 -23.65 -4.55
C GLU B 307 10.41 -23.53 -6.06
N VAL B 308 9.49 -24.31 -6.62
CA VAL B 308 9.24 -24.27 -8.06
C VAL B 308 8.64 -22.92 -8.46
N THR B 309 7.71 -22.40 -7.66
CA THR B 309 7.14 -21.10 -7.95
C THR B 309 8.21 -20.01 -7.90
N ARG B 310 9.10 -20.09 -6.91
CA ARG B 310 10.20 -19.13 -6.84
C ARG B 310 11.11 -19.24 -8.05
N HIS B 311 11.38 -20.46 -8.51
CA HIS B 311 12.21 -20.64 -9.70
C HIS B 311 11.54 -20.04 -10.94
N ILE B 312 10.23 -20.25 -11.08
CA ILE B 312 9.50 -19.69 -12.22
C ILE B 312 9.54 -18.17 -12.18
N ALA B 313 9.31 -17.60 -10.99
CA ALA B 313 9.35 -16.15 -10.86
C ALA B 313 10.74 -15.61 -11.16
N ASP B 314 11.80 -16.29 -10.71
CA ASP B 314 13.15 -15.85 -11.02
C ASP B 314 13.42 -15.92 -12.50
N GLY B 315 12.96 -16.98 -13.16
CA GLY B 315 13.20 -17.12 -14.58
C GLY B 315 12.47 -16.08 -15.42
N TYR B 316 11.25 -15.71 -15.01
CA TYR B 316 10.42 -14.83 -15.82
C TYR B 316 10.31 -13.42 -15.27
N GLY B 317 11.07 -13.07 -14.24
CA GLY B 317 10.96 -11.75 -13.64
C GLY B 317 11.24 -10.57 -14.56
N LEU B 318 12.40 -10.56 -15.20
CA LEU B 318 12.73 -9.48 -16.12
C LEU B 318 11.78 -9.41 -17.30
N PRO B 319 11.48 -10.51 -18.02
CA PRO B 319 10.48 -10.41 -19.09
C PRO B 319 9.13 -9.92 -18.60
N LEU B 320 8.69 -10.34 -17.42
CA LEU B 320 7.39 -9.91 -16.91
C LEU B 320 7.40 -8.42 -16.56
N VAL B 321 8.50 -7.92 -16.00
CA VAL B 321 8.59 -6.49 -15.68
C VAL B 321 8.57 -5.66 -16.95
N ILE B 322 9.34 -6.07 -17.96
CA ILE B 322 9.32 -5.32 -19.22
C ILE B 322 7.97 -5.43 -19.90
N ILE B 323 7.30 -6.58 -19.78
CA ILE B 323 5.97 -6.74 -20.36
C ILE B 323 4.97 -5.83 -19.67
N LEU B 324 5.07 -5.70 -18.35
CA LEU B 324 4.18 -4.79 -17.63
C LEU B 324 4.44 -3.34 -18.01
N MET B 325 5.71 -2.97 -18.20
CA MET B 325 6.03 -1.62 -18.67
C MET B 325 5.44 -1.38 -20.06
N SER B 326 5.57 -2.37 -20.95
CA SER B 326 5.00 -2.25 -22.29
C SER B 326 3.48 -2.15 -22.22
N THR B 327 2.86 -2.88 -21.30
CA THR B 327 1.41 -2.80 -21.13
C THR B 327 0.99 -1.42 -20.67
N LEU B 328 1.72 -0.83 -19.71
CA LEU B 328 1.47 0.55 -19.31
C LEU B 328 1.57 1.49 -20.51
N LEU B 329 2.67 1.40 -21.26
CA LEU B 329 2.88 2.31 -22.39
C LEU B 329 1.77 2.16 -23.42
N HIS B 330 1.38 0.92 -23.72
CA HIS B 330 0.39 0.70 -24.77
C HIS B 330 -1.00 1.11 -24.31
N LEU B 331 -1.37 0.79 -23.07
CA LEU B 331 -2.66 1.21 -22.55
C LEU B 331 -2.74 2.72 -22.37
N ILE B 332 -1.61 3.41 -22.34
CA ILE B 332 -1.64 4.87 -22.35
C ILE B 332 -1.72 5.42 -23.76
N VAL B 333 -1.00 4.81 -24.71
CA VAL B 333 -0.84 5.39 -26.04
C VAL B 333 -1.98 5.00 -26.97
N THR B 334 -2.29 3.71 -27.09
CA THR B 334 -3.31 3.28 -28.03
C THR B 334 -4.68 3.89 -27.74
N PRO B 335 -5.18 3.90 -26.49
CA PRO B 335 -6.43 4.64 -26.24
C PRO B 335 -6.32 6.13 -26.54
N TYR B 336 -5.15 6.73 -26.32
CA TYR B 336 -4.98 8.15 -26.60
C TYR B 336 -5.22 8.46 -28.08
N PHE B 337 -4.56 7.72 -28.95
CA PHE B 337 -4.73 7.96 -30.39
C PHE B 337 -6.10 7.47 -30.87
N LEU B 338 -6.66 6.45 -30.22
CA LEU B 338 -8.02 6.03 -30.54
C LEU B 338 -9.02 7.15 -30.26
N ILE B 339 -8.86 7.84 -29.14
CA ILE B 339 -9.73 8.97 -28.82
C ILE B 339 -9.45 10.15 -29.74
N MET B 340 -8.17 10.41 -30.02
CA MET B 340 -7.81 11.51 -30.90
C MET B 340 -8.36 11.31 -32.31
N GLU B 341 -8.53 10.06 -32.73
CA GLU B 341 -9.12 9.77 -34.03
C GLU B 341 -10.64 9.72 -34.00
N ILE B 342 -11.25 9.91 -32.82
CA ILE B 342 -12.70 9.91 -32.69
C ILE B 342 -13.25 11.33 -32.62
N ILE B 343 -12.74 12.14 -31.70
CA ILE B 343 -13.30 13.48 -31.50
C ILE B 343 -12.96 14.38 -32.67
N VAL B 344 -11.74 14.28 -33.21
CA VAL B 344 -11.32 15.17 -34.27
C VAL B 344 -12.02 14.81 -35.57
N SER B 345 -11.76 13.62 -36.09
CA SER B 345 -12.40 13.12 -37.31
C SER B 345 -12.04 11.66 -37.45
N THR B 346 -13.04 10.83 -37.74
CA THR B 346 -12.81 9.38 -37.86
C THR B 346 -12.26 9.05 -39.25
N HIS B 347 -13.09 9.23 -40.28
CA HIS B 347 -12.71 9.09 -41.68
C HIS B 347 -12.06 7.74 -42.01
N ARG B 348 -12.04 6.80 -41.05
CA ARG B 348 -11.29 5.56 -41.22
C ARG B 348 -11.91 4.52 -40.30
N LEU B 349 -12.71 3.62 -40.88
CA LEU B 349 -13.30 2.54 -40.08
C LEU B 349 -12.25 1.50 -39.73
N HIS B 350 -11.39 1.15 -40.68
CA HIS B 350 -10.41 0.09 -40.43
C HIS B 350 -9.42 0.48 -39.33
N PHE B 351 -8.95 1.73 -39.36
CA PHE B 351 -8.00 2.17 -38.33
C PHE B 351 -8.65 2.18 -36.96
N LEU B 352 -9.90 2.65 -36.86
CA LEU B 352 -10.58 2.68 -35.57
C LEU B 352 -10.81 1.27 -35.04
N VAL B 353 -11.23 0.35 -35.92
CA VAL B 353 -11.44 -1.04 -35.50
C VAL B 353 -10.13 -1.65 -35.04
N LEU B 354 -9.04 -1.39 -35.77
CA LEU B 354 -7.74 -1.93 -35.38
C LEU B 354 -7.28 -1.37 -34.04
N GLN B 355 -7.53 -0.08 -33.79
CA GLN B 355 -7.14 0.50 -32.51
C GLN B 355 -7.95 -0.09 -31.36
N PHE B 356 -9.26 -0.30 -31.57
CA PHE B 356 -10.07 -0.95 -30.55
C PHE B 356 -9.57 -2.37 -30.28
N LEU B 357 -9.27 -3.12 -31.35
CA LEU B 357 -8.79 -4.48 -31.19
C LEU B 357 -7.43 -4.51 -30.49
N TRP B 358 -6.59 -3.50 -30.75
CA TRP B 358 -5.29 -3.46 -30.10
C TRP B 358 -5.41 -3.12 -28.62
N CYS B 359 -6.34 -2.23 -28.27
CA CYS B 359 -6.61 -1.98 -26.85
C CYS B 359 -7.10 -3.25 -26.16
N THR B 360 -8.04 -3.95 -26.81
CA THR B 360 -8.53 -5.21 -26.25
C THR B 360 -7.40 -6.22 -26.11
N THR B 361 -6.50 -6.28 -27.09
CA THR B 361 -5.39 -7.22 -27.05
C THR B 361 -4.39 -6.87 -25.95
N HIS B 362 -4.13 -5.59 -25.73
CA HIS B 362 -3.25 -5.20 -24.63
C HIS B 362 -3.87 -5.57 -23.28
N LEU B 363 -5.17 -5.34 -23.13
CA LEU B 363 -5.85 -5.75 -21.91
C LEU B 363 -5.80 -7.26 -21.74
N ILE B 364 -5.99 -8.01 -22.83
CA ILE B 364 -5.94 -9.46 -22.78
C ILE B 364 -4.55 -9.95 -22.41
N ARG B 365 -3.51 -9.30 -22.93
CA ARG B 365 -2.14 -9.66 -22.60
C ARG B 365 -1.86 -9.43 -21.11
N MET B 366 -2.29 -8.28 -20.59
CA MET B 366 -2.14 -8.03 -19.17
C MET B 366 -2.88 -9.07 -18.34
N LEU B 367 -4.09 -9.44 -18.77
CA LEU B 367 -4.86 -10.46 -18.06
C LEU B 367 -4.16 -11.81 -18.11
N VAL B 368 -3.60 -12.17 -19.26
CA VAL B 368 -2.91 -13.44 -19.44
C VAL B 368 -1.71 -13.48 -18.50
N VAL B 369 -1.03 -12.34 -18.35
CA VAL B 369 0.11 -12.28 -17.43
C VAL B 369 -0.34 -12.43 -15.98
N VAL B 370 -1.40 -11.70 -15.61
CA VAL B 370 -1.73 -11.54 -14.19
C VAL B 370 -2.53 -12.73 -13.66
N GLU B 371 -3.50 -13.20 -14.42
CA GLU B 371 -4.57 -14.09 -13.95
C GLU B 371 -4.07 -15.41 -13.36
N PRO B 372 -3.11 -16.14 -14.00
CA PRO B 372 -2.62 -17.37 -13.38
C PRO B 372 -1.98 -17.13 -12.02
N CYS B 373 -1.30 -16.00 -11.85
CA CYS B 373 -0.73 -15.65 -10.56
C CYS B 373 -1.81 -15.42 -9.52
N HIS B 374 -2.90 -14.75 -9.92
CA HIS B 374 -4.02 -14.56 -9.00
C HIS B 374 -4.63 -15.91 -8.62
N TYR B 375 -4.73 -16.83 -9.58
CA TYR B 375 -5.27 -18.15 -9.26
C TYR B 375 -4.36 -18.91 -8.31
N THR B 376 -3.04 -18.77 -8.47
CA THR B 376 -2.12 -19.40 -7.54
C THR B 376 -2.27 -18.82 -6.13
N ILE B 377 -2.41 -17.50 -6.03
CA ILE B 377 -2.62 -16.87 -4.73
C ILE B 377 -3.94 -17.34 -4.12
N ARG B 378 -4.97 -17.49 -4.95
CA ARG B 378 -6.26 -17.98 -4.45
C ARG B 378 -6.14 -19.42 -3.95
N GLU B 379 -5.33 -20.24 -4.64
CA GLU B 379 -5.09 -21.60 -4.16
C GLU B 379 -4.36 -21.61 -2.83
N GLY B 380 -3.42 -20.67 -2.65
CA GLY B 380 -2.77 -20.55 -1.35
C GLY B 380 -3.74 -20.17 -0.25
N LYS B 381 -4.64 -19.23 -0.53
CA LYS B 381 -5.67 -18.88 0.45
C LYS B 381 -6.56 -20.09 0.74
N ARG B 382 -6.88 -20.88 -0.29
CA ARG B 382 -7.69 -22.06 -0.09
C ARG B 382 -7.00 -23.09 0.80
N THR B 383 -5.69 -23.28 0.61
CA THR B 383 -4.99 -24.22 1.48
C THR B 383 -4.89 -23.70 2.91
N GLU B 384 -4.83 -22.38 3.09
CA GLU B 384 -4.90 -21.82 4.43
C GLU B 384 -6.24 -22.17 5.08
N ASP B 385 -7.34 -22.00 4.34
CA ASP B 385 -8.66 -22.33 4.88
C ASP B 385 -8.78 -23.81 5.20
N ILE B 386 -8.27 -24.67 4.31
CA ILE B 386 -8.32 -26.11 4.54
C ILE B 386 -7.52 -26.48 5.77
N LEU B 387 -6.36 -25.85 5.97
CA LEU B 387 -5.56 -26.13 7.14
C LEU B 387 -6.26 -25.70 8.41
N CYS B 388 -6.95 -24.55 8.38
CA CYS B 388 -7.70 -24.12 9.56
C CYS B 388 -8.79 -25.14 9.90
N ARG B 389 -9.53 -25.59 8.88
CA ARG B 389 -10.57 -26.58 9.11
C ARG B 389 -9.98 -27.88 9.65
N LEU B 390 -8.81 -28.28 9.15
CA LEU B 390 -8.10 -29.43 9.70
C LEU B 390 -7.76 -29.24 11.17
N MET B 391 -7.22 -28.06 11.51
CA MET B 391 -6.75 -27.83 12.87
C MET B 391 -7.90 -27.80 13.87
N THR B 392 -9.08 -27.34 13.45
CA THR B 392 -10.24 -27.43 14.35
C THR B 392 -10.59 -28.87 14.65
N LEU B 393 -10.53 -29.75 13.64
CA LEU B 393 -10.77 -31.17 13.82
C LEU B 393 -9.53 -31.84 14.38
N ALA B 394 -9.49 -33.18 14.30
CA ALA B 394 -8.35 -34.01 14.68
C ALA B 394 -8.17 -34.05 16.19
N PRO B 395 -7.72 -35.17 16.75
CA PRO B 395 -7.52 -35.25 18.20
C PRO B 395 -6.58 -34.17 18.68
N HIS B 396 -6.90 -33.60 19.84
CA HIS B 396 -6.25 -32.36 20.26
C HIS B 396 -4.79 -32.58 20.63
N GLY B 397 -4.50 -33.61 21.42
CA GLY B 397 -3.14 -33.89 21.82
C GLY B 397 -2.40 -34.88 20.96
N GLY B 398 -2.97 -35.29 19.83
CA GLY B 398 -2.36 -36.30 19.01
C GLY B 398 -1.18 -35.80 18.20
N VAL B 399 -0.52 -36.74 17.52
CA VAL B 399 0.61 -36.40 16.67
C VAL B 399 0.17 -35.71 15.38
N LEU B 400 -1.07 -35.93 14.94
CA LEU B 400 -1.58 -35.22 13.76
C LEU B 400 -1.68 -33.72 14.03
N SER B 401 -2.03 -33.35 15.27
CA SER B 401 -2.15 -31.94 15.61
C SER B 401 -0.81 -31.22 15.46
N SER B 402 0.28 -31.86 15.88
CA SER B 402 1.59 -31.25 15.76
C SER B 402 2.05 -31.16 14.31
N ARG B 403 1.68 -32.15 13.48
CA ARG B 403 1.94 -32.06 12.06
C ARG B 403 1.20 -30.89 11.44
N LEU B 404 -0.05 -30.68 11.85
CA LEU B 404 -0.79 -29.51 11.40
C LEU B 404 -0.18 -28.21 11.90
N GLU B 405 0.39 -28.23 13.11
CA GLU B 405 1.12 -27.06 13.61
C GLU B 405 2.31 -26.72 12.73
N VAL B 406 3.07 -27.74 12.35
CA VAL B 406 4.22 -27.52 11.46
C VAL B 406 3.75 -26.99 10.11
N LEU B 407 2.66 -27.56 9.58
CA LEU B 407 2.13 -27.07 8.31
C LEU B 407 1.67 -25.63 8.42
N SER B 408 1.06 -25.26 9.55
CA SER B 408 0.64 -23.88 9.75
C SER B 408 1.84 -22.94 9.82
N ARG B 409 2.91 -23.37 10.47
CA ARG B 409 4.13 -22.57 10.50
C ARG B 409 4.70 -22.39 9.09
N LEU B 410 4.66 -23.45 8.29
CA LEU B 410 5.08 -23.34 6.89
C LEU B 410 4.23 -22.34 6.13
N LEU B 411 2.91 -22.40 6.32
CA LEU B 411 2.00 -21.50 5.61
C LEU B 411 2.22 -20.06 6.03
N MET B 412 2.52 -19.83 7.31
CA MET B 412 2.75 -18.47 7.78
C MET B 412 4.10 -17.94 7.34
N LEU B 413 5.12 -18.80 7.29
CA LEU B 413 6.47 -18.33 6.98
C LEU B 413 6.60 -17.97 5.51
N GLN B 414 6.13 -18.82 4.61
CA GLN B 414 6.25 -18.60 3.19
C GLN B 414 4.92 -18.83 2.49
N ASN B 415 4.66 -18.06 1.44
CA ASN B 415 3.45 -18.17 0.66
C ASN B 415 3.82 -18.29 -0.81
N ILE B 416 2.92 -18.89 -1.58
CA ILE B 416 3.14 -19.12 -3.01
C ILE B 416 2.61 -17.90 -3.75
N SER B 417 3.52 -17.11 -4.32
CA SER B 417 3.16 -15.89 -5.03
C SER B 417 4.20 -15.62 -6.10
N TYR B 418 3.84 -14.75 -7.05
CA TYR B 418 4.72 -14.34 -8.13
C TYR B 418 5.06 -12.87 -7.95
N SER B 419 6.34 -12.58 -7.78
CA SER B 419 6.85 -11.21 -7.64
C SER B 419 7.98 -11.02 -8.62
N PRO B 420 7.70 -10.54 -9.83
CA PRO B 420 8.76 -10.37 -10.83
C PRO B 420 9.80 -9.35 -10.41
N LEU B 421 11.02 -9.82 -10.17
CA LEU B 421 12.16 -9.03 -9.73
C LEU B 421 11.97 -8.37 -8.38
N GLY B 422 10.86 -8.65 -7.70
CA GLY B 422 10.57 -8.05 -6.42
C GLY B 422 9.98 -6.67 -6.48
N MET B 423 9.78 -6.11 -7.68
CA MET B 423 9.26 -4.76 -7.80
C MET B 423 7.75 -4.71 -7.54
N CYS B 424 7.03 -5.76 -7.88
CA CYS B 424 5.58 -5.78 -7.74
C CYS B 424 5.13 -7.22 -7.57
N THR B 425 3.90 -7.39 -7.10
CA THR B 425 3.28 -8.70 -6.95
C THR B 425 2.22 -8.87 -8.03
N LEU B 426 2.38 -9.90 -8.86
CA LEU B 426 1.43 -10.16 -9.93
C LEU B 426 0.13 -10.67 -9.33
N ASP B 427 -0.90 -9.82 -9.35
CA ASP B 427 -2.21 -10.15 -8.80
C ASP B 427 -3.21 -9.14 -9.33
N ARG B 428 -4.48 -9.42 -9.11
CA ARG B 428 -5.52 -8.50 -9.55
C ARG B 428 -5.40 -7.09 -8.98
N PRO B 429 -4.98 -6.88 -7.72
CA PRO B 429 -4.73 -5.50 -7.27
C PRO B 429 -3.69 -4.77 -8.10
N LEU B 430 -2.72 -5.50 -8.69
CA LEU B 430 -1.73 -4.85 -9.53
C LEU B 430 -2.36 -4.23 -10.76
N MET B 431 -3.29 -4.95 -11.40
CA MET B 431 -3.94 -4.43 -12.59
C MET B 431 -4.90 -3.30 -12.27
N VAL B 432 -5.37 -3.20 -11.02
CA VAL B 432 -6.14 -2.04 -10.61
C VAL B 432 -5.24 -0.81 -10.53
N THR B 433 -4.02 -0.98 -10.00
CA THR B 433 -3.06 0.10 -9.97
C THR B 433 -2.63 0.49 -11.38
N VAL B 434 -2.47 -0.50 -12.26
CA VAL B 434 -2.10 -0.20 -13.65
C VAL B 434 -3.19 0.60 -14.34
N LEU B 435 -4.44 0.13 -14.26
CA LEU B 435 -5.54 0.86 -14.88
C LEU B 435 -5.82 2.17 -14.17
N GLY B 436 -5.52 2.25 -12.87
CA GLY B 436 -5.65 3.52 -12.18
C GLY B 436 -4.65 4.55 -12.66
N ALA B 437 -3.41 4.11 -12.94
CA ALA B 437 -2.41 5.02 -13.48
C ALA B 437 -2.69 5.35 -14.94
N VAL B 438 -3.16 4.38 -15.71
CA VAL B 438 -3.43 4.60 -17.13
C VAL B 438 -4.50 5.67 -17.31
N THR B 439 -5.57 5.59 -16.52
CA THR B 439 -6.63 6.58 -16.63
C THR B 439 -6.17 7.96 -16.17
N THR B 440 -5.28 8.01 -15.16
CA THR B 440 -4.78 9.30 -14.71
C THR B 440 -4.00 10.01 -15.79
N TYR B 441 -3.13 9.28 -16.51
CA TYR B 441 -2.40 9.89 -17.61
C TYR B 441 -3.34 10.23 -18.77
N LEU B 442 -4.30 9.35 -19.05
CA LEU B 442 -5.23 9.60 -20.15
C LEU B 442 -6.10 10.83 -19.87
N VAL B 443 -6.56 10.98 -18.64
CA VAL B 443 -7.37 12.15 -18.29
C VAL B 443 -6.54 13.42 -18.46
N ILE B 444 -5.28 13.38 -18.03
CA ILE B 444 -4.39 14.53 -18.20
C ILE B 444 -4.15 14.81 -19.67
N LEU B 445 -3.81 13.76 -20.44
CA LEU B 445 -3.41 13.96 -21.84
C LEU B 445 -4.59 14.37 -22.71
N ILE B 446 -5.74 13.70 -22.55
CA ILE B 446 -6.87 13.94 -23.46
C ILE B 446 -7.42 15.34 -23.27
N GLN B 447 -7.52 15.82 -22.03
CA GLN B 447 -8.17 17.09 -21.75
C GLN B 447 -7.42 18.27 -22.35
N PHE B 448 -6.14 18.12 -22.71
CA PHE B 448 -5.41 19.21 -23.31
C PHE B 448 -5.83 19.43 -24.76
N GLN B 449 -6.22 18.36 -25.45
CA GLN B 449 -6.70 18.47 -26.82
C GLN B 449 -8.20 18.30 -26.89
N THR C 18 -36.46 -28.41 7.11
CA THR C 18 -35.83 -27.13 7.41
C THR C 18 -34.67 -26.85 6.47
N PRO C 19 -34.98 -26.47 5.23
CA PRO C 19 -33.92 -26.24 4.24
C PRO C 19 -33.00 -25.07 4.60
N CYS C 20 -33.56 -23.88 4.76
CA CYS C 20 -32.76 -22.69 5.05
C CYS C 20 -33.14 -22.03 6.36
N LEU C 21 -34.42 -21.70 6.56
CA LEU C 21 -34.91 -21.03 7.76
C LEU C 21 -34.18 -19.70 7.99
N VAL C 22 -34.40 -18.80 7.05
CA VAL C 22 -33.85 -17.44 7.12
C VAL C 22 -34.90 -16.54 7.75
N GLY C 23 -34.44 -15.49 8.44
CA GLY C 23 -35.35 -14.57 9.10
C GLY C 23 -34.64 -13.29 9.50
N GLY C 24 -35.45 -12.32 9.89
CA GLY C 24 -34.94 -11.04 10.34
C GLY C 24 -34.83 -10.00 9.25
N ALA C 25 -33.92 -9.03 9.41
CA ALA C 25 -33.71 -8.03 8.38
C ALA C 25 -33.04 -8.60 7.14
N HIS C 26 -32.32 -9.70 7.27
CA HIS C 26 -31.75 -10.35 6.10
C HIS C 26 -32.84 -10.95 5.22
N ALA C 27 -33.88 -11.53 5.82
CA ALA C 27 -35.01 -12.06 5.06
C ALA C 27 -35.97 -10.98 4.60
N PHE C 28 -35.89 -9.76 5.17
CA PHE C 28 -36.73 -8.68 4.69
C PHE C 28 -36.25 -8.18 3.33
N ILE C 29 -34.94 -8.01 3.17
CA ILE C 29 -34.40 -7.61 1.88
C ILE C 29 -34.46 -8.75 0.88
N LEU C 30 -34.54 -9.99 1.35
CA LEU C 30 -34.70 -11.12 0.43
C LEU C 30 -36.08 -11.14 -0.19
N LYS C 31 -37.11 -10.75 0.57
CA LYS C 31 -38.45 -10.66 0.01
C LYS C 31 -38.59 -9.44 -0.90
N ILE C 32 -37.94 -8.34 -0.53
CA ILE C 32 -37.96 -7.13 -1.36
C ILE C 32 -37.21 -7.38 -2.67
N SER C 33 -36.03 -7.99 -2.59
CA SER C 33 -35.27 -8.31 -3.80
C SER C 33 -35.84 -9.48 -4.58
N SER C 34 -36.80 -10.20 -4.01
CA SER C 34 -37.45 -11.28 -4.74
C SER C 34 -38.20 -10.74 -5.95
N PHE C 35 -38.89 -9.60 -5.78
CA PHE C 35 -39.63 -9.00 -6.88
C PHE C 35 -38.71 -8.30 -7.87
N CYS C 36 -37.61 -7.73 -7.41
CA CYS C 36 -36.62 -7.14 -8.29
C CYS C 36 -35.88 -8.18 -9.12
N GLY C 37 -35.99 -9.45 -8.77
CA GLY C 37 -35.29 -10.51 -9.47
C GLY C 37 -33.96 -10.90 -8.88
N LEU C 38 -33.56 -10.30 -7.76
CA LEU C 38 -32.26 -10.56 -7.16
C LEU C 38 -32.29 -11.70 -6.16
N ALA C 39 -33.45 -12.27 -5.87
CA ALA C 39 -33.57 -13.37 -4.91
C ALA C 39 -34.74 -14.25 -5.32
N PRO C 40 -34.54 -15.13 -6.31
CA PRO C 40 -35.63 -16.00 -6.79
C PRO C 40 -35.90 -17.17 -5.84
N LEU C 41 -36.52 -16.84 -4.70
CA LEU C 41 -36.77 -17.81 -3.65
C LEU C 41 -38.26 -17.91 -3.37
N ARG C 42 -38.68 -19.07 -2.87
CA ARG C 42 -40.05 -19.30 -2.41
C ARG C 42 -40.05 -19.20 -0.89
N PHE C 43 -40.81 -18.24 -0.36
CA PHE C 43 -40.78 -17.90 1.05
C PHE C 43 -41.91 -18.63 1.76
N GLU C 44 -41.54 -19.59 2.61
CA GLU C 44 -42.52 -20.34 3.40
C GLU C 44 -42.49 -19.82 4.84
N PRO C 45 -43.54 -19.15 5.30
CA PRO C 45 -43.52 -18.60 6.67
C PRO C 45 -43.57 -19.71 7.71
N ARG C 46 -42.70 -19.60 8.71
CA ARG C 46 -42.66 -20.55 9.82
C ARG C 46 -43.16 -19.92 11.12
N SER C 47 -43.84 -18.78 11.01
CA SER C 47 -44.42 -18.05 12.15
C SER C 47 -43.34 -17.39 12.99
N GLN C 48 -42.08 -17.70 12.71
CA GLN C 48 -40.94 -17.03 13.31
C GLN C 48 -39.92 -16.60 12.27
N GLU C 49 -39.71 -17.40 11.24
CA GLU C 49 -38.76 -17.12 10.17
C GLU C 49 -39.38 -17.60 8.85
N TYR C 50 -38.56 -17.66 7.81
CA TYR C 50 -39.00 -18.09 6.50
C TYR C 50 -38.10 -19.22 6.00
N ALA C 51 -38.71 -20.28 5.49
CA ALA C 51 -37.97 -21.38 4.86
C ALA C 51 -37.96 -21.12 3.35
N VAL C 52 -36.79 -20.77 2.82
CA VAL C 52 -36.66 -20.33 1.44
C VAL C 52 -36.00 -21.42 0.61
N THR C 53 -36.55 -21.66 -0.58
CA THR C 53 -36.02 -22.62 -1.52
C THR C 53 -35.96 -22.00 -2.90
N ILE C 54 -35.06 -22.51 -3.74
CA ILE C 54 -34.94 -22.03 -5.12
C ILE C 54 -36.19 -22.40 -5.89
N SER C 55 -36.79 -21.42 -6.55
CA SER C 55 -37.96 -21.63 -7.39
C SER C 55 -37.61 -21.32 -8.83
N LYS C 56 -37.94 -22.26 -9.74
CA LYS C 56 -37.64 -22.05 -11.15
C LYS C 56 -38.55 -20.99 -11.77
N GLY C 57 -39.79 -20.89 -11.30
CA GLY C 57 -40.68 -19.86 -11.82
C GLY C 57 -40.16 -18.46 -11.56
N LYS C 58 -39.71 -18.21 -10.33
CA LYS C 58 -39.15 -16.90 -10.01
C LYS C 58 -37.83 -16.66 -10.71
N CYS C 59 -37.03 -17.72 -10.94
CA CYS C 59 -35.81 -17.57 -11.71
C CYS C 59 -36.10 -17.12 -13.14
N PHE C 60 -37.09 -17.77 -13.78
CA PHE C 60 -37.47 -17.38 -15.13
C PHE C 60 -38.05 -15.97 -15.15
N TYR C 61 -38.87 -15.63 -14.16
CA TYR C 61 -39.42 -14.28 -14.07
C TYR C 61 -38.31 -13.24 -13.95
N SER C 62 -37.31 -13.51 -13.08
CA SER C 62 -36.19 -12.60 -12.94
C SER C 62 -35.42 -12.45 -14.24
N TYR C 63 -35.15 -13.57 -14.92
CA TYR C 63 -34.40 -13.51 -16.16
C TYR C 63 -35.13 -12.69 -17.23
N ILE C 64 -36.42 -12.96 -17.42
CA ILE C 64 -37.17 -12.23 -18.43
C ILE C 64 -37.32 -10.76 -18.04
N LEU C 65 -37.48 -10.47 -16.75
CA LEU C 65 -37.63 -9.08 -16.32
C LEU C 65 -36.35 -8.30 -16.58
N VAL C 66 -35.19 -8.84 -16.19
CA VAL C 66 -33.95 -8.11 -16.40
C VAL C 66 -33.63 -8.02 -17.89
N THR C 67 -33.96 -9.05 -18.68
CA THR C 67 -33.73 -8.97 -20.12
C THR C 67 -34.59 -7.89 -20.75
N PHE C 68 -35.87 -7.83 -20.38
CA PHE C 68 -36.75 -6.80 -20.91
C PHE C 68 -36.27 -5.40 -20.50
N LEU C 69 -35.86 -5.24 -19.24
CA LEU C 69 -35.40 -3.95 -18.77
C LEU C 69 -34.12 -3.52 -19.48
N VAL C 70 -33.20 -4.47 -19.71
CA VAL C 70 -31.95 -4.13 -20.40
C VAL C 70 -32.22 -3.79 -21.86
N ILE C 71 -33.13 -4.52 -22.52
CA ILE C 71 -33.48 -4.22 -23.90
C ILE C 71 -34.12 -2.83 -23.99
N CYS C 72 -35.03 -2.52 -23.07
CA CYS C 72 -35.67 -1.21 -23.07
C CYS C 72 -34.65 -0.11 -22.78
N THR C 73 -33.71 -0.36 -21.88
CA THR C 73 -32.69 0.63 -21.58
C THR C 73 -31.79 0.88 -22.78
N ILE C 74 -31.40 -0.16 -23.49
CA ILE C 74 -30.57 0.01 -24.69
C ILE C 74 -31.35 0.76 -25.77
N TYR C 75 -32.63 0.42 -25.94
CA TYR C 75 -33.44 1.12 -26.93
C TYR C 75 -33.58 2.60 -26.58
N GLY C 76 -33.80 2.91 -25.30
CA GLY C 76 -33.90 4.30 -24.89
C GLY C 76 -32.60 5.05 -25.04
N LEU C 77 -31.48 4.38 -24.76
CA LEU C 77 -30.18 5.00 -24.96
C LEU C 77 -29.95 5.32 -26.44
N VAL C 78 -30.32 4.39 -27.33
CA VAL C 78 -30.17 4.62 -28.75
C VAL C 78 -31.08 5.77 -29.21
N ALA C 79 -32.33 5.77 -28.75
CA ALA C 79 -33.28 6.80 -29.15
C ALA C 79 -32.87 8.17 -28.64
N GLU C 80 -32.24 8.24 -27.47
CA GLU C 80 -31.75 9.51 -26.95
C GLU C 80 -30.40 9.91 -27.54
N ILE C 81 -29.72 8.97 -28.18
CA ILE C 81 -28.47 9.28 -28.88
C ILE C 81 -28.74 9.61 -30.35
N GLY C 82 -29.58 8.83 -31.01
CA GLY C 82 -29.88 9.05 -32.42
C GLY C 82 -30.74 10.26 -32.71
N VAL C 83 -31.39 10.83 -31.69
CA VAL C 83 -32.19 12.03 -31.91
C VAL C 83 -31.30 13.22 -32.26
N GLY C 84 -30.13 13.30 -31.63
CA GLY C 84 -29.22 14.40 -31.87
C GLY C 84 -28.58 14.92 -30.60
N VAL C 85 -28.37 16.24 -30.54
CA VAL C 85 -27.76 16.86 -29.37
C VAL C 85 -28.66 17.96 -28.83
N GLU C 86 -29.07 18.87 -29.72
CA GLU C 86 -29.90 20.00 -29.29
C GLU C 86 -31.29 19.54 -28.88
N LYS C 87 -31.86 18.58 -29.61
CA LYS C 87 -33.23 18.16 -29.34
C LYS C 87 -33.33 17.38 -28.03
N SER C 88 -32.33 16.56 -27.72
CA SER C 88 -32.35 15.77 -26.51
C SER C 88 -32.21 16.65 -25.28
N VAL C 89 -32.96 16.34 -24.23
CA VAL C 89 -32.95 17.13 -23.01
C VAL C 89 -31.87 16.64 -22.04
N ARG C 90 -31.81 15.34 -21.80
CA ARG C 90 -30.83 14.79 -20.86
C ARG C 90 -29.41 15.00 -21.37
N MET C 91 -29.18 14.79 -22.66
CA MET C 91 -27.87 14.95 -23.27
C MET C 91 -27.85 16.24 -24.08
N SER C 92 -26.86 17.09 -23.81
CA SER C 92 -26.73 18.38 -24.47
C SER C 92 -25.41 18.57 -25.18
N SER C 93 -24.54 17.55 -25.22
CA SER C 93 -23.26 17.68 -25.89
C SER C 93 -22.76 16.29 -26.26
N ARG C 94 -21.76 16.26 -27.16
CA ARG C 94 -21.17 14.99 -27.55
C ARG C 94 -20.47 14.33 -26.35
N MET C 95 -19.77 15.11 -25.54
CA MET C 95 -19.15 14.56 -24.34
C MET C 95 -20.19 14.07 -23.36
N SER C 96 -21.29 14.82 -23.20
CA SER C 96 -22.38 14.38 -22.33
C SER C 96 -23.04 13.11 -22.86
N GLN C 97 -23.08 12.95 -24.18
CA GLN C 97 -23.66 11.73 -24.76
C GLN C 97 -22.84 10.51 -24.40
N VAL C 98 -21.51 10.62 -24.44
CA VAL C 98 -20.66 9.47 -24.15
C VAL C 98 -20.70 9.11 -22.68
N VAL C 99 -20.64 10.12 -21.80
CA VAL C 99 -20.60 9.84 -20.37
C VAL C 99 -21.94 9.30 -19.88
N SER C 100 -23.05 9.84 -20.41
CA SER C 100 -24.36 9.31 -20.04
C SER C 100 -24.56 7.90 -20.58
N ALA C 101 -24.06 7.64 -21.79
CA ALA C 101 -24.11 6.29 -22.33
C ALA C 101 -23.30 5.33 -21.47
N CYS C 102 -22.13 5.77 -21.01
CA CYS C 102 -21.32 4.93 -20.12
C CYS C 102 -22.03 4.69 -18.80
N ASP C 103 -22.69 5.72 -18.26
CA ASP C 103 -23.47 5.55 -17.03
C ASP C 103 -24.56 4.50 -17.22
N ILE C 104 -25.34 4.64 -18.31
CA ILE C 104 -26.43 3.70 -18.55
C ILE C 104 -25.89 2.29 -18.76
N LEU C 105 -24.79 2.16 -19.50
CA LEU C 105 -24.24 0.85 -19.78
C LEU C 105 -23.71 0.19 -18.52
N VAL C 106 -23.03 0.94 -17.66
CA VAL C 106 -22.49 0.33 -16.44
C VAL C 106 -23.62 -0.01 -15.47
N VAL C 107 -24.67 0.80 -15.42
CA VAL C 107 -25.81 0.46 -14.56
C VAL C 107 -26.51 -0.80 -15.09
N ALA C 108 -26.67 -0.91 -16.41
CA ALA C 108 -27.29 -2.09 -16.99
C ALA C 108 -26.42 -3.32 -16.76
N VAL C 109 -25.11 -3.18 -16.84
CA VAL C 109 -24.22 -4.30 -16.57
C VAL C 109 -24.31 -4.73 -15.12
N THR C 110 -24.38 -3.76 -14.20
CA THR C 110 -24.53 -4.09 -12.78
C THR C 110 -25.84 -4.83 -12.54
N ALA C 111 -26.94 -4.35 -13.13
CA ALA C 111 -28.22 -5.02 -12.96
C ALA C 111 -28.22 -6.41 -13.56
N GLY C 112 -27.58 -6.57 -14.72
CA GLY C 112 -27.51 -7.89 -15.34
C GLY C 112 -26.69 -8.87 -14.54
N VAL C 113 -25.57 -8.42 -13.99
CA VAL C 113 -24.76 -9.28 -13.13
C VAL C 113 -25.53 -9.63 -11.86
N GLY C 114 -26.28 -8.67 -11.31
CA GLY C 114 -27.03 -8.93 -10.10
C GLY C 114 -28.16 -9.91 -10.30
N VAL C 115 -28.89 -9.81 -11.41
CA VAL C 115 -30.08 -10.63 -11.61
C VAL C 115 -29.74 -11.97 -12.27
N TYR C 116 -28.88 -11.96 -13.29
CA TYR C 116 -28.53 -13.21 -13.96
C TYR C 116 -27.76 -14.14 -13.02
N GLY C 117 -26.89 -13.58 -12.19
CA GLY C 117 -26.16 -14.36 -11.21
C GLY C 117 -26.88 -14.59 -9.91
N ALA C 118 -28.14 -14.15 -9.80
CA ALA C 118 -28.89 -14.32 -8.56
C ALA C 118 -29.14 -15.78 -8.22
N PRO C 119 -29.62 -16.64 -9.14
CA PRO C 119 -29.90 -18.03 -8.74
C PRO C 119 -28.69 -18.78 -8.21
N ALA C 120 -27.50 -18.56 -8.78
CA ALA C 120 -26.30 -19.15 -8.22
C ALA C 120 -25.99 -18.55 -6.86
N ARG C 121 -26.14 -17.23 -6.73
CA ARG C 121 -25.90 -16.57 -5.46
C ARG C 121 -26.84 -17.08 -4.38
N MET C 122 -28.11 -17.32 -4.73
CA MET C 122 -29.05 -17.83 -3.75
C MET C 122 -28.77 -19.29 -3.38
N ARG C 123 -28.28 -20.08 -4.34
CA ARG C 123 -27.85 -21.44 -4.01
C ARG C 123 -26.71 -21.42 -3.01
N THR C 124 -25.70 -20.58 -3.26
CA THR C 124 -24.63 -20.41 -2.29
C THR C 124 -25.17 -19.91 -0.96
N MET C 125 -26.16 -19.02 -1.01
CA MET C 125 -26.75 -18.48 0.21
C MET C 125 -27.34 -19.58 1.07
N LEU C 126 -28.13 -20.49 0.47
CA LEU C 126 -28.66 -21.61 1.23
C LEU C 126 -27.53 -22.52 1.72
N SER C 127 -26.52 -22.73 0.88
CA SER C 127 -25.44 -23.64 1.22
C SER C 127 -24.69 -23.19 2.47
N TYR C 128 -24.45 -21.89 2.62
CA TYR C 128 -23.86 -21.45 3.88
C TYR C 128 -24.89 -21.12 4.95
N MET C 129 -26.17 -20.96 4.58
CA MET C 129 -27.17 -20.68 5.59
C MET C 129 -27.46 -21.88 6.46
N GLU C 130 -27.26 -23.09 5.93
CA GLU C 130 -27.38 -24.26 6.80
C GLU C 130 -26.35 -24.21 7.94
N ASN C 131 -25.10 -23.84 7.61
CA ASN C 131 -24.07 -23.73 8.63
C ASN C 131 -24.33 -22.55 9.56
N ILE C 132 -24.87 -21.45 9.02
CA ILE C 132 -25.27 -20.33 9.86
C ILE C 132 -26.35 -20.74 10.84
N VAL C 133 -27.29 -21.57 10.40
CA VAL C 133 -28.33 -22.06 11.30
C VAL C 133 -27.71 -22.90 12.40
N ALA C 134 -26.76 -23.77 12.04
CA ALA C 134 -26.07 -24.57 13.06
C ALA C 134 -25.34 -23.67 14.07
N VAL C 135 -24.63 -22.66 13.58
CA VAL C 135 -23.89 -21.76 14.46
C VAL C 135 -24.83 -21.00 15.38
N ASP C 136 -25.94 -20.49 14.84
CA ASP C 136 -26.91 -19.78 15.65
C ASP C 136 -27.52 -20.69 16.71
N ARG C 137 -27.76 -21.95 16.37
CA ARG C 137 -28.24 -22.90 17.37
C ARG C 137 -27.21 -23.10 18.47
N GLU C 138 -25.93 -23.20 18.10
CA GLU C 138 -24.89 -23.38 19.11
C GLU C 138 -24.75 -22.14 20.00
N LEU C 139 -24.81 -20.95 19.41
CA LEU C 139 -24.66 -19.71 20.18
C LEU C 139 -25.97 -19.29 20.83
N GLY C 140 -27.01 -19.09 20.02
CA GLY C 140 -28.28 -18.63 20.52
C GLY C 140 -28.67 -17.28 19.96
N ARG C 141 -29.63 -17.28 19.03
CA ARG C 141 -30.14 -16.07 18.38
C ARG C 141 -29.04 -15.34 17.62
N HIS C 142 -29.41 -14.27 16.93
CA HIS C 142 -28.46 -13.35 16.29
C HIS C 142 -28.75 -11.90 16.62
N HIS C 143 -30.02 -11.52 16.68
CA HIS C 143 -30.44 -10.17 17.02
C HIS C 143 -31.63 -10.25 17.96
N SER C 144 -31.82 -9.21 18.74
CA SER C 144 -33.07 -9.07 19.48
C SER C 144 -34.16 -8.55 18.55
N ALA C 145 -35.40 -8.61 19.03
CA ALA C 145 -36.51 -8.12 18.23
C ALA C 145 -36.40 -6.61 17.99
N ALA C 146 -35.97 -5.86 19.01
CA ALA C 146 -35.88 -4.40 18.86
C ALA C 146 -34.86 -4.02 17.81
N THR C 147 -33.67 -4.64 17.85
CA THR C 147 -32.64 -4.27 16.88
C THR C 147 -32.97 -4.81 15.49
N GLU C 148 -33.68 -5.93 15.40
CA GLU C 148 -34.14 -6.41 14.10
C GLU C 148 -35.14 -5.42 13.49
N ARG C 149 -36.06 -4.91 14.31
CA ARG C 149 -36.99 -3.90 13.83
C ARG C 149 -36.26 -2.62 13.44
N LYS C 150 -35.23 -2.25 14.22
CA LYS C 150 -34.44 -1.06 13.87
C LYS C 150 -33.72 -1.23 12.54
N LEU C 151 -33.15 -2.41 12.29
CA LEU C 151 -32.47 -2.66 11.02
C LEU C 151 -33.46 -2.68 9.86
N CYS C 152 -34.63 -3.27 10.07
CA CYS C 152 -35.66 -3.23 9.03
C CYS C 152 -36.10 -1.81 8.73
N ALA C 153 -36.25 -0.99 9.78
CA ALA C 153 -36.63 0.40 9.59
C ALA C 153 -35.54 1.17 8.85
N LEU C 154 -34.26 0.91 9.16
CA LEU C 154 -33.17 1.57 8.45
C LEU C 154 -33.14 1.17 6.98
N LEU C 155 -33.33 -0.13 6.70
CA LEU C 155 -33.39 -0.58 5.31
C LEU C 155 -34.55 0.07 4.56
N LEU C 156 -35.71 0.13 5.19
CA LEU C 156 -36.87 0.75 4.57
C LEU C 156 -36.64 2.24 4.34
N LEU C 157 -36.00 2.91 5.30
CA LEU C 157 -35.71 4.33 5.14
C LEU C 157 -34.78 4.56 3.97
N ILE C 158 -33.72 3.76 3.86
CA ILE C 158 -32.79 3.93 2.74
C ILE C 158 -33.48 3.66 1.41
N LEU C 159 -34.27 2.58 1.35
CA LEU C 159 -34.95 2.23 0.11
C LEU C 159 -35.96 3.30 -0.30
N LEU C 160 -36.73 3.81 0.66
CA LEU C 160 -37.72 4.84 0.36
C LEU C 160 -37.05 6.16 -0.02
N SER C 161 -35.93 6.50 0.62
CA SER C 161 -35.21 7.71 0.24
C SER C 161 -34.72 7.61 -1.20
N PHE C 162 -34.13 6.46 -1.56
CA PHE C 162 -33.66 6.30 -2.93
C PHE C 162 -34.81 6.29 -3.92
N THR C 163 -35.92 5.65 -3.57
CA THR C 163 -37.07 5.62 -4.48
C THR C 163 -37.65 7.01 -4.67
N ILE C 164 -37.73 7.80 -3.60
CA ILE C 164 -38.23 9.17 -3.71
C ILE C 164 -37.30 10.01 -4.58
N LEU C 165 -35.98 9.85 -4.39
CA LEU C 165 -35.05 10.61 -5.22
C LEU C 165 -35.16 10.20 -6.69
N LEU C 166 -35.30 8.90 -6.96
CA LEU C 166 -35.45 8.44 -8.33
C LEU C 166 -36.72 8.98 -8.96
N VAL C 167 -37.83 8.94 -8.23
CA VAL C 167 -39.10 9.44 -8.75
C VAL C 167 -39.01 10.94 -9.00
N ASP C 168 -38.38 11.68 -8.09
CA ASP C 168 -38.24 13.12 -8.27
C ASP C 168 -37.37 13.44 -9.49
N ASP C 169 -36.27 12.70 -9.66
CA ASP C 169 -35.42 12.91 -10.83
C ASP C 169 -36.17 12.62 -12.12
N PHE C 170 -36.93 11.53 -12.14
CA PHE C 170 -37.70 11.18 -13.33
C PHE C 170 -38.74 12.26 -13.64
N CYS C 171 -39.44 12.73 -12.60
CA CYS C 171 -40.47 13.75 -12.80
C CYS C 171 -39.86 15.05 -13.28
N PHE C 172 -38.71 15.45 -12.71
CA PHE C 172 -38.06 16.68 -13.14
C PHE C 172 -37.62 16.58 -14.59
N TYR C 173 -36.99 15.47 -14.97
CA TYR C 173 -36.51 15.34 -16.34
C TYR C 173 -37.66 15.20 -17.32
N ALA C 174 -38.80 14.66 -16.89
CA ALA C 174 -39.96 14.58 -17.76
C ALA C 174 -40.62 15.94 -17.94
N MET C 175 -40.75 16.71 -16.86
CA MET C 175 -41.36 18.03 -16.95
C MET C 175 -40.48 19.00 -17.73
N GLN C 176 -39.16 18.87 -17.60
CA GLN C 176 -38.25 19.71 -18.38
C GLN C 176 -38.43 19.45 -19.87
N ALA C 177 -38.58 18.18 -20.26
CA ALA C 177 -38.85 17.84 -21.65
C ALA C 177 -40.27 18.15 -22.08
N GLY C 178 -41.18 18.39 -21.13
CA GLY C 178 -42.55 18.70 -21.48
C GLY C 178 -42.72 20.02 -22.19
N LYS C 179 -41.78 20.95 -21.99
CA LYS C 179 -41.84 22.23 -22.71
C LYS C 179 -41.68 22.01 -24.20
N THR C 180 -40.72 21.18 -24.61
CA THR C 180 -40.51 20.91 -26.03
C THR C 180 -41.69 20.16 -26.63
N GLY C 181 -42.21 19.18 -25.90
CA GLY C 181 -43.33 18.38 -26.40
C GLY C 181 -43.11 16.89 -26.27
N ARG C 182 -41.85 16.50 -26.07
CA ARG C 182 -41.50 15.09 -25.90
C ARG C 182 -41.57 14.67 -24.44
N GLN C 183 -42.72 14.92 -23.81
CA GLN C 183 -42.91 14.58 -22.41
C GLN C 183 -42.95 13.07 -22.19
N TRP C 184 -43.32 12.29 -23.21
CA TRP C 184 -43.39 10.85 -23.10
C TRP C 184 -42.18 10.13 -23.65
N GLU C 185 -41.44 10.75 -24.56
CA GLU C 185 -40.25 10.09 -25.13
C GLU C 185 -39.19 9.87 -24.06
N ILE C 186 -38.96 10.87 -23.21
CA ILE C 186 -38.00 10.71 -22.12
C ILE C 186 -38.46 9.62 -21.16
N VAL C 187 -39.76 9.57 -20.88
CA VAL C 187 -40.31 8.55 -20.00
C VAL C 187 -40.05 7.15 -20.57
N THR C 188 -40.35 6.98 -21.86
CA THR C 188 -40.14 5.69 -22.49
C THR C 188 -38.66 5.32 -22.54
N ASN C 189 -37.79 6.32 -22.72
CA ASN C 189 -36.36 6.04 -22.82
C ASN C 189 -35.69 5.80 -21.47
N TYR C 190 -36.27 6.25 -20.36
CA TYR C 190 -35.60 6.17 -19.08
C TYR C 190 -36.34 5.38 -18.00
N ALA C 191 -37.54 4.86 -18.29
CA ALA C 191 -38.22 4.01 -17.31
C ALA C 191 -37.39 2.78 -16.99
N GLY C 192 -36.88 2.10 -18.03
CA GLY C 192 -36.05 0.94 -17.80
C GLY C 192 -34.76 1.27 -17.07
N PHE C 193 -34.17 2.43 -17.40
CA PHE C 193 -32.96 2.85 -16.70
C PHE C 193 -33.21 3.05 -15.22
N TYR C 194 -34.33 3.68 -14.86
CA TYR C 194 -34.60 3.91 -13.44
C TYR C 194 -34.98 2.63 -12.72
N PHE C 195 -35.66 1.71 -13.41
CA PHE C 195 -35.89 0.39 -12.82
C PHE C 195 -34.58 -0.34 -12.56
N LEU C 196 -33.63 -0.23 -13.48
CA LEU C 196 -32.32 -0.83 -13.27
C LEU C 196 -31.59 -0.16 -12.10
N TRP C 197 -31.73 1.16 -11.95
CA TRP C 197 -31.19 1.85 -10.78
C TRP C 197 -31.74 1.25 -9.49
N TYR C 198 -33.07 1.07 -9.45
CA TYR C 198 -33.70 0.49 -8.26
C TYR C 198 -33.16 -0.91 -8.00
N ILE C 199 -33.03 -1.72 -9.05
CA ILE C 199 -32.51 -3.08 -8.89
C ILE C 199 -31.10 -3.05 -8.33
N VAL C 200 -30.26 -2.15 -8.84
CA VAL C 200 -28.87 -2.08 -8.39
C VAL C 200 -28.79 -1.70 -6.92
N MET C 201 -29.57 -0.71 -6.49
CA MET C 201 -29.50 -0.34 -5.08
C MET C 201 -30.12 -1.40 -4.18
N VAL C 202 -31.13 -2.12 -4.67
CA VAL C 202 -31.68 -3.23 -3.88
C VAL C 202 -30.62 -4.32 -3.71
N LEU C 203 -29.83 -4.56 -4.76
CA LEU C 203 -28.73 -5.53 -4.65
C LEU C 203 -27.69 -5.06 -3.65
N GLU C 204 -27.37 -3.76 -3.66
CA GLU C 204 -26.43 -3.23 -2.67
C GLU C 204 -26.95 -3.44 -1.26
N LEU C 205 -28.22 -3.14 -1.03
CA LEU C 205 -28.81 -3.33 0.30
C LEU C 205 -28.81 -4.79 0.70
N GLN C 206 -29.08 -5.69 -0.25
CA GLN C 206 -29.08 -7.12 0.04
C GLN C 206 -27.70 -7.59 0.51
N PHE C 207 -26.65 -7.19 -0.23
CA PHE C 207 -25.30 -7.55 0.21
C PHE C 207 -24.98 -6.95 1.57
N ALA C 208 -25.34 -5.68 1.77
CA ALA C 208 -25.01 -5.01 3.02
C ALA C 208 -25.66 -5.71 4.20
N PHE C 209 -26.91 -6.12 4.06
CA PHE C 209 -27.59 -6.74 5.19
C PHE C 209 -27.18 -8.20 5.40
N THR C 210 -26.81 -8.91 4.34
CA THR C 210 -26.19 -10.22 4.54
C THR C 210 -24.89 -10.07 5.34
N ALA C 211 -24.05 -9.10 4.97
CA ALA C 211 -22.82 -8.87 5.70
C ALA C 211 -23.09 -8.45 7.13
N LEU C 212 -24.15 -7.66 7.35
CA LEU C 212 -24.48 -7.21 8.70
C LEU C 212 -24.93 -8.38 9.57
N SER C 213 -25.73 -9.30 9.03
CA SER C 213 -26.13 -10.47 9.80
C SER C 213 -24.92 -11.33 10.16
N LEU C 214 -24.02 -11.53 9.19
CA LEU C 214 -22.81 -12.30 9.49
C LEU C 214 -21.96 -11.60 10.55
N ARG C 215 -21.87 -10.28 10.48
CA ARG C 215 -21.12 -9.53 11.48
C ARG C 215 -21.76 -9.63 12.85
N ALA C 216 -23.09 -9.69 12.92
CA ALA C 216 -23.76 -9.90 14.19
C ALA C 216 -23.40 -11.27 14.78
N ARG C 217 -23.37 -12.29 13.92
CA ARG C 217 -22.97 -13.61 14.40
C ARG C 217 -21.52 -13.60 14.90
N LEU C 218 -20.63 -12.90 14.19
CA LEU C 218 -19.24 -12.80 14.64
C LEU C 218 -19.14 -12.06 15.97
N LYS C 219 -19.96 -11.02 16.15
CA LYS C 219 -19.99 -10.30 17.42
C LYS C 219 -20.46 -11.21 18.55
N LEU C 220 -21.44 -12.07 18.29
CA LEU C 220 -21.87 -13.03 19.30
C LEU C 220 -20.76 -14.03 19.62
N PHE C 221 -19.98 -14.42 18.60
CA PHE C 221 -18.84 -15.30 18.84
C PHE C 221 -17.80 -14.63 19.74
N ASN C 222 -17.52 -13.35 19.49
CA ASN C 222 -16.60 -12.62 20.35
C ASN C 222 -17.15 -12.51 21.77
N GLU C 223 -18.46 -12.30 21.91
CA GLU C 223 -19.06 -12.26 23.24
C GLU C 223 -18.90 -13.60 23.96
N ALA C 224 -19.04 -14.71 23.22
CA ALA C 224 -18.85 -16.03 23.83
C ALA C 224 -17.41 -16.23 24.27
N LEU C 225 -16.44 -15.77 23.47
CA LEU C 225 -15.05 -15.83 23.91
C LEU C 225 -14.82 -15.01 25.18
N ASN C 226 -15.39 -13.80 25.22
CA ASN C 226 -15.24 -12.98 26.42
C ASN C 226 -15.88 -13.66 27.63
N VAL C 227 -16.99 -14.36 27.41
CA VAL C 227 -17.66 -15.05 28.51
C VAL C 227 -16.81 -16.20 29.02
N THR C 228 -16.24 -17.00 28.11
CA THR C 228 -15.36 -18.07 28.57
C THR C 228 -14.08 -17.51 29.20
N ALA C 229 -13.73 -16.27 28.90
CA ALA C 229 -12.70 -15.58 29.67
C ALA C 229 -13.18 -15.28 31.08
N SER C 230 -14.42 -14.82 31.22
CA SER C 230 -14.94 -14.42 32.51
C SER C 230 -14.95 -15.57 33.51
N GLN C 231 -15.11 -16.80 33.03
CA GLN C 231 -15.06 -18.00 33.86
C GLN C 231 -16.13 -17.94 34.96
N VAL C 232 -17.39 -17.96 34.53
CA VAL C 232 -18.51 -17.96 35.46
C VAL C 232 -18.88 -19.40 35.79
N CYS C 233 -19.22 -20.17 34.76
CA CYS C 233 -19.59 -21.57 34.90
C CYS C 233 -20.74 -21.77 35.90
N PHE C 275 -25.14 -25.41 22.69
CA PHE C 275 -25.55 -24.88 23.97
C PHE C 275 -24.36 -24.31 24.75
N VAL C 276 -23.33 -23.89 24.02
CA VAL C 276 -22.16 -23.28 24.66
C VAL C 276 -22.56 -21.98 25.35
N MET C 277 -23.32 -21.14 24.67
CA MET C 277 -23.69 -19.83 25.16
C MET C 277 -25.16 -19.80 25.51
N MET C 278 -25.48 -19.20 26.66
CA MET C 278 -26.86 -19.04 27.10
C MET C 278 -27.06 -17.62 27.61
N LYS C 279 -28.32 -17.18 27.59
CA LYS C 279 -28.65 -15.83 28.01
C LYS C 279 -29.51 -15.84 29.26
N PRO C 285 -22.58 -13.59 30.36
CA PRO C 285 -23.40 -14.56 31.08
C PRO C 285 -22.59 -15.74 31.61
N CYS C 286 -23.13 -16.95 31.45
CA CYS C 286 -22.51 -18.16 31.96
C CYS C 286 -22.08 -19.06 30.80
N LEU C 287 -21.49 -20.21 31.16
CA LEU C 287 -20.97 -21.16 30.18
C LEU C 287 -21.30 -22.55 30.65
N GLN C 288 -22.07 -23.30 29.84
CA GLN C 288 -22.48 -24.64 30.22
C GLN C 288 -21.28 -25.59 30.23
N VAL C 289 -20.50 -25.58 29.16
CA VAL C 289 -19.38 -26.51 28.99
C VAL C 289 -18.13 -25.90 29.63
N PRO C 290 -17.14 -26.72 30.01
CA PRO C 290 -15.90 -26.18 30.54
C PRO C 290 -15.16 -25.38 29.47
N PRO C 291 -14.31 -24.43 29.88
CA PRO C 291 -13.64 -23.58 28.88
C PRO C 291 -12.73 -24.34 27.95
N CYS C 292 -12.29 -25.55 28.31
CA CYS C 292 -11.39 -26.31 27.44
C CYS C 292 -12.07 -26.66 26.12
N GLU C 293 -13.26 -27.27 26.19
CA GLU C 293 -13.97 -27.64 24.98
C GLU C 293 -14.75 -26.48 24.37
N ALA C 294 -15.12 -25.49 25.17
CA ALA C 294 -15.79 -24.31 24.64
C ALA C 294 -14.89 -23.60 23.63
N VAL C 295 -13.59 -23.53 23.91
CA VAL C 295 -12.67 -22.86 22.99
C VAL C 295 -12.54 -23.63 21.68
N GLY C 296 -12.54 -24.97 21.76
CA GLY C 296 -12.51 -25.75 20.53
C GLY C 296 -13.77 -25.58 19.70
N ARG C 297 -14.93 -25.59 20.36
CA ARG C 297 -16.18 -25.36 19.64
C ARG C 297 -16.22 -23.96 19.03
N LEU C 298 -15.69 -22.97 19.76
CA LEU C 298 -15.63 -21.61 19.21
C LEU C 298 -14.66 -21.52 18.04
N SER C 299 -13.55 -22.27 18.06
CA SER C 299 -12.65 -22.29 16.92
C SER C 299 -13.33 -22.90 15.70
N ARG C 300 -14.07 -23.98 15.90
CA ARG C 300 -14.83 -24.56 14.78
C ARG C 300 -15.85 -23.57 14.24
N MET C 301 -16.56 -22.87 15.14
CA MET C 301 -17.54 -21.89 14.70
C MET C 301 -16.88 -20.73 13.97
N ARG C 302 -15.68 -20.31 14.39
CA ARG C 302 -15.01 -19.23 13.69
C ARG C 302 -14.56 -19.68 12.29
N CYS C 303 -14.13 -20.94 12.15
CA CYS C 303 -13.82 -21.43 10.82
C CYS C 303 -15.07 -21.47 9.94
N THR C 304 -16.21 -21.86 10.53
CA THR C 304 -17.47 -21.81 9.78
C THR C 304 -17.80 -20.40 9.34
N LEU C 305 -17.61 -19.42 10.25
CA LEU C 305 -17.89 -18.02 9.91
C LEU C 305 -16.95 -17.52 8.82
N CYS C 306 -15.68 -17.92 8.86
CA CYS C 306 -14.75 -17.54 7.80
C CYS C 306 -15.18 -18.14 6.46
N GLU C 307 -15.60 -19.40 6.46
CA GLU C 307 -16.09 -20.01 5.23
C GLU C 307 -17.31 -19.26 4.69
N VAL C 308 -18.22 -18.88 5.58
CA VAL C 308 -19.42 -18.16 5.15
C VAL C 308 -19.06 -16.78 4.60
N THR C 309 -18.13 -16.08 5.23
CA THR C 309 -17.69 -14.79 4.72
C THR C 309 -17.05 -14.93 3.34
N ARG C 310 -16.24 -15.98 3.16
CA ARG C 310 -15.65 -16.23 1.84
C ARG C 310 -16.72 -16.52 0.81
N HIS C 311 -17.76 -17.28 1.19
CA HIS C 311 -18.84 -17.56 0.26
C HIS C 311 -19.58 -16.30 -0.13
N ILE C 312 -19.85 -15.41 0.84
CA ILE C 312 -20.53 -14.15 0.56
C ILE C 312 -19.68 -13.29 -0.38
N ALA C 313 -18.38 -13.21 -0.10
CA ALA C 313 -17.49 -12.43 -0.95
C ALA C 313 -17.44 -13.00 -2.35
N ASP C 314 -17.39 -14.33 -2.49
CA ASP C 314 -17.40 -14.94 -3.81
C ASP C 314 -18.70 -14.65 -4.55
N GLY C 315 -19.83 -14.72 -3.84
CA GLY C 315 -21.10 -14.47 -4.48
C GLY C 315 -21.27 -13.03 -4.94
N TYR C 316 -20.75 -12.08 -4.16
CA TYR C 316 -20.99 -10.67 -4.44
C TYR C 316 -19.77 -9.94 -5.01
N GLY C 317 -18.70 -10.65 -5.35
CA GLY C 317 -17.50 -9.98 -5.83
C GLY C 317 -17.66 -9.17 -7.10
N LEU C 318 -18.18 -9.78 -8.16
CA LEU C 318 -18.37 -9.05 -9.40
C LEU C 318 -19.36 -7.90 -9.25
N PRO C 319 -20.56 -8.09 -8.66
CA PRO C 319 -21.43 -6.92 -8.45
C PRO C 319 -20.77 -5.83 -7.64
N LEU C 320 -20.00 -6.18 -6.60
CA LEU C 320 -19.37 -5.16 -5.77
C LEU C 320 -18.30 -4.41 -6.55
N VAL C 321 -17.53 -5.11 -7.38
CA VAL C 321 -16.50 -4.44 -8.17
C VAL C 321 -17.14 -3.48 -9.17
N ILE C 322 -18.20 -3.92 -9.85
CA ILE C 322 -18.87 -3.03 -10.80
C ILE C 322 -19.54 -1.86 -10.07
N ILE C 323 -20.05 -2.10 -8.86
CA ILE C 323 -20.66 -1.04 -8.06
C ILE C 323 -19.61 -0.02 -7.66
N LEU C 324 -18.42 -0.48 -7.28
CA LEU C 324 -17.34 0.45 -6.94
C LEU C 324 -16.90 1.26 -8.16
N MET C 325 -16.84 0.62 -9.33
CA MET C 325 -16.52 1.37 -10.54
C MET C 325 -17.58 2.42 -10.84
N SER C 326 -18.85 2.05 -10.68
CA SER C 326 -19.93 3.01 -10.88
C SER C 326 -19.85 4.14 -9.87
N THR C 327 -19.47 3.83 -8.63
CA THR C 327 -19.31 4.87 -7.61
C THR C 327 -18.20 5.84 -7.98
N LEU C 328 -17.07 5.31 -8.47
CA LEU C 328 -16.00 6.18 -8.97
C LEU C 328 -16.52 7.09 -10.08
N LEU C 329 -17.18 6.50 -11.08
CA LEU C 329 -17.65 7.28 -12.22
C LEU C 329 -18.63 8.36 -11.78
N HIS C 330 -19.55 8.02 -10.87
CA HIS C 330 -20.58 8.97 -10.47
C HIS C 330 -20.00 10.06 -9.57
N LEU C 331 -19.11 9.70 -8.64
CA LEU C 331 -18.48 10.70 -7.79
C LEU C 331 -17.52 11.58 -8.58
N ILE C 332 -17.11 11.16 -9.78
CA ILE C 332 -16.35 12.06 -10.64
C ILE C 332 -17.27 12.94 -11.48
N VAL C 333 -18.37 12.40 -11.97
CA VAL C 333 -19.19 13.09 -12.96
C VAL C 333 -20.21 14.02 -12.31
N THR C 334 -21.00 13.51 -11.36
CA THR C 334 -22.05 14.34 -10.75
C THR C 334 -21.50 15.58 -10.07
N PRO C 335 -20.45 15.51 -9.24
CA PRO C 335 -19.87 16.77 -8.73
C PRO C 335 -19.34 17.66 -9.82
N TYR C 336 -18.81 17.10 -10.92
CA TYR C 336 -18.28 17.92 -12.00
C TYR C 336 -19.38 18.79 -12.60
N PHE C 337 -20.52 18.19 -12.96
CA PHE C 337 -21.60 18.96 -13.54
C PHE C 337 -22.29 19.84 -12.50
N LEU C 338 -22.29 19.41 -11.23
CA LEU C 338 -22.81 20.26 -10.17
C LEU C 338 -22.01 21.54 -10.05
N ILE C 339 -20.68 21.45 -10.13
CA ILE C 339 -19.84 22.63 -10.09
C ILE C 339 -19.99 23.45 -11.36
N MET C 340 -20.07 22.78 -12.51
CA MET C 340 -20.23 23.48 -13.78
C MET C 340 -21.53 24.26 -13.83
N GLU C 341 -22.56 23.79 -13.12
CA GLU C 341 -23.82 24.50 -13.04
C GLU C 341 -23.85 25.56 -11.95
N ILE C 342 -22.77 25.70 -11.18
CA ILE C 342 -22.67 26.70 -10.13
C ILE C 342 -21.89 27.92 -10.60
N ILE C 343 -20.66 27.70 -11.07
CA ILE C 343 -19.80 28.83 -11.41
C ILE C 343 -20.29 29.54 -12.66
N VAL C 344 -20.78 28.78 -13.65
CA VAL C 344 -21.21 29.38 -14.90
C VAL C 344 -22.52 30.14 -14.71
N SER C 345 -23.58 29.43 -14.38
CA SER C 345 -24.89 30.02 -14.11
C SER C 345 -25.78 28.94 -13.52
N THR C 346 -26.49 29.28 -12.44
CA THR C 346 -27.35 28.29 -11.78
C THR C 346 -28.69 28.19 -12.50
N HIS C 347 -29.49 29.25 -12.44
CA HIS C 347 -30.75 29.40 -13.17
C HIS C 347 -31.72 28.24 -12.93
N ARG C 348 -31.41 27.34 -12.00
CA ARG C 348 -32.20 26.11 -11.83
C ARG C 348 -31.98 25.62 -10.40
N LEU C 349 -32.96 25.86 -9.54
CA LEU C 349 -32.87 25.37 -8.16
C LEU C 349 -33.08 23.87 -8.11
N HIS C 350 -34.06 23.37 -8.87
CA HIS C 350 -34.40 21.95 -8.81
C HIS C 350 -33.24 21.09 -9.29
N PHE C 351 -32.59 21.48 -10.39
CA PHE C 351 -31.46 20.71 -10.91
C PHE C 351 -30.30 20.69 -9.92
N LEU C 352 -30.01 21.84 -9.30
CA LEU C 352 -28.92 21.90 -8.34
C LEU C 352 -29.21 21.04 -7.12
N VAL C 353 -30.44 21.10 -6.62
CA VAL C 353 -30.83 20.28 -5.47
C VAL C 353 -30.73 18.81 -5.82
N LEU C 354 -31.20 18.43 -7.03
CA LEU C 354 -31.12 17.04 -7.44
C LEU C 354 -29.69 16.56 -7.57
N GLN C 355 -28.80 17.41 -8.08
CA GLN C 355 -27.39 17.02 -8.19
C GLN C 355 -26.75 16.85 -6.82
N PHE C 356 -27.06 17.75 -5.89
CA PHE C 356 -26.55 17.59 -4.52
C PHE C 356 -27.07 16.30 -3.89
N LEU C 357 -28.35 16.01 -4.07
CA LEU C 357 -28.94 14.80 -3.52
C LEU C 357 -28.34 13.56 -4.16
N TRP C 358 -28.01 13.63 -5.46
CA TRP C 358 -27.41 12.49 -6.13
C TRP C 358 -25.97 12.25 -5.66
N CYS C 359 -25.22 13.34 -5.42
CA CYS C 359 -23.90 13.17 -4.83
C CYS C 359 -23.99 12.54 -3.45
N THR C 360 -24.93 13.02 -2.63
CA THR C 360 -25.13 12.43 -1.30
C THR C 360 -25.52 10.97 -1.42
N THR C 361 -26.36 10.63 -2.39
CA THR C 361 -26.81 9.25 -2.57
C THR C 361 -25.67 8.35 -3.02
N HIS C 362 -24.80 8.84 -3.90
CA HIS C 362 -23.65 8.05 -4.31
C HIS C 362 -22.71 7.81 -3.13
N LEU C 363 -22.48 8.83 -2.32
CA LEU C 363 -21.67 8.64 -1.11
C LEU C 363 -22.33 7.65 -0.16
N ILE C 364 -23.66 7.73 -0.02
CA ILE C 364 -24.38 6.81 0.85
C ILE C 364 -24.30 5.38 0.33
N ARG C 365 -24.38 5.21 -0.99
CA ARG C 365 -24.26 3.88 -1.57
C ARG C 365 -22.87 3.29 -1.33
N MET C 366 -21.83 4.10 -1.52
CA MET C 366 -20.48 3.64 -1.21
C MET C 366 -20.34 3.27 0.25
N LEU C 367 -20.93 4.07 1.14
CA LEU C 367 -20.88 3.77 2.57
C LEU C 367 -21.63 2.48 2.89
N VAL C 368 -22.78 2.27 2.27
CA VAL C 368 -23.58 1.08 2.49
C VAL C 368 -22.79 -0.15 2.06
N VAL C 369 -22.05 -0.02 0.96
CA VAL C 369 -21.21 -1.12 0.49
C VAL C 369 -20.07 -1.39 1.47
N VAL C 370 -19.39 -0.33 1.91
CA VAL C 370 -18.11 -0.50 2.59
C VAL C 370 -18.30 -0.81 4.08
N GLU C 371 -19.21 -0.12 4.74
CA GLU C 371 -19.32 -0.05 6.19
C GLU C 371 -19.50 -1.40 6.89
N PRO C 372 -20.40 -2.30 6.41
CA PRO C 372 -20.51 -3.61 7.06
C PRO C 372 -19.22 -4.42 7.01
N CYS C 373 -18.47 -4.28 5.91
CA CYS C 373 -17.18 -4.95 5.82
C CYS C 373 -16.20 -4.39 6.84
N HIS C 374 -16.20 -3.06 7.02
CA HIS C 374 -15.35 -2.46 8.05
C HIS C 374 -15.75 -2.96 9.44
N TYR C 375 -17.05 -3.10 9.68
CA TYR C 375 -17.49 -3.60 10.98
C TYR C 375 -17.06 -5.05 11.20
N THR C 376 -17.11 -5.86 10.14
CA THR C 376 -16.63 -7.24 10.25
C THR C 376 -15.13 -7.27 10.56
N ILE C 377 -14.35 -6.43 9.89
CA ILE C 377 -12.91 -6.36 10.17
C ILE C 377 -12.67 -5.91 11.60
N ARG C 378 -13.47 -4.95 12.08
CA ARG C 378 -13.33 -4.49 13.47
C ARG C 378 -13.67 -5.61 14.45
N GLU C 379 -14.67 -6.43 14.12
CA GLU C 379 -14.98 -7.59 14.97
C GLU C 379 -13.84 -8.59 14.98
N GLY C 380 -13.18 -8.78 13.84
CA GLY C 380 -11.99 -9.64 13.84
C GLY C 380 -10.87 -9.10 14.70
N LYS C 381 -10.63 -7.78 14.65
CA LYS C 381 -9.65 -7.18 15.53
C LYS C 381 -10.05 -7.36 16.99
N ARG C 382 -11.35 -7.24 17.28
CA ARG C 382 -11.81 -7.41 18.65
C ARG C 382 -11.59 -8.84 19.14
N THR C 383 -11.82 -9.83 18.27
CA THR C 383 -11.58 -11.21 18.71
C THR C 383 -10.09 -11.47 18.88
N GLU C 384 -9.24 -10.80 18.11
CA GLU C 384 -7.80 -10.88 18.36
C GLU C 384 -7.46 -10.35 19.75
N ASP C 385 -8.02 -9.21 20.11
CA ASP C 385 -7.76 -8.63 21.43
C ASP C 385 -8.28 -9.54 22.55
N ILE C 386 -9.48 -10.10 22.36
CA ILE C 386 -10.05 -11.00 23.36
C ILE C 386 -9.17 -12.23 23.52
N LEU C 387 -8.67 -12.76 22.41
CA LEU C 387 -7.80 -13.94 22.49
C LEU C 387 -6.49 -13.62 23.21
N CYS C 388 -5.93 -12.42 22.98
CA CYS C 388 -4.73 -12.04 23.70
C CYS C 388 -4.99 -11.97 25.20
N ARG C 389 -6.11 -11.35 25.59
CA ARG C 389 -6.46 -11.27 27.00
C ARG C 389 -6.67 -12.66 27.60
N LEU C 390 -7.28 -13.56 26.83
CA LEU C 390 -7.41 -14.95 27.25
C LEU C 390 -6.06 -15.60 27.48
N MET C 391 -5.14 -15.42 26.54
CA MET C 391 -3.86 -16.10 26.60
C MET C 391 -3.02 -15.60 27.77
N THR C 392 -3.15 -14.32 28.14
CA THR C 392 -2.46 -13.85 29.34
C THR C 392 -2.98 -14.57 30.58
N LEU C 393 -4.28 -14.77 30.68
CA LEU C 393 -4.89 -15.51 31.78
C LEU C 393 -4.76 -17.01 31.54
N ALA C 394 -5.52 -17.80 32.30
CA ALA C 394 -5.61 -19.25 32.16
C ALA C 394 -4.35 -19.93 32.66
N PRO C 395 -4.46 -21.13 33.25
CA PRO C 395 -3.27 -21.83 33.74
C PRO C 395 -2.27 -22.04 32.60
N HIS C 396 -0.99 -21.88 32.95
CA HIS C 396 0.04 -21.76 31.92
C HIS C 396 0.25 -23.08 31.19
N GLY C 397 0.39 -24.17 31.91
CA GLY C 397 0.61 -25.46 31.32
C GLY C 397 -0.63 -26.29 31.07
N GLY C 398 -1.81 -25.72 31.24
CA GLY C 398 -3.04 -26.48 31.13
C GLY C 398 -3.44 -26.74 29.69
N VAL C 399 -4.50 -27.54 29.54
CA VAL C 399 -5.03 -27.85 28.21
C VAL C 399 -5.75 -26.66 27.59
N LEU C 400 -6.27 -25.74 28.41
CA LEU C 400 -6.90 -24.54 27.86
C LEU C 400 -5.89 -23.67 27.13
N SER C 401 -4.64 -23.63 27.64
CA SER C 401 -3.61 -22.82 26.99
C SER C 401 -3.33 -23.33 25.58
N SER C 402 -3.30 -24.64 25.38
CA SER C 402 -3.04 -25.18 24.05
C SER C 402 -4.23 -24.94 23.12
N ARG C 403 -5.45 -24.98 23.65
CA ARG C 403 -6.61 -24.60 22.85
C ARG C 403 -6.52 -23.15 22.40
N LEU C 404 -6.09 -22.27 23.30
CA LEU C 404 -5.88 -20.87 22.92
C LEU C 404 -4.75 -20.74 21.91
N GLU C 405 -3.72 -21.58 22.00
CA GLU C 405 -2.66 -21.58 20.99
C GLU C 405 -3.22 -21.95 19.62
N VAL C 406 -4.07 -22.97 19.56
CA VAL C 406 -4.67 -23.36 18.29
C VAL C 406 -5.54 -22.21 17.76
N LEU C 407 -6.32 -21.58 18.64
CA LEU C 407 -7.15 -20.46 18.20
C LEU C 407 -6.30 -19.30 17.69
N SER C 408 -5.16 -19.05 18.33
CA SER C 408 -4.26 -17.99 17.86
C SER C 408 -3.69 -18.32 16.50
N ARG C 409 -3.34 -19.60 16.28
CA ARG C 409 -2.87 -20.01 14.96
C ARG C 409 -3.96 -19.82 13.90
N LEU C 410 -5.21 -20.13 14.25
CA LEU C 410 -6.32 -19.88 13.35
C LEU C 410 -6.46 -18.40 13.03
N LEU C 411 -6.35 -17.55 14.06
CA LEU C 411 -6.49 -16.11 13.86
C LEU C 411 -5.37 -15.55 13.00
N MET C 412 -4.16 -16.09 13.15
CA MET C 412 -3.04 -15.62 12.36
C MET C 412 -3.11 -16.12 10.93
N LEU C 413 -3.58 -17.35 10.73
CA LEU C 413 -3.58 -17.94 9.40
C LEU C 413 -4.62 -17.31 8.49
N GLN C 414 -5.85 -17.15 9.00
CA GLN C 414 -6.94 -16.60 8.21
C GLN C 414 -7.67 -15.53 9.00
N ASN C 415 -8.16 -14.52 8.29
CA ASN C 415 -8.92 -13.43 8.89
C ASN C 415 -10.21 -13.25 8.13
N ILE C 416 -11.21 -12.68 8.81
CA ILE C 416 -12.53 -12.46 8.23
C ILE C 416 -12.52 -11.09 7.57
N SER C 417 -12.58 -11.09 6.23
CA SER C 417 -12.54 -9.86 5.47
C SER C 417 -13.28 -10.07 4.16
N TYR C 418 -13.63 -8.96 3.51
CA TYR C 418 -14.32 -8.97 2.23
C TYR C 418 -13.39 -8.40 1.17
N SER C 419 -13.06 -9.22 0.16
CA SER C 419 -12.21 -8.83 -0.94
C SER C 419 -12.92 -9.19 -2.24
N PRO C 420 -13.70 -8.26 -2.81
CA PRO C 420 -14.43 -8.58 -4.04
C PRO C 420 -13.51 -8.88 -5.21
N LEU C 421 -13.53 -10.13 -5.67
CA LEU C 421 -12.73 -10.63 -6.78
C LEU C 421 -11.23 -10.57 -6.51
N GLY C 422 -10.84 -10.18 -5.29
CA GLY C 422 -9.43 -10.07 -4.96
C GLY C 422 -8.76 -8.80 -5.42
N MET C 423 -9.49 -7.90 -6.09
CA MET C 423 -8.88 -6.67 -6.59
C MET C 423 -8.66 -5.64 -5.48
N CYS C 424 -9.53 -5.63 -4.48
CA CYS C 424 -9.45 -4.65 -3.40
C CYS C 424 -10.08 -5.25 -2.15
N THR C 425 -9.79 -4.61 -1.02
CA THR C 425 -10.36 -4.99 0.27
C THR C 425 -11.40 -3.95 0.67
N LEU C 426 -12.63 -4.38 0.86
CA LEU C 426 -13.71 -3.48 1.25
C LEU C 426 -13.49 -3.03 2.70
N ASP C 427 -13.08 -1.79 2.88
CA ASP C 427 -12.81 -1.23 4.20
C ASP C 427 -12.74 0.28 4.06
N ARG C 428 -12.73 0.95 5.21
CA ARG C 428 -12.64 2.41 5.19
C ARG C 428 -11.41 2.95 4.48
N PRO C 429 -10.22 2.33 4.56
CA PRO C 429 -9.11 2.81 3.72
C PRO C 429 -9.41 2.78 2.24
N LEU C 430 -10.26 1.86 1.78
CA LEU C 430 -10.60 1.83 0.37
C LEU C 430 -11.35 3.08 -0.05
N MET C 431 -12.29 3.55 0.77
CA MET C 431 -13.03 4.76 0.43
C MET C 431 -12.18 6.01 0.54
N VAL C 432 -11.08 5.96 1.29
CA VAL C 432 -10.13 7.06 1.28
C VAL C 432 -9.39 7.11 -0.06
N THR C 433 -9.01 5.94 -0.58
CA THR C 433 -8.39 5.88 -1.90
C THR C 433 -9.38 6.30 -2.99
N VAL C 434 -10.65 5.92 -2.84
CA VAL C 434 -11.66 6.30 -3.82
C VAL C 434 -11.86 7.81 -3.82
N LEU C 435 -12.05 8.41 -2.65
CA LEU C 435 -12.22 9.86 -2.57
C LEU C 435 -10.92 10.59 -2.90
N GLY C 436 -9.77 9.96 -2.64
CA GLY C 436 -8.52 10.55 -3.05
C GLY C 436 -8.37 10.62 -4.55
N ALA C 437 -8.81 9.57 -5.24
CA ALA C 437 -8.76 9.56 -6.70
C ALA C 437 -9.83 10.48 -7.29
N VAL C 438 -11.01 10.52 -6.67
CA VAL C 438 -12.10 11.34 -7.18
C VAL C 438 -11.71 12.81 -7.17
N THR C 439 -11.11 13.27 -6.07
CA THR C 439 -10.69 14.67 -5.99
C THR C 439 -9.56 14.98 -6.96
N THR C 440 -8.67 14.02 -7.19
CA THR C 440 -7.59 14.25 -8.14
C THR C 440 -8.12 14.50 -9.55
N TYR C 441 -9.09 13.69 -9.98
CA TYR C 441 -9.70 13.91 -11.29
C TYR C 441 -10.51 15.20 -11.31
N LEU C 442 -11.24 15.47 -10.22
CA LEU C 442 -12.05 16.69 -10.17
C LEU C 442 -11.19 17.94 -10.20
N VAL C 443 -10.07 17.93 -9.49
CA VAL C 443 -9.17 19.09 -9.51
C VAL C 443 -8.62 19.30 -10.92
N ILE C 444 -8.26 18.21 -11.59
CA ILE C 444 -7.78 18.32 -12.96
C ILE C 444 -8.88 18.82 -13.89
N LEU C 445 -10.08 18.23 -13.79
CA LEU C 445 -11.15 18.55 -14.73
C LEU C 445 -11.70 19.96 -14.50
N ILE C 446 -11.93 20.33 -13.25
CA ILE C 446 -12.59 21.61 -12.97
C ILE C 446 -11.71 22.78 -13.37
N GLN C 447 -10.41 22.69 -13.09
CA GLN C 447 -9.51 23.82 -13.31
C GLN C 447 -9.38 24.20 -14.78
N PHE C 448 -9.73 23.30 -15.70
CA PHE C 448 -9.66 23.64 -17.12
C PHE C 448 -10.79 24.58 -17.52
N GLN C 449 -11.94 24.47 -16.88
CA GLN C 449 -13.06 25.36 -17.16
C GLN C 449 -13.23 26.39 -16.05
N THR D 18 -9.67 7.52 45.22
CA THR D 18 -8.73 7.71 44.13
C THR D 18 -9.36 7.36 42.79
N PRO D 19 -10.21 8.25 42.26
CA PRO D 19 -10.90 7.95 41.00
C PRO D 19 -9.96 7.83 39.81
N CYS D 20 -9.20 8.88 39.52
CA CYS D 20 -8.31 8.90 38.37
C CYS D 20 -6.85 9.10 38.75
N LEU D 21 -6.54 10.15 39.49
CA LEU D 21 -5.17 10.48 39.90
C LEU D 21 -4.25 10.65 38.68
N VAL D 22 -4.58 11.67 37.89
CA VAL D 22 -3.79 12.04 36.73
C VAL D 22 -2.79 13.11 37.14
N GLY D 23 -1.64 13.15 36.45
CA GLY D 23 -0.61 14.11 36.77
C GLY D 23 0.42 14.21 35.67
N GLY D 24 1.26 15.22 35.78
CA GLY D 24 2.33 15.44 34.82
C GLY D 24 1.96 16.36 33.69
N ALA D 25 2.62 16.20 32.55
CA ALA D 25 2.29 17.00 31.37
C ALA D 25 0.95 16.62 30.76
N HIS D 26 0.49 15.39 31.00
CA HIS D 26 -0.85 15.01 30.54
C HIS D 26 -1.93 15.77 31.31
N ALA D 27 -1.74 15.98 32.60
CA ALA D 27 -2.68 16.76 33.39
C ALA D 27 -2.51 18.26 33.21
N PHE D 28 -1.38 18.71 32.65
CA PHE D 28 -1.23 20.13 32.36
C PHE D 28 -2.11 20.55 31.19
N ILE D 29 -2.13 19.75 30.12
CA ILE D 29 -3.00 20.05 28.99
C ILE D 29 -4.46 19.77 29.33
N LEU D 30 -4.73 18.93 30.34
CA LEU D 30 -6.10 18.71 30.77
C LEU D 30 -6.66 19.93 31.49
N LYS D 31 -5.83 20.64 32.25
CA LYS D 31 -6.28 21.88 32.88
C LYS D 31 -6.40 23.01 31.87
N ILE D 32 -5.48 23.05 30.90
CA ILE D 32 -5.56 24.06 29.85
C ILE D 32 -6.79 23.84 28.98
N SER D 33 -7.03 22.59 28.56
CA SER D 33 -8.19 22.28 27.75
C SER D 33 -9.48 22.28 28.55
N SER D 34 -9.40 22.36 29.88
CA SER D 34 -10.61 22.46 30.69
C SER D 34 -11.35 23.75 30.39
N PHE D 35 -10.63 24.86 30.23
CA PHE D 35 -11.24 26.14 29.94
C PHE D 35 -11.70 26.22 28.48
N CYS D 36 -10.98 25.59 27.57
CA CYS D 36 -11.41 25.54 26.17
C CYS D 36 -12.64 24.68 25.97
N GLY D 37 -13.03 23.89 26.97
CA GLY D 37 -14.17 23.01 26.86
C GLY D 37 -13.85 21.60 26.42
N LEU D 38 -12.58 21.27 26.23
CA LEU D 38 -12.18 19.95 25.74
C LEU D 38 -11.95 18.95 26.85
N ALA D 39 -12.02 19.36 28.11
CA ALA D 39 -11.81 18.46 29.25
C ALA D 39 -12.64 18.96 30.42
N PRO D 40 -13.93 18.64 30.44
CA PRO D 40 -14.82 19.09 31.52
C PRO D 40 -14.64 18.28 32.79
N LEU D 41 -13.52 18.51 33.48
CA LEU D 41 -13.15 17.75 34.66
C LEU D 41 -12.99 18.69 35.85
N ARG D 42 -13.20 18.13 37.04
CA ARG D 42 -12.95 18.84 38.29
C ARG D 42 -11.61 18.37 38.85
N PHE D 43 -10.67 19.29 38.99
CA PHE D 43 -9.28 18.96 39.33
C PHE D 43 -9.09 19.11 40.83
N GLU D 44 -8.87 17.98 41.50
CA GLU D 44 -8.62 17.97 42.94
C GLU D 44 -7.14 17.75 43.16
N PRO D 45 -6.40 18.75 43.66
CA PRO D 45 -4.95 18.57 43.85
C PRO D 45 -4.65 17.59 44.98
N ARG D 46 -3.75 16.66 44.73
CA ARG D 46 -3.30 15.68 45.72
C ARG D 46 -1.88 15.96 46.19
N SER D 47 -1.37 17.16 45.92
CA SER D 47 -0.03 17.62 46.32
C SER D 47 1.05 16.92 45.52
N GLN D 48 0.67 15.92 44.73
CA GLN D 48 1.55 15.26 43.78
C GLN D 48 0.92 15.12 42.40
N GLU D 49 -0.39 14.87 42.34
CA GLU D 49 -1.12 14.73 41.09
C GLU D 49 -2.49 15.35 41.28
N TYR D 50 -3.40 15.09 40.35
CA TYR D 50 -4.76 15.63 40.40
C TYR D 50 -5.75 14.50 40.26
N ALA D 51 -6.75 14.48 41.13
CA ALA D 51 -7.86 13.54 41.04
C ALA D 51 -9.00 14.21 40.27
N VAL D 52 -9.25 13.75 39.06
CA VAL D 52 -10.19 14.41 38.14
C VAL D 52 -11.45 13.58 38.03
N THR D 53 -12.60 14.25 38.08
CA THR D 53 -13.90 13.63 37.93
C THR D 53 -14.74 14.45 36.95
N ILE D 54 -15.70 13.78 36.33
CA ILE D 54 -16.60 14.47 35.41
C ILE D 54 -17.49 15.43 36.17
N SER D 55 -17.52 16.69 35.72
CA SER D 55 -18.37 17.71 36.32
C SER D 55 -19.43 18.14 35.32
N LYS D 56 -20.68 18.16 35.75
CA LYS D 56 -21.76 18.56 34.86
C LYS D 56 -21.74 20.06 34.58
N GLY D 57 -21.31 20.86 35.56
CA GLY D 57 -21.22 22.29 35.33
C GLY D 57 -20.25 22.64 34.22
N LYS D 58 -19.06 22.03 34.25
CA LYS D 58 -18.09 22.28 33.19
C LYS D 58 -18.53 21.69 31.86
N CYS D 59 -19.28 20.58 31.87
CA CYS D 59 -19.84 20.05 30.64
C CYS D 59 -20.81 21.03 30.00
N PHE D 60 -21.70 21.60 30.81
CA PHE D 60 -22.65 22.58 30.30
C PHE D 60 -21.93 23.83 29.83
N TYR D 61 -20.91 24.28 30.57
CA TYR D 61 -20.13 25.44 30.16
C TYR D 61 -19.46 25.19 28.81
N SER D 62 -18.86 24.01 28.64
CA SER D 62 -18.23 23.66 27.38
C SER D 62 -19.24 23.65 26.24
N TYR D 63 -20.40 23.05 26.47
CA TYR D 63 -21.41 22.97 25.42
C TYR D 63 -21.89 24.35 25.00
N ILE D 64 -22.21 25.20 25.97
CA ILE D 64 -22.70 26.53 25.62
C ILE D 64 -21.59 27.37 25.00
N LEU D 65 -20.34 27.20 25.44
CA LEU D 65 -19.24 27.96 24.86
C LEU D 65 -19.02 27.58 23.40
N VAL D 66 -18.97 26.29 23.10
CA VAL D 66 -18.74 25.88 21.72
C VAL D 66 -19.94 26.23 20.86
N THR D 67 -21.16 26.14 21.39
CA THR D 67 -22.33 26.53 20.61
C THR D 67 -22.32 28.01 20.28
N PHE D 68 -21.98 28.86 21.27
CA PHE D 68 -21.89 30.30 21.03
C PHE D 68 -20.80 30.61 20.02
N LEU D 69 -19.65 29.96 20.15
CA LEU D 69 -18.55 30.22 19.22
C LEU D 69 -18.91 29.78 17.80
N VAL D 70 -19.59 28.64 17.65
CA VAL D 70 -19.97 28.17 16.33
C VAL D 70 -21.02 29.08 15.72
N ILE D 71 -21.98 29.54 16.52
CA ILE D 71 -22.99 30.47 16.03
C ILE D 71 -22.35 31.77 15.58
N CYS D 72 -21.43 32.30 16.39
CA CYS D 72 -20.74 33.53 16.02
C CYS D 72 -19.89 33.35 14.76
N THR D 73 -19.25 32.18 14.63
CA THR D 73 -18.44 31.90 13.45
C THR D 73 -19.31 31.82 12.20
N ILE D 74 -20.47 31.18 12.29
CA ILE D 74 -21.38 31.11 11.15
C ILE D 74 -21.90 32.49 10.79
N TYR D 75 -22.25 33.28 11.80
CA TYR D 75 -22.73 34.64 11.53
C TYR D 75 -21.65 35.48 10.86
N GLY D 76 -20.41 35.37 11.33
CA GLY D 76 -19.32 36.12 10.72
C GLY D 76 -19.03 35.65 9.30
N LEU D 77 -19.12 34.34 9.06
CA LEU D 77 -18.94 33.83 7.71
C LEU D 77 -20.02 34.37 6.77
N VAL D 78 -21.27 34.40 7.24
CA VAL D 78 -22.35 34.94 6.42
C VAL D 78 -22.13 36.44 6.17
N ALA D 79 -21.78 37.19 7.21
CA ALA D 79 -21.59 38.63 7.06
C ALA D 79 -20.41 38.96 6.14
N GLU D 80 -19.37 38.11 6.14
CA GLU D 80 -18.25 38.32 5.23
C GLU D 80 -18.52 37.78 3.84
N ILE D 81 -19.55 36.96 3.68
CA ILE D 81 -19.96 36.48 2.36
C ILE D 81 -21.03 37.38 1.76
N GLY D 82 -22.01 37.78 2.55
CA GLY D 82 -23.10 38.62 2.06
C GLY D 82 -22.72 40.06 1.79
N VAL D 83 -21.56 40.50 2.29
CA VAL D 83 -21.12 41.87 2.02
C VAL D 83 -20.77 42.04 0.55
N GLY D 84 -20.17 41.01 -0.05
CA GLY D 84 -19.78 41.08 -1.45
C GLY D 84 -18.41 40.47 -1.70
N VAL D 85 -17.65 41.06 -2.62
CA VAL D 85 -16.32 40.56 -2.96
C VAL D 85 -15.30 41.68 -2.79
N GLU D 86 -15.57 42.82 -3.43
CA GLU D 86 -14.62 43.94 -3.38
C GLU D 86 -14.54 44.54 -1.98
N LYS D 87 -15.69 44.65 -1.30
CA LYS D 87 -15.69 45.31 0.01
C LYS D 87 -15.00 44.46 1.08
N SER D 88 -15.17 43.15 1.00
CA SER D 88 -14.56 42.26 2.00
C SER D 88 -13.04 42.25 1.85
N VAL D 89 -12.34 42.24 2.97
CA VAL D 89 -10.88 42.26 2.97
C VAL D 89 -10.31 40.86 2.91
N ARG D 90 -10.80 39.96 3.77
CA ARG D 90 -10.27 38.59 3.80
C ARG D 90 -10.56 37.86 2.49
N MET D 91 -11.78 38.03 1.96
CA MET D 91 -12.18 37.37 0.72
C MET D 91 -12.18 38.40 -0.41
N SER D 92 -11.48 38.07 -1.50
CA SER D 92 -11.35 38.97 -2.63
C SER D 92 -11.83 38.37 -3.94
N SER D 93 -12.38 37.16 -3.93
CA SER D 93 -12.86 36.53 -5.15
C SER D 93 -13.91 35.49 -4.79
N ARG D 94 -14.66 35.06 -5.80
CA ARG D 94 -15.66 34.01 -5.59
C ARG D 94 -15.00 32.71 -5.18
N MET D 95 -13.88 32.36 -5.82
CA MET D 95 -13.14 31.15 -5.43
C MET D 95 -12.59 31.29 -4.02
N SER D 96 -12.07 32.47 -3.67
CA SER D 96 -11.59 32.70 -2.32
C SER D 96 -12.72 32.63 -1.29
N GLN D 97 -13.94 33.03 -1.70
CA GLN D 97 -15.08 32.94 -0.79
C GLN D 97 -15.42 31.49 -0.45
N VAL D 98 -15.36 30.61 -1.45
CA VAL D 98 -15.73 29.21 -1.21
C VAL D 98 -14.66 28.52 -0.38
N VAL D 99 -13.38 28.75 -0.68
CA VAL D 99 -12.31 28.05 0.03
C VAL D 99 -12.21 28.54 1.47
N SER D 100 -12.40 29.85 1.69
CA SER D 100 -12.37 30.37 3.05
C SER D 100 -13.59 29.89 3.84
N ALA D 101 -14.74 29.80 3.18
CA ALA D 101 -15.92 29.23 3.82
C ALA D 101 -15.69 27.77 4.19
N CYS D 102 -15.06 27.00 3.31
CA CYS D 102 -14.73 25.62 3.63
C CYS D 102 -13.76 25.53 4.79
N ASP D 103 -12.77 26.41 4.82
CA ASP D 103 -11.83 26.46 5.95
C ASP D 103 -12.57 26.71 7.26
N ILE D 104 -13.41 27.74 7.29
CA ILE D 104 -14.15 28.08 8.50
C ILE D 104 -15.06 26.93 8.91
N LEU D 105 -15.74 26.32 7.94
CA LEU D 105 -16.67 25.24 8.25
C LEU D 105 -15.95 24.02 8.80
N VAL D 106 -14.79 23.65 8.21
CA VAL D 106 -14.08 22.48 8.71
C VAL D 106 -13.47 22.75 10.07
N VAL D 107 -13.00 23.98 10.32
CA VAL D 107 -12.49 24.31 11.65
C VAL D 107 -13.60 24.27 12.68
N ALA D 108 -14.78 24.79 12.33
CA ALA D 108 -15.91 24.75 13.25
C ALA D 108 -16.36 23.32 13.50
N VAL D 109 -16.34 22.47 12.48
CA VAL D 109 -16.70 21.07 12.66
C VAL D 109 -15.68 20.38 13.58
N THR D 110 -14.39 20.67 13.38
CA THR D 110 -13.37 20.09 14.26
C THR D 110 -13.58 20.52 15.70
N ALA D 111 -13.86 21.80 15.92
CA ALA D 111 -14.08 22.30 17.28
C ALA D 111 -15.33 21.68 17.89
N GLY D 112 -16.40 21.55 17.09
CA GLY D 112 -17.61 20.94 17.61
C GLY D 112 -17.44 19.48 17.96
N VAL D 113 -16.71 18.73 17.14
CA VAL D 113 -16.44 17.34 17.45
C VAL D 113 -15.55 17.25 18.70
N GLY D 114 -14.59 18.16 18.84
CA GLY D 114 -13.72 18.13 20.00
C GLY D 114 -14.43 18.45 21.29
N VAL D 115 -15.33 19.44 21.28
CA VAL D 115 -15.95 19.89 22.52
C VAL D 115 -17.21 19.09 22.84
N TYR D 116 -18.07 18.83 21.85
CA TYR D 116 -19.29 18.08 22.10
C TYR D 116 -18.97 16.65 22.52
N GLY D 117 -17.96 16.03 21.91
CA GLY D 117 -17.53 14.71 22.28
C GLY D 117 -16.56 14.64 23.43
N ALA D 118 -16.27 15.78 24.07
CA ALA D 118 -15.32 15.78 25.18
C ALA D 118 -15.82 14.99 26.38
N PRO D 119 -17.06 15.17 26.86
CA PRO D 119 -17.46 14.42 28.07
C PRO D 119 -17.40 12.90 27.91
N ALA D 120 -17.73 12.37 26.73
CA ALA D 120 -17.55 10.95 26.49
C ALA D 120 -16.08 10.59 26.46
N ARG D 121 -15.27 11.42 25.81
CA ARG D 121 -13.84 11.19 25.75
C ARG D 121 -13.21 11.20 27.13
N MET D 122 -13.66 12.10 28.00
CA MET D 122 -13.11 12.14 29.35
C MET D 122 -13.57 10.95 30.19
N ARG D 123 -14.79 10.47 29.97
CA ARG D 123 -15.23 9.25 30.63
C ARG D 123 -14.36 8.08 30.24
N THR D 124 -14.11 7.92 28.93
CA THR D 124 -13.18 6.89 28.48
C THR D 124 -11.79 7.11 29.08
N MET D 125 -11.38 8.38 29.20
CA MET D 125 -10.07 8.69 29.75
C MET D 125 -9.94 8.17 31.17
N LEU D 126 -10.94 8.42 32.02
CA LEU D 126 -10.90 7.89 33.38
C LEU D 126 -10.95 6.37 33.36
N SER D 127 -11.76 5.80 32.46
CA SER D 127 -11.94 4.35 32.41
C SER D 127 -10.63 3.64 32.13
N TYR D 128 -9.81 4.17 31.22
CA TYR D 128 -8.49 3.54 31.05
C TYR D 128 -7.43 4.11 31.98
N MET D 129 -7.67 5.26 32.61
CA MET D 129 -6.69 5.81 33.53
C MET D 129 -6.60 5.01 34.81
N GLU D 130 -7.69 4.34 35.20
CA GLU D 130 -7.58 3.43 36.34
C GLU D 130 -6.57 2.30 36.05
N ASN D 131 -6.63 1.73 34.85
CA ASN D 131 -5.69 0.68 34.47
C ASN D 131 -4.28 1.24 34.31
N ILE D 132 -4.17 2.46 33.78
CA ILE D 132 -2.86 3.11 33.71
C ILE D 132 -2.27 3.32 35.09
N VAL D 133 -3.10 3.68 36.07
CA VAL D 133 -2.60 3.82 37.44
C VAL D 133 -2.12 2.48 37.96
N ALA D 134 -2.86 1.41 37.70
CA ALA D 134 -2.42 0.08 38.12
C ALA D 134 -1.07 -0.28 37.49
N VAL D 135 -0.93 -0.03 36.18
CA VAL D 135 0.31 -0.36 35.47
C VAL D 135 1.46 0.45 36.02
N ASP D 136 1.26 1.75 36.26
CA ASP D 136 2.31 2.59 36.81
C ASP D 136 2.71 2.13 38.19
N ARG D 137 1.74 1.68 38.99
CA ARG D 137 2.08 1.12 40.30
C ARG D 137 2.92 -0.14 40.16
N GLU D 138 2.58 -1.00 39.20
CA GLU D 138 3.36 -2.22 39.00
C GLU D 138 4.77 -1.91 38.50
N LEU D 139 4.90 -0.95 37.58
CA LEU D 139 6.22 -0.62 37.03
C LEU D 139 6.96 0.35 37.93
N GLY D 140 6.38 1.51 38.19
CA GLY D 140 7.02 2.54 38.98
C GLY D 140 7.25 3.81 38.20
N ARG D 141 6.46 4.84 38.48
CA ARG D 141 6.54 6.14 37.82
C ARG D 141 6.30 6.05 36.32
N HIS D 142 6.28 7.18 35.65
CA HIS D 142 6.24 7.25 34.19
C HIS D 142 7.29 8.20 33.63
N HIS D 143 7.52 9.33 34.29
CA HIS D 143 8.53 10.29 33.88
C HIS D 143 9.25 10.80 35.12
N SER D 144 10.47 11.27 34.92
CA SER D 144 11.15 11.99 35.98
C SER D 144 10.62 13.42 36.04
N ALA D 145 10.97 14.13 37.12
CA ALA D 145 10.54 15.51 37.26
C ALA D 145 11.14 16.39 36.16
N ALA D 146 12.40 16.17 35.82
CA ALA D 146 13.06 16.99 34.81
C ALA D 146 12.39 16.84 33.45
N THR D 147 12.11 15.61 33.03
CA THR D 147 11.51 15.42 31.72
C THR D 147 10.04 15.83 31.72
N GLU D 148 9.34 15.71 32.86
CA GLU D 148 7.99 16.24 32.94
C GLU D 148 7.98 17.75 32.78
N ARG D 149 8.93 18.44 33.42
CA ARG D 149 9.05 19.88 33.24
C ARG D 149 9.41 20.23 31.81
N LYS D 150 10.27 19.43 31.19
CA LYS D 150 10.64 19.66 29.79
C LYS D 150 9.42 19.52 28.87
N LEU D 151 8.60 18.49 29.11
CA LEU D 151 7.41 18.31 28.29
C LEU D 151 6.40 19.43 28.51
N CYS D 152 6.24 19.87 29.76
CA CYS D 152 5.35 20.99 30.03
C CYS D 152 5.86 22.25 29.33
N ALA D 153 7.18 22.47 29.35
CA ALA D 153 7.74 23.64 28.68
C ALA D 153 7.54 23.55 27.17
N LEU D 154 7.70 22.35 26.59
CA LEU D 154 7.46 22.20 25.15
C LEU D 154 6.00 22.46 24.80
N LEU D 155 5.08 21.95 25.61
CA LEU D 155 3.66 22.20 25.38
C LEU D 155 3.35 23.70 25.46
N LEU D 156 3.90 24.36 26.48
CA LEU D 156 3.67 25.79 26.64
C LEU D 156 4.28 26.57 25.49
N LEU D 157 5.47 26.16 25.02
CA LEU D 157 6.10 26.83 23.89
C LEU D 157 5.24 26.71 22.64
N ILE D 158 4.73 25.50 22.36
CA ILE D 158 3.89 25.31 21.18
C ILE D 158 2.61 26.13 21.29
N LEU D 159 1.97 26.10 22.47
CA LEU D 159 0.73 26.83 22.64
C LEU D 159 0.94 28.34 22.52
N LEU D 160 2.01 28.86 23.12
CA LEU D 160 2.27 30.29 23.03
C LEU D 160 2.67 30.71 21.63
N SER D 161 3.42 29.86 20.91
CA SER D 161 3.74 30.18 19.52
C SER D 161 2.48 30.27 18.68
N PHE D 162 1.58 29.30 18.83
CA PHE D 162 0.34 29.34 18.07
C PHE D 162 -0.52 30.53 18.45
N THR D 163 -0.59 30.84 19.75
CA THR D 163 -1.38 31.98 20.20
C THR D 163 -0.82 33.29 19.66
N ILE D 164 0.51 33.43 19.66
CA ILE D 164 1.13 34.63 19.13
C ILE D 164 0.86 34.75 17.63
N LEU D 165 0.96 33.64 16.90
CA LEU D 165 0.67 33.69 15.47
C LEU D 165 -0.78 34.05 15.21
N LEU D 166 -1.71 33.49 15.99
CA LEU D 166 -3.13 33.81 15.83
C LEU D 166 -3.40 35.28 16.12
N VAL D 167 -2.81 35.81 17.19
CA VAL D 167 -3.01 37.20 17.54
C VAL D 167 -2.43 38.11 16.47
N ASP D 168 -1.25 37.77 15.95
CA ASP D 168 -0.64 38.57 14.89
C ASP D 168 -1.47 38.55 13.63
N ASP D 169 -2.00 37.38 13.26
CA ASP D 169 -2.85 37.28 12.08
C ASP D 169 -4.11 38.12 12.26
N PHE D 170 -4.73 38.04 13.43
CA PHE D 170 -5.93 38.83 13.71
C PHE D 170 -5.63 40.32 13.64
N CYS D 171 -4.53 40.75 14.24
CA CYS D 171 -4.17 42.17 14.23
C CYS D 171 -3.87 42.65 12.82
N PHE D 172 -3.16 41.85 12.03
CA PHE D 172 -2.85 42.23 10.66
C PHE D 172 -4.13 42.38 9.83
N TYR D 173 -5.02 41.40 9.93
CA TYR D 173 -6.24 41.46 9.14
C TYR D 173 -7.18 42.57 9.62
N ALA D 174 -7.11 42.93 10.90
CA ALA D 174 -7.91 44.04 11.40
C ALA D 174 -7.36 45.38 10.96
N MET D 175 -6.02 45.54 11.01
CA MET D 175 -5.42 46.79 10.57
C MET D 175 -5.54 46.99 9.07
N GLN D 176 -5.48 45.90 8.29
CA GLN D 176 -5.69 46.01 6.86
C GLN D 176 -7.08 46.51 6.54
N ALA D 177 -8.08 46.02 7.26
CA ALA D 177 -9.46 46.50 7.10
C ALA D 177 -9.68 47.87 7.72
N GLY D 178 -8.76 48.34 8.58
CA GLY D 178 -8.91 49.64 9.18
C GLY D 178 -8.81 50.79 8.20
N LYS D 179 -8.14 50.58 7.07
CA LYS D 179 -8.07 51.62 6.04
C LYS D 179 -9.44 51.92 5.46
N THR D 180 -10.21 50.87 5.16
CA THR D 180 -11.55 51.06 4.62
C THR D 180 -12.48 51.69 5.64
N GLY D 181 -12.40 51.24 6.90
CA GLY D 181 -13.26 51.77 7.94
C GLY D 181 -13.94 50.69 8.75
N ARG D 182 -13.96 49.47 8.21
CA ARG D 182 -14.56 48.32 8.90
C ARG D 182 -13.54 47.62 9.79
N GLN D 183 -12.90 48.39 10.67
CA GLN D 183 -11.90 47.82 11.57
C GLN D 183 -12.52 46.90 12.61
N TRP D 184 -13.79 47.07 12.92
CA TRP D 184 -14.47 46.25 13.91
C TRP D 184 -15.31 45.13 13.30
N GLU D 185 -15.74 45.28 12.04
CA GLU D 185 -16.53 44.23 11.41
C GLU D 185 -15.74 42.94 11.25
N ILE D 186 -14.48 43.04 10.82
CA ILE D 186 -13.63 41.87 10.70
C ILE D 186 -13.40 41.23 12.06
N VAL D 187 -13.21 42.06 13.09
CA VAL D 187 -13.02 41.54 14.44
C VAL D 187 -14.25 40.75 14.88
N THR D 188 -15.43 41.31 14.68
CA THR D 188 -16.66 40.62 15.08
C THR D 188 -16.85 39.35 14.27
N ASN D 189 -16.46 39.36 13.00
CA ASN D 189 -16.68 38.19 12.16
C ASN D 189 -15.66 37.08 12.38
N TYR D 190 -14.49 37.39 12.95
CA TYR D 190 -13.44 36.39 13.05
C TYR D 190 -12.96 36.09 14.46
N ALA D 191 -13.49 36.76 15.49
CA ALA D 191 -13.12 36.42 16.85
C ALA D 191 -13.51 34.98 17.18
N GLY D 192 -14.73 34.58 16.82
CA GLY D 192 -15.15 33.20 17.06
C GLY D 192 -14.33 32.21 16.27
N PHE D 193 -13.97 32.56 15.03
CA PHE D 193 -13.14 31.68 14.21
C PHE D 193 -11.78 31.46 14.86
N TYR D 194 -11.17 32.52 15.39
CA TYR D 194 -9.85 32.34 15.98
C TYR D 194 -9.92 31.62 17.32
N PHE D 195 -11.01 31.82 18.07
CA PHE D 195 -11.22 31.01 19.27
C PHE D 195 -11.35 29.54 18.92
N LEU D 196 -12.07 29.23 17.83
CA LEU D 196 -12.18 27.84 17.39
C LEU D 196 -10.82 27.29 16.94
N TRP D 197 -10.01 28.12 16.31
CA TRP D 197 -8.64 27.71 15.97
C TRP D 197 -7.87 27.31 17.24
N TYR D 198 -7.95 28.16 18.26
CA TYR D 198 -7.27 27.86 19.52
C TYR D 198 -7.78 26.55 20.12
N ILE D 199 -9.10 26.34 20.11
CA ILE D 199 -9.68 25.12 20.65
C ILE D 199 -9.17 23.91 19.88
N VAL D 200 -9.10 24.02 18.55
CA VAL D 200 -8.66 22.88 17.73
C VAL D 200 -7.21 22.52 18.04
N MET D 201 -6.33 23.53 18.14
CA MET D 201 -4.94 23.18 18.43
C MET D 201 -4.76 22.69 19.86
N VAL D 202 -5.56 23.19 20.80
CA VAL D 202 -5.50 22.65 22.15
C VAL D 202 -5.92 21.18 22.17
N LEU D 203 -6.93 20.83 21.37
CA LEU D 203 -7.32 19.43 21.25
C LEU D 203 -6.21 18.59 20.65
N GLU D 204 -5.53 19.12 19.63
CA GLU D 204 -4.39 18.40 19.05
C GLU D 204 -3.31 18.15 20.10
N LEU D 205 -2.99 19.18 20.88
CA LEU D 205 -1.97 19.03 21.92
C LEU D 205 -2.41 18.02 22.98
N GLN D 206 -3.70 18.03 23.33
CA GLN D 206 -4.20 17.10 24.33
C GLN D 206 -4.04 15.66 23.85
N PHE D 207 -4.43 15.38 22.61
CA PHE D 207 -4.23 14.03 22.08
C PHE D 207 -2.75 13.67 22.04
N ALA D 208 -1.92 14.60 21.58
CA ALA D 208 -0.49 14.31 21.45
C ALA D 208 0.12 13.96 22.78
N PHE D 209 -0.24 14.68 23.84
CA PHE D 209 0.38 14.42 25.13
C PHE D 209 -0.21 13.19 25.81
N THR D 210 -1.48 12.88 25.58
CA THR D 210 -1.99 11.58 26.03
C THR D 210 -1.22 10.44 25.38
N ALA D 211 -1.01 10.53 24.06
CA ALA D 211 -0.24 9.50 23.36
C ALA D 211 1.19 9.44 23.87
N LEU D 212 1.77 10.61 24.19
CA LEU D 212 3.15 10.63 24.69
C LEU D 212 3.26 9.97 26.06
N SER D 213 2.30 10.20 26.94
CA SER D 213 2.33 9.53 28.24
C SER D 213 2.18 8.02 28.09
N LEU D 214 1.28 7.59 27.21
CA LEU D 214 1.13 6.15 26.97
C LEU D 214 2.42 5.56 26.39
N ARG D 215 3.07 6.29 25.48
CA ARG D 215 4.33 5.83 24.91
C ARG D 215 5.43 5.75 25.96
N ALA D 216 5.43 6.67 26.93
CA ALA D 216 6.39 6.58 28.02
C ALA D 216 6.15 5.32 28.85
N ARG D 217 4.89 4.99 29.11
CA ARG D 217 4.59 3.76 29.83
C ARG D 217 5.05 2.53 29.04
N LEU D 218 4.84 2.55 27.73
CA LEU D 218 5.29 1.44 26.89
C LEU D 218 6.82 1.32 26.90
N LYS D 219 7.51 2.47 26.89
CA LYS D 219 8.96 2.46 26.99
C LYS D 219 9.44 1.86 28.30
N LEU D 220 8.73 2.18 29.40
CA LEU D 220 9.07 1.57 30.68
C LEU D 220 8.82 0.07 30.65
N PHE D 221 7.77 -0.38 29.97
CA PHE D 221 7.52 -1.81 29.82
C PHE D 221 8.66 -2.49 29.06
N ASN D 222 9.13 -1.86 27.99
CA ASN D 222 10.28 -2.40 27.25
C ASN D 222 11.52 -2.44 28.12
N GLU D 223 11.72 -1.42 28.94
CA GLU D 223 12.86 -1.42 29.86
C GLU D 223 12.76 -2.58 30.86
N ALA D 224 11.54 -2.86 31.33
CA ALA D 224 11.36 -3.99 32.25
C ALA D 224 11.65 -5.32 31.57
N LEU D 225 11.24 -5.47 30.31
CA LEU D 225 11.60 -6.68 29.56
C LEU D 225 13.11 -6.81 29.41
N ASN D 226 13.78 -5.70 29.08
CA ASN D 226 15.24 -5.76 28.95
C ASN D 226 15.89 -6.11 30.29
N VAL D 227 15.32 -5.63 31.39
CA VAL D 227 15.86 -5.93 32.70
C VAL D 227 15.69 -7.42 33.03
N THR D 228 14.52 -7.97 32.77
CA THR D 228 14.35 -9.42 33.00
C THR D 228 15.20 -10.24 32.04
N ALA D 229 15.62 -9.65 30.92
CA ALA D 229 16.64 -10.28 30.10
C ALA D 229 17.99 -10.25 30.80
N SER D 230 18.33 -9.13 31.43
CA SER D 230 19.64 -8.97 32.05
C SER D 230 19.86 -9.99 33.16
N GLN D 231 18.79 -10.43 33.83
CA GLN D 231 18.87 -11.46 34.87
C GLN D 231 19.82 -11.03 35.99
N VAL D 232 19.43 -9.97 36.70
CA VAL D 232 20.18 -9.48 37.82
C VAL D 232 19.69 -10.16 39.09
N CYS D 233 18.40 -10.01 39.38
CA CYS D 233 17.77 -10.61 40.56
C CYS D 233 18.49 -10.24 41.86
N PHE D 275 5.29 -4.49 41.83
CA PHE D 275 6.67 -4.33 42.31
C PHE D 275 7.64 -5.14 41.46
N VAL D 276 7.26 -5.38 40.20
CA VAL D 276 8.15 -6.11 39.28
C VAL D 276 9.42 -5.31 39.04
N MET D 277 9.27 -4.02 38.77
CA MET D 277 10.38 -3.14 38.41
C MET D 277 10.68 -2.17 39.54
N MET D 278 11.96 -2.01 39.85
CA MET D 278 12.39 -1.06 40.87
C MET D 278 13.58 -0.27 40.34
N LYS D 279 13.77 0.91 40.92
CA LYS D 279 14.84 1.79 40.49
C LYS D 279 15.88 1.98 41.59
N PRO D 285 18.12 -2.15 35.91
CA PRO D 285 18.20 -2.37 37.35
C PRO D 285 18.05 -3.84 37.74
N CYS D 286 17.24 -4.10 38.77
CA CYS D 286 17.05 -5.45 39.30
C CYS D 286 15.60 -5.87 39.10
N LEU D 287 15.30 -7.09 39.53
CA LEU D 287 13.98 -7.68 39.36
C LEU D 287 13.62 -8.43 40.65
N GLN D 288 12.53 -8.01 41.29
CA GLN D 288 12.13 -8.65 42.55
C GLN D 288 11.65 -10.08 42.31
N VAL D 289 10.76 -10.27 41.34
CA VAL D 289 10.15 -11.56 41.09
C VAL D 289 11.03 -12.35 40.11
N PRO D 290 10.93 -13.67 40.09
CA PRO D 290 11.69 -14.46 39.11
C PRO D 290 11.23 -14.15 37.70
N PRO D 291 12.08 -14.36 36.70
CA PRO D 291 11.71 -14.00 35.32
C PRO D 291 10.52 -14.78 34.79
N CYS D 292 10.20 -15.93 35.38
CA CYS D 292 9.08 -16.72 34.89
C CYS D 292 7.76 -15.97 35.04
N GLU D 293 7.48 -15.48 36.25
CA GLU D 293 6.23 -14.75 36.48
C GLU D 293 6.32 -13.29 36.06
N ALA D 294 7.53 -12.72 36.03
CA ALA D 294 7.69 -11.36 35.55
C ALA D 294 7.24 -11.24 34.10
N VAL D 295 7.52 -12.25 33.28
CA VAL D 295 7.13 -12.20 31.88
C VAL D 295 5.61 -12.28 31.74
N GLY D 296 4.96 -13.09 32.58
CA GLY D 296 3.51 -13.14 32.56
C GLY D 296 2.87 -11.82 32.98
N ARG D 297 3.40 -11.22 34.04
CA ARG D 297 2.89 -9.92 34.47
C ARG D 297 3.12 -8.86 33.39
N LEU D 298 4.27 -8.92 32.72
CA LEU D 298 4.53 -7.98 31.63
C LEU D 298 3.61 -8.22 30.44
N SER D 299 3.26 -9.47 30.16
CA SER D 299 2.28 -9.74 29.10
C SER D 299 0.93 -9.16 29.44
N ARG D 300 0.49 -9.33 30.70
CA ARG D 300 -0.77 -8.72 31.12
C ARG D 300 -0.72 -7.20 31.00
N MET D 301 0.40 -6.60 31.41
CA MET D 301 0.54 -5.16 31.31
C MET D 301 0.54 -4.69 29.85
N ARG D 302 1.14 -5.47 28.95
CA ARG D 302 1.13 -5.09 27.54
C ARG D 302 -0.27 -5.17 26.96
N CYS D 303 -1.05 -6.18 27.38
CA CYS D 303 -2.44 -6.22 26.94
C CYS D 303 -3.22 -5.02 27.46
N THR D 304 -2.96 -4.62 28.72
CA THR D 304 -3.59 -3.43 29.25
C THR D 304 -3.20 -2.19 28.44
N LEU D 305 -1.92 -2.08 28.08
CA LEU D 305 -1.47 -0.94 27.28
C LEU D 305 -2.11 -0.94 25.90
N CYS D 306 -2.27 -2.11 25.29
CA CYS D 306 -2.94 -2.20 24.00
C CYS D 306 -4.40 -1.76 24.12
N GLU D 307 -5.09 -2.19 25.18
CA GLU D 307 -6.46 -1.76 25.40
C GLU D 307 -6.54 -0.25 25.55
N VAL D 308 -5.60 0.33 26.30
CA VAL D 308 -5.59 1.78 26.51
C VAL D 308 -5.32 2.52 25.21
N THR D 309 -4.40 2.02 24.39
CA THR D 309 -4.14 2.64 23.10
C THR D 309 -5.37 2.58 22.21
N ARG D 310 -6.07 1.45 22.21
CA ARG D 310 -7.29 1.33 21.45
C ARG D 310 -8.35 2.31 21.94
N HIS D 311 -8.45 2.48 23.26
CA HIS D 311 -9.41 3.43 23.80
C HIS D 311 -9.07 4.85 23.38
N ILE D 312 -7.79 5.22 23.40
CA ILE D 312 -7.37 6.56 22.99
C ILE D 312 -7.69 6.78 21.52
N ALA D 313 -7.38 5.78 20.69
CA ALA D 313 -7.68 5.89 19.26
C ALA D 313 -9.18 6.01 19.01
N ASP D 314 -9.99 5.25 19.75
CA ASP D 314 -11.44 5.36 19.59
C ASP D 314 -11.93 6.73 20.01
N GLY D 315 -11.38 7.27 21.10
CA GLY D 315 -11.81 8.57 21.57
C GLY D 315 -11.44 9.70 20.62
N TYR D 316 -10.26 9.60 20.00
CA TYR D 316 -9.75 10.70 19.18
C TYR D 316 -9.83 10.44 17.68
N GLY D 317 -10.47 9.36 17.24
CA GLY D 317 -10.51 9.05 15.82
C GLY D 317 -11.15 10.09 14.93
N LEU D 318 -12.38 10.48 15.24
CA LEU D 318 -13.05 11.49 14.43
C LEU D 318 -12.33 12.84 14.46
N PRO D 319 -11.94 13.39 15.63
CA PRO D 319 -11.16 14.63 15.60
C PRO D 319 -9.88 14.50 14.81
N LEU D 320 -9.18 13.37 14.91
CA LEU D 320 -7.93 13.21 14.18
C LEU D 320 -8.16 13.15 12.68
N VAL D 321 -9.23 12.47 12.25
CA VAL D 321 -9.52 12.39 10.82
C VAL D 321 -9.87 13.78 10.27
N ILE D 322 -10.70 14.53 10.99
CA ILE D 322 -11.03 15.87 10.53
C ILE D 322 -9.80 16.78 10.57
N ILE D 323 -8.92 16.60 11.55
CA ILE D 323 -7.70 17.37 11.62
C ILE D 323 -6.78 17.06 10.44
N LEU D 324 -6.69 15.79 10.06
CA LEU D 324 -5.89 15.43 8.89
C LEU D 324 -6.48 16.01 7.61
N MET D 325 -7.81 16.01 7.50
CA MET D 325 -8.45 16.63 6.34
C MET D 325 -8.15 18.13 6.30
N SER D 326 -8.23 18.80 7.46
CA SER D 326 -7.91 20.21 7.53
C SER D 326 -6.44 20.46 7.19
N THR D 327 -5.56 19.56 7.61
CA THR D 327 -4.14 19.69 7.27
C THR D 327 -3.93 19.58 5.77
N LEU D 328 -4.59 18.62 5.12
CA LEU D 328 -4.54 18.53 3.67
C LEU D 328 -5.00 19.82 3.02
N LEU D 329 -6.17 20.32 3.44
CA LEU D 329 -6.74 21.52 2.83
C LEU D 329 -5.80 22.71 3.01
N HIS D 330 -5.24 22.86 4.21
CA HIS D 330 -4.39 24.02 4.49
C HIS D 330 -3.06 23.93 3.78
N LEU D 331 -2.44 22.74 3.77
CA LEU D 331 -1.19 22.56 3.06
C LEU D 331 -1.36 22.66 1.55
N ILE D 332 -2.59 22.53 1.05
CA ILE D 332 -2.83 22.81 -0.36
C ILE D 332 -3.08 24.29 -0.60
N VAL D 333 -3.81 24.95 0.29
CA VAL D 333 -4.29 26.31 0.03
C VAL D 333 -3.26 27.37 0.42
N THR D 334 -2.74 27.31 1.65
CA THR D 334 -1.82 28.34 2.10
C THR D 334 -0.56 28.43 1.24
N PRO D 335 0.12 27.33 0.89
CA PRO D 335 1.23 27.45 -0.08
C PRO D 335 0.80 27.98 -1.43
N TYR D 336 -0.42 27.65 -1.87
CA TYR D 336 -0.89 28.14 -3.16
C TYR D 336 -0.95 29.66 -3.18
N PHE D 337 -1.60 30.25 -2.19
CA PHE D 337 -1.70 31.71 -2.14
C PHE D 337 -0.36 32.36 -1.79
N LEU D 338 0.48 31.66 -1.02
CA LEU D 338 1.83 32.16 -0.77
C LEU D 338 2.62 32.28 -2.06
N ILE D 339 2.52 31.28 -2.93
CA ILE D 339 3.21 31.35 -4.22
C ILE D 339 2.55 32.39 -5.12
N MET D 340 1.22 32.45 -5.12
CA MET D 340 0.52 33.43 -5.95
C MET D 340 0.87 34.86 -5.55
N GLU D 341 1.21 35.08 -4.28
CA GLU D 341 1.62 36.39 -3.82
C GLU D 341 3.12 36.64 -4.02
N ILE D 342 3.86 35.67 -4.53
CA ILE D 342 5.29 35.82 -4.79
C ILE D 342 5.56 36.12 -6.26
N ILE D 343 5.06 35.27 -7.15
CA ILE D 343 5.38 35.41 -8.57
C ILE D 343 4.69 36.64 -9.16
N VAL D 344 3.45 36.89 -8.75
CA VAL D 344 2.69 38.00 -9.33
C VAL D 344 3.25 39.33 -8.83
N SER D 345 3.12 39.57 -7.53
CA SER D 345 3.64 40.78 -6.89
C SER D 345 3.55 40.60 -5.38
N THR D 346 4.63 40.92 -4.68
CA THR D 346 4.67 40.74 -3.23
C THR D 346 3.97 41.91 -2.53
N HIS D 347 4.57 43.10 -2.61
CA HIS D 347 4.01 44.36 -2.13
C HIS D 347 3.59 44.31 -0.66
N ARG D 348 3.89 43.22 0.05
CA ARG D 348 3.37 43.02 1.40
C ARG D 348 4.32 42.07 2.13
N LEU D 349 5.18 42.62 2.99
CA LEU D 349 6.07 41.78 3.77
C LEU D 349 5.31 41.04 4.87
N HIS D 350 4.39 41.73 5.54
CA HIS D 350 3.67 41.12 6.66
C HIS D 350 2.83 39.94 6.20
N PHE D 351 2.12 40.09 5.08
CA PHE D 351 1.29 39.00 4.58
C PHE D 351 2.14 37.79 4.19
N LEU D 352 3.27 38.02 3.53
CA LEU D 352 4.14 36.92 3.12
C LEU D 352 4.71 36.20 4.34
N VAL D 353 5.15 36.97 5.35
CA VAL D 353 5.68 36.36 6.56
C VAL D 353 4.59 35.55 7.27
N LEU D 354 3.38 36.09 7.33
CA LEU D 354 2.28 35.38 7.97
C LEU D 354 1.95 34.09 7.22
N GLN D 355 1.98 34.12 5.90
CA GLN D 355 1.70 32.91 5.13
C GLN D 355 2.78 31.86 5.34
N PHE D 356 4.05 32.28 5.37
CA PHE D 356 5.12 31.33 5.67
C PHE D 356 4.95 30.73 7.06
N LEU D 357 4.63 31.57 8.04
CA LEU D 357 4.44 31.08 9.41
C LEU D 357 3.25 30.15 9.50
N TRP D 358 2.20 30.41 8.71
CA TRP D 358 1.03 29.54 8.74
C TRP D 358 1.33 28.19 8.08
N CYS D 359 2.12 28.19 7.01
CA CYS D 359 2.56 26.91 6.43
C CYS D 359 3.39 26.13 7.43
N THR D 360 4.32 26.80 8.10
CA THR D 360 5.12 26.13 9.13
C THR D 360 4.25 25.60 10.25
N THR D 361 3.22 26.37 10.64
CA THR D 361 2.33 25.95 11.73
C THR D 361 1.49 24.75 11.32
N HIS D 362 1.01 24.71 10.07
CA HIS D 362 0.26 23.55 9.60
C HIS D 362 1.15 22.30 9.58
N LEU D 363 2.40 22.45 9.12
CA LEU D 363 3.32 21.32 9.17
C LEU D 363 3.59 20.89 10.60
N ILE D 364 3.73 21.85 11.52
CA ILE D 364 3.98 21.53 12.92
C ILE D 364 2.77 20.83 13.52
N ARG D 365 1.56 21.25 13.16
CA ARG D 365 0.37 20.59 13.66
C ARG D 365 0.27 19.15 13.16
N MET D 366 0.57 18.93 11.88
CA MET D 366 0.59 17.57 11.36
C MET D 366 1.65 16.73 12.08
N LEU D 367 2.82 17.32 12.35
CA LEU D 367 3.87 16.59 13.07
C LEU D 367 3.44 16.27 14.49
N VAL D 368 2.78 17.21 15.16
CA VAL D 368 2.31 17.02 16.54
C VAL D 368 1.31 15.88 16.56
N VAL D 369 0.47 15.80 15.54
CA VAL D 369 -0.50 14.71 15.46
C VAL D 369 0.20 13.37 15.23
N VAL D 370 1.15 13.34 14.29
CA VAL D 370 1.65 12.06 13.79
C VAL D 370 2.74 11.49 14.70
N GLU D 371 3.66 12.33 15.17
CA GLU D 371 4.92 11.93 15.78
C GLU D 371 4.78 11.04 17.00
N PRO D 372 3.90 11.33 17.98
CA PRO D 372 3.74 10.42 19.12
C PRO D 372 3.30 9.02 18.71
N CYS D 373 2.45 8.95 17.68
CA CYS D 373 2.04 7.64 17.16
C CYS D 373 3.21 6.89 16.55
N HIS D 374 4.07 7.60 15.83
CA HIS D 374 5.28 6.97 15.28
C HIS D 374 6.19 6.49 16.40
N TYR D 375 6.30 7.26 17.48
CA TYR D 375 7.12 6.84 18.61
C TYR D 375 6.54 5.60 19.29
N THR D 376 5.21 5.53 19.39
CA THR D 376 4.57 4.33 19.95
C THR D 376 4.85 3.11 19.07
N ILE D 377 4.75 3.27 17.75
CA ILE D 377 5.04 2.17 16.84
C ILE D 377 6.50 1.74 16.96
N ARG D 378 7.40 2.72 17.12
CA ARG D 378 8.82 2.40 17.30
C ARG D 378 9.05 1.64 18.60
N GLU D 379 8.32 2.00 19.66
CA GLU D 379 8.41 1.26 20.92
C GLU D 379 7.91 -0.17 20.76
N GLY D 380 6.86 -0.36 19.96
CA GLY D 380 6.42 -1.72 19.68
C GLY D 380 7.47 -2.53 18.93
N LYS D 381 8.11 -1.91 17.94
CA LYS D 381 9.20 -2.59 17.25
C LYS D 381 10.33 -2.93 18.21
N ARG D 382 10.63 -2.01 19.14
CA ARG D 382 11.69 -2.25 20.11
C ARG D 382 11.34 -3.42 21.03
N THR D 383 10.08 -3.52 21.45
CA THR D 383 9.71 -4.66 22.30
C THR D 383 9.74 -5.96 21.51
N GLU D 384 9.46 -5.92 20.20
CA GLU D 384 9.65 -7.10 19.38
C GLU D 384 11.11 -7.54 19.37
N ASP D 385 12.03 -6.58 19.20
CA ASP D 385 13.46 -6.90 19.19
C ASP D 385 13.91 -7.45 20.55
N ILE D 386 13.44 -6.84 21.64
CA ILE D 386 13.79 -7.30 22.98
C ILE D 386 13.29 -8.72 23.19
N LEU D 387 12.06 -9.01 22.73
CA LEU D 387 11.52 -10.36 22.88
C LEU D 387 12.33 -11.38 22.08
N CYS D 388 12.77 -11.00 20.88
CA CYS D 388 13.62 -11.91 20.11
C CYS D 388 14.91 -12.21 20.85
N ARG D 389 15.55 -11.17 21.38
CA ARG D 389 16.78 -11.37 22.13
C ARG D 389 16.55 -12.23 23.37
N LEU D 390 15.41 -12.05 24.03
CA LEU D 390 15.03 -12.91 25.14
C LEU D 390 14.90 -14.36 24.70
N MET D 391 14.21 -14.59 23.58
CA MET D 391 13.93 -15.95 23.15
C MET D 391 15.19 -16.69 22.74
N THR D 392 16.18 -15.98 22.20
CA THR D 392 17.46 -16.63 21.91
C THR D 392 18.13 -17.11 23.20
N LEU D 393 18.07 -16.31 24.25
CA LEU D 393 18.60 -16.69 25.55
C LEU D 393 17.61 -17.57 26.28
N ALA D 394 17.81 -17.75 27.59
CA ALA D 394 16.92 -18.48 28.50
C ALA D 394 17.01 -19.99 28.25
N PRO D 395 16.87 -20.80 29.29
CA PRO D 395 16.92 -22.26 29.09
C PRO D 395 15.88 -22.71 28.09
N HIS D 396 16.26 -23.67 27.25
CA HIS D 396 15.47 -23.98 26.06
C HIS D 396 14.16 -24.66 26.43
N GLY D 397 14.20 -25.66 27.30
CA GLY D 397 13.00 -26.36 27.70
C GLY D 397 12.33 -25.85 28.96
N GLY D 398 12.77 -24.71 29.49
CA GLY D 398 12.24 -24.22 30.75
C GLY D 398 10.88 -23.58 30.60
N VAL D 399 10.31 -23.21 31.76
CA VAL D 399 9.02 -22.55 31.78
C VAL D 399 9.11 -21.10 31.30
N LEU D 400 10.28 -20.47 31.42
CA LEU D 400 10.45 -19.12 30.89
C LEU D 400 10.30 -19.10 29.38
N SER D 401 10.77 -20.15 28.71
CA SER D 401 10.67 -20.21 27.25
C SER D 401 9.23 -20.20 26.80
N SER D 402 8.35 -20.93 27.51
CA SER D 402 6.95 -20.96 27.13
C SER D 402 6.26 -19.62 27.43
N ARG D 403 6.67 -18.94 28.49
CA ARG D 403 6.17 -17.59 28.74
C ARG D 403 6.57 -16.65 27.62
N LEU D 404 7.81 -16.77 27.13
CA LEU D 404 8.23 -15.97 26.00
C LEU D 404 7.48 -16.36 24.73
N GLU D 405 7.12 -17.64 24.59
CA GLU D 405 6.28 -18.05 23.46
C GLU D 405 4.92 -17.37 23.51
N VAL D 406 4.31 -17.33 24.69
CA VAL D 406 3.02 -16.66 24.84
C VAL D 406 3.15 -15.18 24.53
N LEU D 407 4.22 -14.55 25.02
CA LEU D 407 4.44 -13.13 24.74
C LEU D 407 4.64 -12.90 23.24
N SER D 408 5.34 -13.80 22.56
CA SER D 408 5.52 -13.68 21.11
C SER D 408 4.19 -13.80 20.37
N ARG D 409 3.33 -14.72 20.83
CA ARG D 409 2.01 -14.84 20.23
C ARG D 409 1.20 -13.57 20.44
N LEU D 410 1.31 -12.97 21.63
CA LEU D 410 0.66 -11.68 21.88
C LEU D 410 1.18 -10.61 20.93
N LEU D 411 2.49 -10.55 20.76
CA LEU D 411 3.08 -9.53 19.89
C LEU D 411 2.67 -9.72 18.44
N MET D 412 2.53 -10.97 18.00
CA MET D 412 2.14 -11.23 16.62
C MET D 412 0.65 -10.97 16.41
N LEU D 413 -0.18 -11.28 17.40
CA LEU D 413 -1.62 -11.15 17.23
C LEU D 413 -2.05 -9.69 17.21
N GLN D 414 -1.57 -8.89 18.15
CA GLN D 414 -1.97 -7.49 18.24
C GLN D 414 -0.74 -6.61 18.41
N ASN D 415 -0.81 -5.42 17.84
CA ASN D 415 0.26 -4.43 17.92
C ASN D 415 -0.31 -3.11 18.40
N ILE D 416 0.56 -2.31 19.00
CA ILE D 416 0.16 -1.00 19.54
C ILE D 416 0.33 0.03 18.43
N SER D 417 -0.80 0.54 17.93
CA SER D 417 -0.79 1.51 16.86
C SER D 417 -2.03 2.39 16.97
N TYR D 418 -1.99 3.52 16.27
CA TYR D 418 -3.09 4.47 16.24
C TYR D 418 -3.68 4.49 14.83
N SER D 419 -4.95 4.13 14.72
CA SER D 419 -5.67 4.14 13.44
C SER D 419 -6.97 4.90 13.63
N PRO D 420 -6.97 6.20 13.38
CA PRO D 420 -8.19 7.00 13.58
C PRO D 420 -9.32 6.57 12.67
N LEU D 421 -10.38 6.02 13.26
CA LEU D 421 -11.58 5.53 12.58
C LEU D 421 -11.27 4.36 11.63
N GLY D 422 -10.05 3.87 11.61
CA GLY D 422 -9.68 2.80 10.71
C GLY D 422 -9.38 3.21 9.29
N MET D 423 -9.48 4.51 8.97
CA MET D 423 -9.24 4.96 7.61
C MET D 423 -7.76 5.02 7.27
N CYS D 424 -6.91 5.31 8.25
CA CYS D 424 -5.48 5.44 8.02
C CYS D 424 -4.75 5.11 9.32
N THR D 425 -3.44 4.87 9.18
CA THR D 425 -2.58 4.61 10.33
C THR D 425 -1.70 5.83 10.55
N LEU D 426 -1.79 6.41 11.73
CA LEU D 426 -0.98 7.58 12.07
C LEU D 426 0.48 7.17 12.23
N ASP D 427 1.30 7.53 11.26
CA ASP D 427 2.72 7.19 11.26
C ASP D 427 3.41 8.09 10.24
N ARG D 428 4.74 8.06 10.26
CA ARG D 428 5.50 8.86 9.31
C ARG D 428 5.20 8.52 7.86
N PRO D 429 4.97 7.27 7.45
CA PRO D 429 4.53 7.03 6.07
C PRO D 429 3.26 7.76 5.70
N LEU D 430 2.36 8.01 6.66
CA LEU D 430 1.13 8.75 6.36
C LEU D 430 1.44 10.17 5.93
N MET D 431 2.37 10.84 6.61
CA MET D 431 2.71 12.20 6.25
C MET D 431 3.48 12.27 4.94
N VAL D 432 4.11 11.18 4.53
CA VAL D 432 4.71 11.14 3.19
C VAL D 432 3.61 11.10 2.12
N THR D 433 2.56 10.32 2.38
CA THR D 433 1.41 10.30 1.46
C THR D 433 0.70 11.65 1.44
N VAL D 434 0.60 12.29 2.60
CA VAL D 434 -0.04 13.61 2.68
C VAL D 434 0.76 14.64 1.88
N LEU D 435 2.07 14.70 2.12
CA LEU D 435 2.89 15.65 1.38
C LEU D 435 3.03 15.26 -0.09
N GLY D 436 2.94 13.96 -0.39
CA GLY D 436 2.93 13.53 -1.78
C GLY D 436 1.69 13.99 -2.51
N ALA D 437 0.53 13.95 -1.84
CA ALA D 437 -0.70 14.42 -2.46
C ALA D 437 -0.73 15.95 -2.52
N VAL D 438 -0.20 16.61 -1.48
CA VAL D 438 -0.22 18.07 -1.45
C VAL D 438 0.59 18.64 -2.62
N THR D 439 1.77 18.08 -2.86
CA THR D 439 2.59 18.57 -3.97
C THR D 439 1.95 18.27 -5.31
N THR D 440 1.25 17.14 -5.44
CA THR D 440 0.59 16.81 -6.70
C THR D 440 -0.48 17.85 -7.04
N TYR D 441 -1.29 18.24 -6.06
CA TYR D 441 -2.29 19.28 -6.30
C TYR D 441 -1.62 20.63 -6.54
N LEU D 442 -0.57 20.93 -5.78
CA LEU D 442 0.10 22.22 -5.94
C LEU D 442 0.75 22.34 -7.31
N VAL D 443 1.38 21.25 -7.79
CA VAL D 443 1.98 21.28 -9.12
C VAL D 443 0.92 21.51 -10.18
N ILE D 444 -0.23 20.86 -10.03
CA ILE D 444 -1.32 21.05 -10.97
C ILE D 444 -1.86 22.47 -10.89
N LEU D 445 -2.10 22.96 -9.68
CA LEU D 445 -2.75 24.25 -9.52
C LEU D 445 -1.83 25.40 -9.91
N ILE D 446 -0.56 25.36 -9.48
CA ILE D 446 0.34 26.49 -9.69
C ILE D 446 0.64 26.67 -11.17
N GLN D 447 0.84 25.57 -11.89
CA GLN D 447 1.27 25.65 -13.29
C GLN D 447 0.24 26.30 -14.20
N PHE D 448 -1.03 26.36 -13.77
CA PHE D 448 -2.05 27.00 -14.59
C PHE D 448 -1.91 28.52 -14.57
N GLN D 449 -1.43 29.07 -13.45
CA GLN D 449 -1.21 30.50 -13.35
C GLN D 449 0.27 30.84 -13.40
#